data_2GQH
#
_entry.id   2GQH
#
_entity_poly.entity_id   1
_entity_poly.type   'polypeptide(L)'
_entity_poly.pdbx_seq_one_letter_code
;GSSGSSGARFTEGLRNEEAMEGATATLQCELSKAAPVEWRKGLEALRDGDKYSLRQDGAVCELQIHGLAMADNGVYSCVC
GQERTSATLTVRALPARFIEDSGPSSG
;
_entity_poly.pdbx_strand_id   A
#
# COMPACT_ATOMS: atom_id res chain seq x y z
N GLY A 1 24.91 20.54 -18.11
CA GLY A 1 23.63 20.78 -17.43
C GLY A 1 22.53 21.13 -18.40
N SER A 2 21.37 20.50 -18.23
CA SER A 2 20.23 20.74 -19.09
C SER A 2 18.94 20.90 -18.28
N SER A 3 18.08 21.80 -18.73
CA SER A 3 16.81 22.06 -18.04
C SER A 3 15.96 20.79 -18.01
N GLY A 4 15.99 20.09 -16.87
CA GLY A 4 15.22 18.88 -16.73
C GLY A 4 14.51 18.79 -15.39
N SER A 5 13.83 19.87 -15.01
CA SER A 5 13.12 19.91 -13.74
C SER A 5 11.94 18.96 -13.74
N SER A 6 11.64 18.39 -12.58
CA SER A 6 10.53 17.45 -12.46
C SER A 6 9.57 17.89 -11.35
N GLY A 7 8.27 17.75 -11.62
CA GLY A 7 7.26 18.14 -10.64
C GLY A 7 5.87 17.76 -11.07
N ALA A 8 5.25 16.85 -10.32
CA ALA A 8 3.89 16.40 -10.63
C ALA A 8 2.97 16.58 -9.42
N ARG A 9 1.67 16.68 -9.69
CA ARG A 9 0.69 16.85 -8.64
C ARG A 9 -0.32 15.70 -8.63
N PHE A 10 -0.70 15.25 -7.44
CA PHE A 10 -1.65 14.17 -7.30
C PHE A 10 -3.05 14.60 -7.73
N THR A 11 -3.36 14.42 -9.01
CA THR A 11 -4.65 14.79 -9.55
C THR A 11 -5.72 13.79 -9.15
N GLU A 12 -5.29 12.61 -8.70
CA GLU A 12 -6.22 11.57 -8.28
C GLU A 12 -6.22 11.40 -6.76
N GLY A 13 -5.02 11.42 -6.18
CA GLY A 13 -4.89 11.27 -4.74
C GLY A 13 -5.24 9.87 -4.27
N LEU A 14 -4.62 9.45 -3.17
CA LEU A 14 -4.86 8.12 -2.62
C LEU A 14 -6.23 8.06 -1.95
N ARG A 15 -6.87 6.89 -2.02
CA ARG A 15 -8.17 6.70 -1.42
C ARG A 15 -8.13 5.63 -0.34
N ASN A 16 -9.16 5.58 0.50
CA ASN A 16 -9.23 4.61 1.58
C ASN A 16 -9.12 3.19 1.04
N GLU A 17 -8.34 2.35 1.71
CA GLU A 17 -8.16 0.97 1.30
C GLU A 17 -8.56 0.01 2.42
N GLU A 18 -8.92 -1.21 2.03
CA GLU A 18 -9.33 -2.23 2.99
C GLU A 18 -8.83 -3.61 2.58
N ALA A 19 -8.30 -4.36 3.54
CA ALA A 19 -7.79 -5.70 3.27
C ALA A 19 -7.76 -6.54 4.54
N MET A 20 -7.67 -7.85 4.37
CA MET A 20 -7.64 -8.77 5.50
C MET A 20 -6.21 -8.94 6.03
N GLU A 21 -6.10 -9.49 7.23
CA GLU A 21 -4.79 -9.70 7.85
C GLU A 21 -4.01 -10.79 7.11
N GLY A 22 -2.72 -10.56 6.93
CA GLY A 22 -1.88 -11.53 6.25
C GLY A 22 -1.97 -11.40 4.74
N ALA A 23 -3.04 -10.77 4.25
CA ALA A 23 -3.23 -10.59 2.81
C ALA A 23 -2.19 -9.63 2.25
N THR A 24 -2.30 -9.36 0.95
CA THR A 24 -1.37 -8.46 0.27
C THR A 24 -2.05 -7.15 -0.12
N ALA A 25 -1.91 -6.15 0.73
CA ALA A 25 -2.51 -4.84 0.48
C ALA A 25 -2.11 -4.32 -0.90
N THR A 26 -2.99 -3.53 -1.51
CA THR A 26 -2.73 -2.96 -2.82
C THR A 26 -3.34 -1.57 -2.96
N LEU A 27 -2.49 -0.56 -3.03
CA LEU A 27 -2.94 0.81 -3.15
C LEU A 27 -2.88 1.28 -4.61
N GLN A 28 -3.67 2.30 -4.93
CA GLN A 28 -3.70 2.84 -6.29
C GLN A 28 -3.76 4.36 -6.27
N CYS A 29 -3.01 4.99 -7.16
CA CYS A 29 -2.98 6.45 -7.25
C CYS A 29 -2.43 6.91 -8.60
N GLU A 30 -2.94 8.03 -9.09
CA GLU A 30 -2.50 8.57 -10.37
C GLU A 30 -1.89 9.95 -10.19
N LEU A 31 -1.05 10.34 -11.14
CA LEU A 31 -0.38 11.65 -11.09
C LEU A 31 -0.77 12.50 -12.30
N SER A 32 -0.64 13.82 -12.15
CA SER A 32 -0.97 14.74 -13.23
C SER A 32 -0.22 14.39 -14.50
N LYS A 33 0.93 13.72 -14.34
CA LYS A 33 1.75 13.32 -15.47
C LYS A 33 2.84 12.35 -15.03
N ALA A 34 3.19 11.42 -15.92
CA ALA A 34 4.23 10.44 -15.62
C ALA A 34 5.36 11.05 -14.80
N ALA A 35 5.69 10.42 -13.69
CA ALA A 35 6.75 10.90 -12.82
C ALA A 35 7.04 9.91 -11.69
N PRO A 36 8.31 9.84 -11.27
CA PRO A 36 8.75 8.93 -10.20
C PRO A 36 8.21 9.35 -8.84
N VAL A 37 7.86 8.37 -8.02
CA VAL A 37 7.33 8.64 -6.68
C VAL A 37 8.08 7.84 -5.63
N GLU A 38 7.68 7.99 -4.37
CA GLU A 38 8.32 7.28 -3.27
C GLU A 38 7.33 7.05 -2.13
N TRP A 39 7.22 5.80 -1.69
CA TRP A 39 6.32 5.45 -0.60
C TRP A 39 7.06 5.31 0.72
N ARG A 40 6.49 5.86 1.79
CA ARG A 40 7.10 5.81 3.10
C ARG A 40 6.06 5.50 4.18
N LYS A 41 6.22 4.34 4.83
CA LYS A 41 5.29 3.94 5.88
C LYS A 41 5.79 4.39 7.25
N GLY A 42 4.87 4.90 8.07
CA GLY A 42 5.23 5.35 9.39
C GLY A 42 6.55 6.11 9.41
N LEU A 43 6.73 6.99 8.43
CA LEU A 43 7.95 7.78 8.33
C LEU A 43 9.16 6.89 8.09
N GLU A 44 8.97 5.85 7.28
CA GLU A 44 10.05 4.93 6.96
C GLU A 44 10.30 4.86 5.46
N ALA A 45 11.56 4.63 5.08
CA ALA A 45 11.92 4.54 3.68
C ALA A 45 11.72 3.13 3.14
N LEU A 46 10.61 2.91 2.45
CA LEU A 46 10.30 1.61 1.89
C LEU A 46 11.10 1.36 0.61
N ARG A 47 11.46 0.10 0.39
CA ARG A 47 12.24 -0.27 -0.79
C ARG A 47 11.58 -1.44 -1.52
N ASP A 48 12.02 -1.68 -2.75
CA ASP A 48 11.48 -2.76 -3.57
C ASP A 48 12.30 -4.04 -3.39
N GLY A 49 11.64 -5.10 -2.91
CA GLY A 49 12.32 -6.36 -2.72
C GLY A 49 11.36 -7.54 -2.69
N ASP A 50 11.04 -8.01 -1.48
CA ASP A 50 10.14 -9.14 -1.33
C ASP A 50 8.89 -8.73 -0.54
N LYS A 51 9.11 -8.02 0.56
CA LYS A 51 8.01 -7.57 1.41
C LYS A 51 7.12 -6.58 0.66
N TYR A 52 7.75 -5.70 -0.13
CA TYR A 52 7.01 -4.70 -0.88
C TYR A 52 7.27 -4.86 -2.39
N SER A 53 6.23 -4.68 -3.18
CA SER A 53 6.33 -4.81 -4.63
C SER A 53 6.03 -3.48 -5.31
N LEU A 54 7.07 -2.78 -5.75
CA LEU A 54 6.92 -1.50 -6.42
C LEU A 54 6.79 -1.70 -7.93
N ARG A 55 5.66 -1.27 -8.48
CA ARG A 55 5.41 -1.40 -9.91
C ARG A 55 4.37 -0.39 -10.37
N GLN A 56 4.60 0.22 -11.54
CA GLN A 56 3.67 1.20 -12.09
C GLN A 56 3.75 1.23 -13.60
N ASP A 57 2.64 1.61 -14.24
CA ASP A 57 2.59 1.68 -15.69
C ASP A 57 2.43 3.11 -16.17
N GLY A 58 3.54 3.75 -16.49
CA GLY A 58 3.51 5.13 -16.95
C GLY A 58 3.35 6.12 -15.80
N ALA A 59 2.11 6.44 -15.48
CA ALA A 59 1.82 7.38 -14.41
C ALA A 59 1.09 6.69 -13.25
N VAL A 60 0.15 5.82 -13.60
CA VAL A 60 -0.63 5.08 -12.60
C VAL A 60 0.29 4.29 -11.68
N CYS A 61 0.37 4.72 -10.42
CA CYS A 61 1.22 4.05 -9.43
C CYS A 61 0.43 2.98 -8.69
N GLU A 62 1.14 2.01 -8.13
CA GLU A 62 0.51 0.92 -7.39
C GLU A 62 1.49 0.26 -6.44
N LEU A 63 1.20 0.31 -5.15
CA LEU A 63 2.07 -0.28 -4.13
C LEU A 63 1.41 -1.51 -3.51
N GLN A 64 2.21 -2.52 -3.21
CA GLN A 64 1.71 -3.75 -2.62
C GLN A 64 2.51 -4.12 -1.36
N ILE A 65 1.81 -4.53 -0.31
CA ILE A 65 2.45 -4.91 0.93
C ILE A 65 2.18 -6.37 1.27
N HIS A 66 3.16 -7.23 1.01
CA HIS A 66 3.02 -8.66 1.28
C HIS A 66 3.20 -8.94 2.77
N GLY A 67 2.18 -9.52 3.39
CA GLY A 67 2.24 -9.83 4.80
C GLY A 67 1.58 -8.76 5.65
N LEU A 68 0.25 -8.74 5.64
CA LEU A 68 -0.51 -7.76 6.41
C LEU A 68 -0.65 -8.22 7.87
N ALA A 69 -0.79 -7.26 8.77
CA ALA A 69 -0.94 -7.57 10.19
C ALA A 69 -1.48 -6.36 10.96
N MET A 70 -1.67 -6.53 12.26
CA MET A 70 -2.19 -5.46 13.11
C MET A 70 -1.23 -4.28 13.11
N ALA A 71 0.07 -4.56 13.14
CA ALA A 71 1.08 -3.51 13.15
C ALA A 71 1.00 -2.67 11.88
N ASP A 72 0.83 -3.33 10.74
CA ASP A 72 0.75 -2.64 9.46
C ASP A 72 -0.22 -1.46 9.54
N ASN A 73 -1.39 -1.70 10.12
CA ASN A 73 -2.41 -0.66 10.26
C ASN A 73 -1.76 0.69 10.56
N GLY A 74 -2.37 1.76 10.06
CA GLY A 74 -1.84 3.10 10.29
C GLY A 74 -2.16 4.05 9.16
N VAL A 75 -1.14 4.73 8.66
CA VAL A 75 -1.32 5.68 7.57
C VAL A 75 -0.10 5.72 6.67
N TYR A 76 -0.29 5.37 5.40
CA TYR A 76 0.81 5.37 4.43
C TYR A 76 0.86 6.69 3.67
N SER A 77 2.08 7.17 3.43
CA SER A 77 2.28 8.43 2.73
C SER A 77 3.06 8.20 1.43
N CYS A 78 2.68 8.93 0.39
CA CYS A 78 3.34 8.81 -0.91
C CYS A 78 3.81 10.17 -1.40
N VAL A 79 5.13 10.36 -1.44
CA VAL A 79 5.71 11.62 -1.90
C VAL A 79 6.18 11.52 -3.34
N CYS A 80 5.42 12.12 -4.25
CA CYS A 80 5.77 12.09 -5.67
C CYS A 80 6.89 13.08 -5.98
N GLY A 81 6.83 14.25 -5.35
CA GLY A 81 7.85 15.25 -5.57
C GLY A 81 7.42 16.62 -5.07
N GLN A 82 6.34 17.15 -5.64
CA GLN A 82 5.83 18.45 -5.25
C GLN A 82 4.96 18.35 -4.01
N GLU A 83 4.04 17.38 -4.01
CA GLU A 83 3.15 17.18 -2.88
C GLU A 83 3.17 15.73 -2.41
N ARG A 84 2.45 15.44 -1.34
CA ARG A 84 2.40 14.09 -0.78
C ARG A 84 0.99 13.76 -0.30
N THR A 85 0.52 12.57 -0.65
CA THR A 85 -0.82 12.12 -0.25
C THR A 85 -0.74 10.96 0.73
N SER A 86 -1.69 10.91 1.66
CA SER A 86 -1.73 9.84 2.66
C SER A 86 -3.06 9.09 2.59
N ALA A 87 -3.04 7.84 3.06
CA ALA A 87 -4.24 7.02 3.05
C ALA A 87 -4.34 6.18 4.33
N THR A 88 -5.45 5.48 4.48
CA THR A 88 -5.66 4.64 5.66
C THR A 88 -5.88 3.18 5.26
N LEU A 89 -5.16 2.28 5.92
CA LEU A 89 -5.26 0.85 5.65
C LEU A 89 -5.94 0.12 6.79
N THR A 90 -7.09 -0.48 6.50
CA THR A 90 -7.85 -1.22 7.51
C THR A 90 -7.59 -2.72 7.40
N VAL A 91 -6.82 -3.25 8.34
CA VAL A 91 -6.49 -4.67 8.35
C VAL A 91 -7.41 -5.43 9.32
N ARG A 92 -8.20 -6.35 8.76
CA ARG A 92 -9.11 -7.14 9.57
C ARG A 92 -8.45 -8.45 10.04
N ALA A 93 -8.60 -8.75 11.32
CA ALA A 93 -8.02 -9.96 11.89
C ALA A 93 -8.77 -11.21 11.44
N LEU A 94 -8.04 -12.27 11.13
CA LEU A 94 -8.63 -13.52 10.68
C LEU A 94 -9.26 -14.27 11.85
N PRO A 95 -10.38 -14.95 11.60
CA PRO A 95 -11.09 -15.73 12.61
C PRO A 95 -10.33 -16.98 13.03
N ALA A 96 -10.83 -17.66 14.05
CA ALA A 96 -10.19 -18.87 14.55
C ALA A 96 -11.02 -20.10 14.23
N ARG A 97 -10.39 -21.26 14.26
CA ARG A 97 -11.08 -22.52 13.98
C ARG A 97 -11.62 -23.15 15.25
N PHE A 98 -12.91 -23.48 15.24
CA PHE A 98 -13.55 -24.09 16.41
C PHE A 98 -14.38 -25.30 16.00
N ILE A 99 -14.78 -26.11 16.97
CA ILE A 99 -15.58 -27.29 16.71
C ILE A 99 -16.69 -27.00 15.71
N GLU A 100 -16.78 -27.84 14.68
CA GLU A 100 -17.79 -27.66 13.64
C GLU A 100 -17.91 -28.92 12.79
N ASP A 101 -19.05 -29.06 12.11
CA ASP A 101 -19.29 -30.21 11.26
C ASP A 101 -19.70 -29.78 9.85
N SER A 102 -18.75 -29.87 8.92
CA SER A 102 -19.01 -29.47 7.53
C SER A 102 -18.02 -30.16 6.59
N GLY A 103 -18.53 -30.57 5.42
CA GLY A 103 -17.68 -31.24 4.45
C GLY A 103 -17.88 -30.69 3.05
N PRO A 104 -18.75 -31.35 2.27
CA PRO A 104 -19.03 -30.93 0.89
C PRO A 104 -19.81 -29.62 0.83
N SER A 105 -19.31 -28.69 0.02
CA SER A 105 -19.96 -27.39 -0.13
C SER A 105 -21.02 -27.43 -1.23
N SER A 106 -21.23 -28.61 -1.80
CA SER A 106 -22.20 -28.79 -2.87
C SER A 106 -23.55 -29.23 -2.31
N GLY A 107 -24.56 -28.39 -2.48
CA GLY A 107 -25.89 -28.72 -1.98
C GLY A 107 -26.97 -27.92 -2.67
N GLY A 1 16.80 20.83 -19.67
CA GLY A 1 15.87 21.94 -19.69
C GLY A 1 16.40 23.16 -18.97
N SER A 2 15.71 24.29 -19.12
CA SER A 2 16.13 25.52 -18.47
C SER A 2 15.37 25.75 -17.17
N SER A 3 16.10 25.74 -16.06
CA SER A 3 15.50 25.93 -14.75
C SER A 3 14.20 25.14 -14.63
N GLY A 4 14.20 23.92 -15.14
CA GLY A 4 13.00 23.10 -15.08
C GLY A 4 13.21 21.82 -14.30
N SER A 5 12.22 21.45 -13.49
CA SER A 5 12.31 20.25 -12.67
C SER A 5 11.00 19.48 -12.70
N SER A 6 11.06 18.23 -13.18
CA SER A 6 9.87 17.39 -13.26
C SER A 6 9.06 17.47 -11.98
N GLY A 7 7.88 18.08 -12.07
CA GLY A 7 7.01 18.21 -10.92
C GLY A 7 5.58 17.82 -11.21
N ALA A 8 5.08 16.79 -10.53
CA ALA A 8 3.72 16.32 -10.73
C ALA A 8 2.89 16.50 -9.46
N ARG A 9 1.60 16.72 -9.64
CA ARG A 9 0.69 16.92 -8.52
C ARG A 9 -0.34 15.80 -8.44
N PHE A 10 -0.52 15.23 -7.25
CA PHE A 10 -1.47 14.15 -7.05
C PHE A 10 -2.89 14.59 -7.44
N THR A 11 -3.35 14.11 -8.59
CA THR A 11 -4.67 14.45 -9.09
C THR A 11 -5.71 13.43 -8.63
N GLU A 12 -5.30 12.15 -8.60
CA GLU A 12 -6.20 11.09 -8.18
C GLU A 12 -6.01 10.77 -6.69
N GLY A 13 -4.84 11.10 -6.17
CA GLY A 13 -4.55 10.84 -4.77
C GLY A 13 -4.81 9.41 -4.38
N LEU A 14 -4.43 9.05 -3.17
CA LEU A 14 -4.62 7.68 -2.67
C LEU A 14 -5.98 7.54 -1.99
N ARG A 15 -6.69 6.47 -2.32
CA ARG A 15 -8.01 6.22 -1.73
C ARG A 15 -7.91 5.22 -0.59
N ASN A 16 -8.90 5.23 0.29
CA ASN A 16 -8.93 4.34 1.43
C ASN A 16 -9.05 2.88 0.99
N GLU A 17 -8.30 2.01 1.64
CA GLU A 17 -8.33 0.59 1.31
C GLU A 17 -8.46 -0.26 2.57
N GLU A 18 -9.13 -1.41 2.44
CA GLU A 18 -9.34 -2.31 3.56
C GLU A 18 -9.10 -3.76 3.15
N ALA A 19 -8.29 -4.47 3.92
CA ALA A 19 -7.99 -5.87 3.64
C ALA A 19 -7.79 -6.66 4.92
N MET A 20 -8.12 -7.95 4.88
CA MET A 20 -7.97 -8.81 6.05
C MET A 20 -6.49 -9.02 6.37
N GLU A 21 -6.22 -9.45 7.59
CA GLU A 21 -4.85 -9.70 8.03
C GLU A 21 -4.25 -10.91 7.32
N GLY A 22 -3.03 -10.75 6.80
CA GLY A 22 -2.37 -11.83 6.10
C GLY A 22 -2.63 -11.79 4.61
N ALA A 23 -3.43 -10.82 4.17
CA ALA A 23 -3.74 -10.67 2.76
C ALA A 23 -2.74 -9.77 2.05
N THR A 24 -2.88 -9.65 0.74
CA THR A 24 -1.98 -8.80 -0.05
C THR A 24 -2.66 -7.50 -0.45
N ALA A 25 -2.46 -6.46 0.36
CA ALA A 25 -3.04 -5.16 0.09
C ALA A 25 -2.55 -4.60 -1.25
N THR A 26 -3.33 -3.68 -1.82
CA THR A 26 -2.97 -3.07 -3.09
C THR A 26 -3.51 -1.64 -3.19
N LEU A 27 -2.61 -0.68 -3.21
CA LEU A 27 -2.99 0.73 -3.30
C LEU A 27 -2.82 1.24 -4.73
N GLN A 28 -3.48 2.36 -5.02
CA GLN A 28 -3.40 2.96 -6.35
C GLN A 28 -3.33 4.48 -6.25
N CYS A 29 -2.68 5.10 -7.24
CA CYS A 29 -2.54 6.55 -7.27
C CYS A 29 -2.01 7.01 -8.63
N GLU A 30 -2.73 7.94 -9.24
CA GLU A 30 -2.35 8.47 -10.55
C GLU A 30 -1.90 9.92 -10.43
N LEU A 31 -0.74 10.22 -11.02
CA LEU A 31 -0.20 11.58 -10.98
C LEU A 31 -0.52 12.33 -12.27
N SER A 32 -0.50 13.66 -12.20
CA SER A 32 -0.78 14.48 -13.36
C SER A 32 0.14 14.14 -14.52
N LYS A 33 1.26 13.49 -14.20
CA LYS A 33 2.23 13.10 -15.22
C LYS A 33 3.26 12.13 -14.64
N ALA A 34 3.94 11.40 -15.53
CA ALA A 34 4.94 10.44 -15.10
C ALA A 34 6.07 11.12 -14.32
N ALA A 35 6.31 10.65 -13.11
CA ALA A 35 7.36 11.23 -12.27
C ALA A 35 7.76 10.26 -11.16
N PRO A 36 8.97 10.45 -10.61
CA PRO A 36 9.50 9.60 -9.54
C PRO A 36 8.76 9.81 -8.21
N VAL A 37 8.38 8.71 -7.57
CA VAL A 37 7.67 8.79 -6.30
C VAL A 37 8.30 7.87 -5.26
N GLU A 38 8.01 8.13 -3.99
CA GLU A 38 8.56 7.32 -2.90
C GLU A 38 7.50 7.07 -1.83
N TRP A 39 7.36 5.80 -1.45
CA TRP A 39 6.39 5.42 -0.44
C TRP A 39 7.01 5.44 0.96
N ARG A 40 6.21 5.79 1.96
CA ARG A 40 6.68 5.85 3.33
C ARG A 40 5.57 5.48 4.30
N LYS A 41 5.77 4.39 5.04
CA LYS A 41 4.78 3.93 6.01
C LYS A 41 4.92 4.68 7.34
N GLY A 42 5.22 5.97 7.25
CA GLY A 42 5.38 6.77 8.44
C GLY A 42 6.77 7.38 8.56
N LEU A 43 7.61 6.76 9.37
CA LEU A 43 8.98 7.25 9.57
C LEU A 43 9.99 6.29 8.95
N GLU A 44 9.55 5.55 7.94
CA GLU A 44 10.43 4.59 7.26
C GLU A 44 10.51 4.91 5.77
N ALA A 45 11.63 4.54 5.16
CA ALA A 45 11.84 4.76 3.73
C ALA A 45 11.68 3.48 2.93
N LEU A 46 10.43 3.08 2.69
CA LEU A 46 10.15 1.87 1.94
C LEU A 46 10.91 1.86 0.62
N ARG A 47 11.31 0.66 0.18
CA ARG A 47 12.05 0.51 -1.06
C ARG A 47 11.58 -0.72 -1.83
N ASP A 48 11.68 -0.66 -3.15
CA ASP A 48 11.26 -1.77 -4.00
C ASP A 48 12.09 -3.01 -3.73
N GLY A 49 11.44 -4.09 -3.33
CA GLY A 49 12.15 -5.33 -3.03
C GLY A 49 11.22 -6.53 -3.00
N ASP A 50 11.39 -7.38 -1.98
CA ASP A 50 10.57 -8.56 -1.84
C ASP A 50 9.31 -8.27 -1.02
N LYS A 51 9.52 -7.86 0.22
CA LYS A 51 8.41 -7.54 1.12
C LYS A 51 7.40 -6.64 0.42
N TYR A 52 7.89 -5.60 -0.25
CA TYR A 52 7.03 -4.67 -0.96
C TYR A 52 7.21 -4.80 -2.46
N SER A 53 6.11 -5.02 -3.17
CA SER A 53 6.15 -5.16 -4.62
C SER A 53 5.65 -3.89 -5.31
N LEU A 54 6.55 -2.94 -5.51
CA LEU A 54 6.20 -1.68 -6.15
C LEU A 54 6.14 -1.84 -7.67
N ARG A 55 4.93 -1.83 -8.21
CA ARG A 55 4.74 -1.97 -9.64
C ARG A 55 4.16 -0.69 -10.25
N GLN A 56 5.05 0.23 -10.62
CA GLN A 56 4.63 1.50 -11.21
C GLN A 56 4.60 1.40 -12.73
N ASP A 57 3.44 1.73 -13.30
CA ASP A 57 3.26 1.68 -14.75
C ASP A 57 3.08 3.08 -15.33
N GLY A 58 4.19 3.76 -15.59
CA GLY A 58 4.14 5.10 -16.14
C GLY A 58 3.67 6.12 -15.12
N ALA A 59 2.43 6.57 -15.27
CA ALA A 59 1.86 7.56 -14.35
C ALA A 59 1.03 6.88 -13.28
N VAL A 60 0.58 5.66 -13.55
CA VAL A 60 -0.23 4.91 -12.60
C VAL A 60 0.64 4.09 -11.65
N CYS A 61 0.80 4.60 -10.44
CA CYS A 61 1.62 3.93 -9.43
C CYS A 61 0.78 2.90 -8.65
N GLU A 62 1.42 1.81 -8.27
CA GLU A 62 0.75 0.75 -7.52
C GLU A 62 1.68 0.10 -6.51
N LEU A 63 1.22 -0.03 -5.28
CA LEU A 63 2.02 -0.63 -4.21
C LEU A 63 1.39 -1.92 -3.72
N GLN A 64 2.21 -2.95 -3.54
CA GLN A 64 1.72 -4.24 -3.06
C GLN A 64 2.39 -4.62 -1.74
N ILE A 65 1.58 -4.96 -0.75
CA ILE A 65 2.08 -5.35 0.56
C ILE A 65 1.79 -6.81 0.85
N HIS A 66 2.80 -7.66 0.73
CA HIS A 66 2.65 -9.09 0.99
C HIS A 66 2.53 -9.36 2.48
N GLY A 67 1.49 -10.07 2.88
CA GLY A 67 1.29 -10.39 4.28
C GLY A 67 0.95 -9.17 5.10
N LEU A 68 -0.32 -9.02 5.46
CA LEU A 68 -0.77 -7.89 6.26
C LEU A 68 -0.81 -8.24 7.74
N ALA A 69 -0.85 -7.22 8.58
CA ALA A 69 -0.89 -7.43 10.03
C ALA A 69 -1.41 -6.18 10.74
N MET A 70 -1.47 -6.25 12.06
CA MET A 70 -1.94 -5.13 12.87
C MET A 70 -0.93 -3.98 12.86
N ALA A 71 0.34 -4.33 12.65
CA ALA A 71 1.41 -3.33 12.62
C ALA A 71 1.55 -2.73 11.22
N ASP A 72 0.97 -3.39 10.24
CA ASP A 72 1.03 -2.93 8.85
C ASP A 72 -0.01 -1.85 8.60
N ASN A 73 -1.13 -1.92 9.31
CA ASN A 73 -2.20 -0.96 9.16
C ASN A 73 -1.79 0.40 9.70
N GLY A 74 -2.68 1.39 9.57
CA GLY A 74 -2.39 2.72 10.05
C GLY A 74 -2.63 3.78 9.00
N VAL A 75 -1.55 4.35 8.48
CA VAL A 75 -1.64 5.39 7.45
C VAL A 75 -0.41 5.38 6.55
N TYR A 76 -0.64 5.31 5.24
CA TYR A 76 0.45 5.30 4.28
C TYR A 76 0.60 6.66 3.61
N SER A 77 1.80 6.93 3.10
CA SER A 77 2.07 8.21 2.43
C SER A 77 2.88 7.99 1.16
N CYS A 78 2.68 8.86 0.18
CA CYS A 78 3.39 8.76 -1.09
C CYS A 78 3.85 10.13 -1.56
N VAL A 79 5.16 10.36 -1.55
CA VAL A 79 5.72 11.63 -1.99
C VAL A 79 6.24 11.55 -3.42
N CYS A 80 5.73 12.43 -4.28
CA CYS A 80 6.13 12.46 -5.68
C CYS A 80 7.05 13.66 -5.95
N GLY A 81 6.86 14.72 -5.19
CA GLY A 81 7.68 15.91 -5.37
C GLY A 81 7.26 17.05 -4.46
N GLN A 82 6.47 17.98 -5.00
CA GLN A 82 6.01 19.12 -4.22
C GLN A 82 4.76 18.76 -3.43
N GLU A 83 3.95 17.86 -3.97
CA GLU A 83 2.72 17.43 -3.31
C GLU A 83 2.95 16.14 -2.53
N ARG A 84 2.02 15.83 -1.63
CA ARG A 84 2.12 14.63 -0.81
C ARG A 84 0.74 14.18 -0.35
N THR A 85 0.37 12.95 -0.71
CA THR A 85 -0.92 12.40 -0.33
C THR A 85 -0.76 11.23 0.64
N SER A 86 -1.84 10.90 1.35
CA SER A 86 -1.81 9.81 2.31
C SER A 86 -3.11 9.02 2.26
N ALA A 87 -3.15 7.91 3.00
CA ALA A 87 -4.34 7.07 3.05
C ALA A 87 -4.41 6.29 4.36
N THR A 88 -5.55 5.65 4.60
CA THR A 88 -5.75 4.87 5.82
C THR A 88 -6.08 3.42 5.50
N LEU A 89 -5.27 2.51 6.00
CA LEU A 89 -5.48 1.08 5.76
C LEU A 89 -5.96 0.39 7.04
N THR A 90 -7.11 -0.26 6.95
CA THR A 90 -7.69 -0.97 8.08
C THR A 90 -7.53 -2.48 7.94
N VAL A 91 -6.56 -3.04 8.65
CA VAL A 91 -6.30 -4.47 8.59
C VAL A 91 -7.14 -5.22 9.63
N ARG A 92 -7.98 -6.14 9.16
CA ARG A 92 -8.84 -6.92 10.04
C ARG A 92 -8.11 -8.15 10.55
N ALA A 93 -8.34 -8.49 11.82
CA ALA A 93 -7.70 -9.65 12.42
C ALA A 93 -8.48 -10.93 12.14
N LEU A 94 -7.78 -12.00 11.83
CA LEU A 94 -8.42 -13.28 11.53
C LEU A 94 -8.91 -13.95 12.80
N PRO A 95 -10.06 -14.64 12.70
CA PRO A 95 -10.66 -15.35 13.84
C PRO A 95 -9.86 -16.57 14.26
N ALA A 96 -9.66 -16.72 15.56
CA ALA A 96 -8.90 -17.85 16.10
C ALA A 96 -9.80 -19.07 16.28
N ARG A 97 -10.06 -19.78 15.19
CA ARG A 97 -10.90 -20.97 15.23
C ARG A 97 -10.43 -22.01 14.22
N PHE A 98 -10.55 -23.29 14.58
CA PHE A 98 -10.14 -24.38 13.71
C PHE A 98 -11.34 -25.20 13.26
N ILE A 99 -11.15 -25.99 12.20
CA ILE A 99 -12.22 -26.82 11.67
C ILE A 99 -11.80 -28.29 11.62
N GLU A 100 -12.76 -29.16 11.33
CA GLU A 100 -12.48 -30.59 11.25
C GLU A 100 -12.98 -31.17 9.93
N ASP A 101 -12.18 -32.04 9.33
CA ASP A 101 -12.54 -32.67 8.06
C ASP A 101 -12.32 -34.18 8.13
N SER A 102 -13.28 -34.93 7.59
CA SER A 102 -13.21 -36.39 7.59
C SER A 102 -13.67 -36.95 6.25
N GLY A 103 -13.00 -38.01 5.80
CA GLY A 103 -13.36 -38.63 4.53
C GLY A 103 -12.45 -38.19 3.39
N PRO A 104 -12.19 -39.10 2.45
CA PRO A 104 -11.34 -38.82 1.29
C PRO A 104 -11.99 -37.85 0.32
N SER A 105 -11.22 -36.87 -0.13
CA SER A 105 -11.72 -35.86 -1.07
C SER A 105 -11.33 -36.22 -2.50
N SER A 106 -12.25 -36.85 -3.22
CA SER A 106 -12.00 -37.25 -4.61
C SER A 106 -12.68 -36.30 -5.57
N GLY A 107 -13.95 -36.02 -5.32
CA GLY A 107 -14.70 -35.12 -6.18
C GLY A 107 -16.08 -34.79 -5.61
N GLY A 1 13.69 30.43 -20.02
CA GLY A 1 12.67 30.04 -19.06
C GLY A 1 12.02 28.72 -19.41
N SER A 2 11.44 28.06 -18.42
CA SER A 2 10.79 26.77 -18.63
C SER A 2 9.27 26.93 -18.62
N SER A 3 8.75 27.57 -17.58
CA SER A 3 7.32 27.78 -17.45
C SER A 3 6.58 26.46 -17.27
N GLY A 4 7.15 25.58 -16.44
CA GLY A 4 6.54 24.29 -16.19
C GLY A 4 6.76 23.81 -14.77
N SER A 5 5.72 23.24 -14.17
CA SER A 5 5.80 22.74 -12.81
C SER A 5 6.75 21.56 -12.72
N SER A 6 7.60 21.55 -11.69
CA SER A 6 8.55 20.48 -11.48
C SER A 6 7.87 19.22 -10.96
N GLY A 7 8.39 18.06 -11.35
CA GLY A 7 7.82 16.81 -10.89
C GLY A 7 6.37 16.65 -11.32
N ALA A 8 5.52 16.23 -10.40
CA ALA A 8 4.11 16.03 -10.68
C ALA A 8 3.26 16.31 -9.45
N ARG A 9 1.95 16.46 -9.65
CA ARG A 9 1.03 16.73 -8.56
C ARG A 9 -0.07 15.66 -8.49
N PHE A 10 -0.37 15.21 -7.28
CA PHE A 10 -1.40 14.19 -7.08
C PHE A 10 -2.77 14.71 -7.49
N THR A 11 -3.17 14.42 -8.73
CA THR A 11 -4.45 14.86 -9.25
C THR A 11 -5.57 13.95 -8.77
N GLU A 12 -5.22 12.75 -8.36
CA GLU A 12 -6.20 11.77 -7.89
C GLU A 12 -6.03 11.53 -6.38
N GLY A 13 -4.79 11.45 -5.94
CA GLY A 13 -4.52 11.22 -4.53
C GLY A 13 -4.92 9.83 -4.09
N LEU A 14 -4.33 9.36 -2.99
CA LEU A 14 -4.63 8.03 -2.47
C LEU A 14 -5.93 8.04 -1.67
N ARG A 15 -6.69 6.96 -1.78
CA ARG A 15 -7.96 6.85 -1.08
C ARG A 15 -7.92 5.71 -0.07
N ASN A 16 -8.77 5.81 0.96
CA ASN A 16 -8.82 4.79 2.00
C ASN A 16 -8.90 3.39 1.40
N GLU A 17 -8.31 2.42 2.08
CA GLU A 17 -8.32 1.04 1.61
C GLU A 17 -8.54 0.07 2.77
N GLU A 18 -9.11 -1.09 2.47
CA GLU A 18 -9.37 -2.10 3.49
C GLU A 18 -8.93 -3.48 3.01
N ALA A 19 -8.27 -4.23 3.89
CA ALA A 19 -7.80 -5.57 3.55
C ALA A 19 -7.91 -6.50 4.75
N MET A 20 -7.44 -7.73 4.58
CA MET A 20 -7.48 -8.72 5.65
C MET A 20 -6.07 -9.16 6.05
N GLU A 21 -5.93 -9.66 7.27
CA GLU A 21 -4.63 -10.12 7.76
C GLU A 21 -4.06 -11.19 6.86
N GLY A 22 -2.75 -11.13 6.62
CA GLY A 22 -2.09 -12.11 5.78
C GLY A 22 -2.29 -11.83 4.30
N ALA A 23 -3.22 -10.93 4.00
CA ALA A 23 -3.51 -10.57 2.61
C ALA A 23 -2.50 -9.57 2.08
N THR A 24 -2.59 -9.27 0.78
CA THR A 24 -1.67 -8.32 0.16
C THR A 24 -2.40 -7.04 -0.24
N ALA A 25 -2.20 -5.99 0.55
CA ALA A 25 -2.84 -4.70 0.29
C ALA A 25 -2.44 -4.17 -1.09
N THR A 26 -3.40 -3.59 -1.79
CA THR A 26 -3.16 -3.04 -3.12
C THR A 26 -3.64 -1.59 -3.22
N LEU A 27 -2.69 -0.66 -3.25
CA LEU A 27 -3.02 0.76 -3.34
C LEU A 27 -2.81 1.27 -4.76
N GLN A 28 -3.73 2.11 -5.22
CA GLN A 28 -3.64 2.68 -6.57
C GLN A 28 -3.80 4.20 -6.53
N CYS A 29 -2.96 4.89 -7.29
CA CYS A 29 -3.00 6.35 -7.35
C CYS A 29 -2.74 6.85 -8.77
N GLU A 30 -3.11 8.10 -9.02
CA GLU A 30 -2.92 8.70 -10.34
C GLU A 30 -2.20 10.05 -10.23
N LEU A 31 -1.28 10.31 -11.15
CA LEU A 31 -0.54 11.55 -11.15
C LEU A 31 -0.82 12.35 -12.42
N SER A 32 -0.79 13.67 -12.31
CA SER A 32 -1.04 14.55 -13.44
C SER A 32 -0.29 14.06 -14.68
N LYS A 33 0.79 13.32 -14.45
CA LYS A 33 1.60 12.78 -15.54
C LYS A 33 2.64 11.81 -15.02
N ALA A 34 3.06 10.87 -15.87
CA ALA A 34 4.05 9.88 -15.49
C ALA A 34 5.20 10.53 -14.73
N ALA A 35 5.49 9.99 -13.54
CA ALA A 35 6.56 10.51 -12.70
C ALA A 35 6.92 9.52 -11.60
N PRO A 36 8.20 9.54 -11.19
CA PRO A 36 8.70 8.65 -10.14
C PRO A 36 8.16 9.01 -8.76
N VAL A 37 7.46 8.06 -8.14
CA VAL A 37 6.88 8.28 -6.82
C VAL A 37 7.61 7.47 -5.75
N GLU A 38 7.43 7.86 -4.49
CA GLU A 38 8.07 7.17 -3.39
C GLU A 38 7.11 6.98 -2.22
N TRP A 39 7.08 5.78 -1.67
CA TRP A 39 6.21 5.48 -0.55
C TRP A 39 6.97 5.47 0.78
N ARG A 40 6.32 5.93 1.84
CA ARG A 40 6.96 5.98 3.15
C ARG A 40 5.97 5.56 4.24
N LYS A 41 6.48 5.35 5.44
CA LYS A 41 5.64 4.95 6.58
C LYS A 41 6.32 5.28 7.90
N GLY A 42 5.53 5.67 8.89
CA GLY A 42 6.07 6.00 10.19
C GLY A 42 7.40 6.71 10.10
N LEU A 43 7.47 7.71 9.23
CA LEU A 43 8.69 8.49 9.04
C LEU A 43 9.86 7.58 8.64
N GLU A 44 9.56 6.62 7.77
CA GLU A 44 10.59 5.68 7.30
C GLU A 44 10.62 5.63 5.77
N ALA A 45 11.78 5.29 5.23
CA ALA A 45 11.94 5.20 3.78
C ALA A 45 11.81 3.76 3.31
N LEU A 46 10.71 3.45 2.63
CA LEU A 46 10.47 2.11 2.12
C LEU A 46 11.21 1.89 0.81
N ARG A 47 11.58 0.64 0.55
CA ARG A 47 12.30 0.29 -0.67
C ARG A 47 11.64 -0.90 -1.37
N ASP A 48 12.22 -1.32 -2.49
CA ASP A 48 11.69 -2.44 -3.25
C ASP A 48 12.56 -3.68 -3.09
N GLY A 49 11.93 -4.82 -2.86
CA GLY A 49 12.68 -6.06 -2.69
C GLY A 49 11.77 -7.27 -2.56
N ASP A 50 11.45 -7.63 -1.32
CA ASP A 50 10.58 -8.77 -1.06
C ASP A 50 9.36 -8.36 -0.24
N LYS A 51 9.60 -7.62 0.83
CA LYS A 51 8.52 -7.15 1.69
C LYS A 51 7.48 -6.37 0.91
N TYR A 52 7.95 -5.45 0.07
CA TYR A 52 7.06 -4.64 -0.75
C TYR A 52 7.36 -4.82 -2.23
N SER A 53 6.31 -4.86 -3.05
CA SER A 53 6.46 -5.03 -4.49
C SER A 53 5.95 -3.81 -5.24
N LEU A 54 6.85 -2.88 -5.53
CA LEU A 54 6.50 -1.66 -6.24
C LEU A 54 6.37 -1.92 -7.74
N ARG A 55 5.39 -1.29 -8.37
CA ARG A 55 5.16 -1.45 -9.80
C ARG A 55 4.17 -0.41 -10.32
N GLN A 56 4.39 0.03 -11.55
CA GLN A 56 3.51 1.04 -12.16
C GLN A 56 3.55 0.93 -13.68
N ASP A 57 2.63 1.61 -14.33
CA ASP A 57 2.55 1.60 -15.79
C ASP A 57 2.59 3.02 -16.35
N GLY A 58 3.26 3.91 -15.64
CA GLY A 58 3.35 5.30 -16.07
C GLY A 58 2.77 6.26 -15.07
N ALA A 59 1.61 6.82 -15.40
CA ALA A 59 0.95 7.78 -14.51
C ALA A 59 0.23 7.06 -13.37
N VAL A 60 -0.25 5.86 -13.65
CA VAL A 60 -0.95 5.06 -12.64
C VAL A 60 0.01 4.16 -11.88
N CYS A 61 0.25 4.48 -10.61
CA CYS A 61 1.15 3.70 -9.78
C CYS A 61 0.39 2.69 -8.94
N GLU A 62 1.08 1.67 -8.46
CA GLU A 62 0.46 0.63 -7.64
C GLU A 62 1.45 0.06 -6.63
N LEU A 63 0.98 -0.12 -5.40
CA LEU A 63 1.83 -0.66 -4.33
C LEU A 63 1.24 -1.95 -3.76
N GLN A 64 2.07 -2.98 -3.65
CA GLN A 64 1.64 -4.26 -3.13
C GLN A 64 2.39 -4.60 -1.85
N ILE A 65 1.66 -4.62 -0.72
CA ILE A 65 2.27 -4.93 0.56
C ILE A 65 2.05 -6.40 0.93
N HIS A 66 3.10 -7.20 0.85
CA HIS A 66 3.02 -8.61 1.17
C HIS A 66 3.10 -8.83 2.68
N GLY A 67 2.18 -9.63 3.21
CA GLY A 67 2.16 -9.91 4.63
C GLY A 67 1.53 -8.77 5.42
N LEU A 68 0.23 -8.88 5.67
CA LEU A 68 -0.49 -7.86 6.43
C LEU A 68 -0.66 -8.28 7.88
N ALA A 69 -0.70 -7.30 8.78
CA ALA A 69 -0.87 -7.57 10.20
C ALA A 69 -1.31 -6.32 10.95
N MET A 70 -1.61 -6.47 12.23
CA MET A 70 -2.05 -5.35 13.06
C MET A 70 -1.10 -4.17 12.91
N ALA A 71 0.17 -4.39 13.20
CA ALA A 71 1.18 -3.33 13.09
C ALA A 71 0.97 -2.51 11.83
N ASP A 72 0.72 -3.19 10.72
CA ASP A 72 0.50 -2.52 9.44
C ASP A 72 -0.52 -1.39 9.58
N ASN A 73 -1.59 -1.66 10.32
CA ASN A 73 -2.64 -0.68 10.53
C ASN A 73 -2.05 0.67 10.93
N GLY A 74 -2.16 1.65 10.05
CA GLY A 74 -1.62 2.97 10.34
C GLY A 74 -1.91 3.97 9.24
N VAL A 75 -0.86 4.57 8.70
CA VAL A 75 -1.00 5.55 7.63
C VAL A 75 0.18 5.48 6.66
N TYR A 76 -0.12 5.63 5.37
CA TYR A 76 0.91 5.58 4.34
C TYR A 76 0.97 6.89 3.56
N SER A 77 2.17 7.30 3.20
CA SER A 77 2.38 8.54 2.45
C SER A 77 2.99 8.27 1.10
N CYS A 78 2.75 9.16 0.14
CA CYS A 78 3.28 9.01 -1.21
C CYS A 78 3.85 10.33 -1.72
N VAL A 79 5.16 10.38 -1.90
CA VAL A 79 5.83 11.58 -2.38
C VAL A 79 6.15 11.47 -3.88
N CYS A 80 5.55 12.37 -4.66
CA CYS A 80 5.77 12.37 -6.11
C CYS A 80 6.70 13.50 -6.50
N GLY A 81 6.88 14.47 -5.61
CA GLY A 81 7.76 15.60 -5.89
C GLY A 81 7.61 16.71 -4.87
N GLN A 82 6.56 17.52 -5.04
CA GLN A 82 6.31 18.62 -4.12
C GLN A 82 5.18 18.30 -3.15
N GLU A 83 4.11 17.74 -3.69
CA GLU A 83 2.95 17.37 -2.87
C GLU A 83 3.09 15.95 -2.34
N ARG A 84 2.52 15.70 -1.16
CA ARG A 84 2.58 14.38 -0.54
C ARG A 84 1.21 13.96 -0.03
N THR A 85 0.64 12.93 -0.66
CA THR A 85 -0.66 12.43 -0.27
C THR A 85 -0.54 11.28 0.73
N SER A 86 -1.56 11.12 1.57
CA SER A 86 -1.57 10.06 2.57
C SER A 86 -2.89 9.30 2.55
N ALA A 87 -2.87 8.10 3.11
CA ALA A 87 -4.07 7.26 3.16
C ALA A 87 -4.08 6.38 4.41
N THR A 88 -5.27 5.93 4.80
CA THR A 88 -5.41 5.09 5.98
C THR A 88 -5.78 3.66 5.59
N LEU A 89 -5.12 2.69 6.21
CA LEU A 89 -5.37 1.29 5.92
C LEU A 89 -6.06 0.61 7.11
N THR A 90 -6.84 -0.42 6.82
CA THR A 90 -7.55 -1.15 7.88
C THR A 90 -7.40 -2.66 7.69
N VAL A 91 -6.73 -3.30 8.62
CA VAL A 91 -6.51 -4.75 8.56
C VAL A 91 -7.39 -5.48 9.58
N ARG A 92 -8.06 -6.53 9.13
CA ARG A 92 -8.94 -7.31 10.00
C ARG A 92 -8.47 -8.76 10.07
N ALA A 93 -8.35 -9.26 11.30
CA ALA A 93 -7.91 -10.65 11.51
C ALA A 93 -8.91 -11.64 10.92
N LEU A 94 -8.42 -12.83 10.59
CA LEU A 94 -9.27 -13.86 10.02
C LEU A 94 -9.93 -14.70 11.10
N PRO A 95 -11.11 -15.26 10.80
CA PRO A 95 -11.87 -16.08 11.74
C PRO A 95 -11.20 -17.43 12.00
N ALA A 96 -11.02 -17.76 13.27
CA ALA A 96 -10.38 -19.01 13.65
C ALA A 96 -11.33 -20.19 13.42
N ARG A 97 -10.76 -21.39 13.30
CA ARG A 97 -11.55 -22.59 13.07
C ARG A 97 -11.92 -23.25 14.40
N PHE A 98 -12.12 -22.44 15.42
CA PHE A 98 -12.48 -22.95 16.74
C PHE A 98 -13.95 -23.36 16.79
N ILE A 99 -14.20 -24.54 17.32
CA ILE A 99 -15.57 -25.05 17.42
C ILE A 99 -16.11 -24.87 18.84
N GLU A 100 -17.26 -24.18 18.93
CA GLU A 100 -17.89 -23.94 20.23
C GLU A 100 -18.69 -25.15 20.68
N ASP A 101 -19.68 -25.53 19.88
CA ASP A 101 -20.53 -26.68 20.20
C ASP A 101 -19.68 -27.92 20.48
N SER A 102 -20.25 -28.87 21.20
CA SER A 102 -19.55 -30.10 21.55
C SER A 102 -19.79 -31.17 20.48
N GLY A 103 -21.03 -31.31 20.06
CA GLY A 103 -21.37 -32.30 19.06
C GLY A 103 -22.59 -33.11 19.43
N PRO A 104 -22.36 -34.27 20.05
CA PRO A 104 -23.43 -35.18 20.48
C PRO A 104 -24.24 -34.62 21.63
N SER A 105 -25.56 -34.82 21.59
CA SER A 105 -26.44 -34.32 22.63
C SER A 105 -26.93 -35.47 23.51
N SER A 106 -26.83 -35.27 24.83
CA SER A 106 -27.27 -36.29 25.79
C SER A 106 -28.71 -36.72 25.52
N GLY A 107 -28.88 -37.94 25.02
CA GLY A 107 -30.21 -38.44 24.73
C GLY A 107 -30.18 -39.85 24.19
N GLY A 1 5.72 31.99 -15.88
CA GLY A 1 6.35 31.46 -14.69
C GLY A 1 6.43 29.94 -14.71
N SER A 2 7.61 29.41 -15.00
CA SER A 2 7.82 27.97 -15.06
C SER A 2 8.46 27.47 -13.77
N SER A 3 7.72 26.63 -13.04
CA SER A 3 8.22 26.07 -11.78
C SER A 3 9.02 24.80 -12.03
N GLY A 4 8.44 23.88 -12.80
CA GLY A 4 9.10 22.63 -13.09
C GLY A 4 8.28 21.74 -13.99
N SER A 5 8.89 20.65 -14.46
CA SER A 5 8.21 19.71 -15.34
C SER A 5 8.20 18.31 -14.73
N SER A 6 9.37 17.80 -14.39
CA SER A 6 9.49 16.47 -13.80
C SER A 6 8.46 16.27 -12.70
N GLY A 7 8.43 17.19 -11.75
CA GLY A 7 7.49 17.09 -10.65
C GLY A 7 6.06 16.98 -11.13
N ALA A 8 5.22 16.34 -10.32
CA ALA A 8 3.81 16.17 -10.67
C ALA A 8 2.92 16.38 -9.46
N ARG A 9 1.71 16.87 -9.70
CA ARG A 9 0.75 17.13 -8.62
C ARG A 9 -0.22 15.97 -8.47
N PHE A 10 -0.59 15.67 -7.23
CA PHE A 10 -1.51 14.58 -6.95
C PHE A 10 -2.95 14.99 -7.27
N THR A 11 -3.45 14.49 -8.40
CA THR A 11 -4.81 14.81 -8.84
C THR A 11 -5.81 13.79 -8.29
N GLU A 12 -5.36 12.54 -8.16
CA GLU A 12 -6.21 11.47 -7.65
C GLU A 12 -5.71 10.97 -6.30
N GLY A 13 -4.42 11.18 -6.04
CA GLY A 13 -3.83 10.73 -4.79
C GLY A 13 -4.22 9.31 -4.44
N LEU A 14 -3.82 8.87 -3.25
CA LEU A 14 -4.13 7.51 -2.80
C LEU A 14 -5.54 7.43 -2.24
N ARG A 15 -6.01 6.22 -1.98
CA ARG A 15 -7.34 6.00 -1.45
C ARG A 15 -7.32 4.95 -0.34
N ASN A 16 -8.35 4.97 0.50
CA ASN A 16 -8.45 4.02 1.61
C ASN A 16 -8.54 2.59 1.08
N GLU A 17 -7.77 1.69 1.69
CA GLU A 17 -7.76 0.29 1.29
C GLU A 17 -8.07 -0.62 2.48
N GLU A 18 -8.68 -1.76 2.19
CA GLU A 18 -9.04 -2.71 3.24
C GLU A 18 -8.62 -4.13 2.84
N ALA A 19 -8.03 -4.86 3.80
CA ALA A 19 -7.58 -6.22 3.55
C ALA A 19 -7.45 -7.00 4.86
N MET A 20 -7.77 -8.29 4.81
CA MET A 20 -7.68 -9.14 5.99
C MET A 20 -6.24 -9.26 6.47
N GLU A 21 -6.08 -9.62 7.75
CA GLU A 21 -4.74 -9.77 8.33
C GLU A 21 -3.98 -10.91 7.65
N GLY A 22 -2.73 -10.63 7.30
CA GLY A 22 -1.91 -11.64 6.65
C GLY A 22 -2.05 -11.62 5.14
N ALA A 23 -3.12 -10.99 4.65
CA ALA A 23 -3.38 -10.91 3.22
C ALA A 23 -2.47 -9.87 2.57
N THR A 24 -2.64 -9.67 1.26
CA THR A 24 -1.83 -8.73 0.52
C THR A 24 -2.69 -7.58 0.00
N ALA A 25 -2.35 -6.35 0.42
CA ALA A 25 -3.08 -5.17 -0.01
C ALA A 25 -2.58 -4.67 -1.36
N THR A 26 -3.29 -3.71 -1.93
CA THR A 26 -2.92 -3.14 -3.22
C THR A 26 -3.45 -1.72 -3.38
N LEU A 27 -2.56 -0.74 -3.29
CA LEU A 27 -2.94 0.66 -3.41
C LEU A 27 -2.71 1.16 -4.84
N GLN A 28 -3.39 2.24 -5.20
CA GLN A 28 -3.27 2.81 -6.54
C GLN A 28 -3.51 4.32 -6.50
N CYS A 29 -2.85 5.03 -7.40
CA CYS A 29 -2.99 6.49 -7.48
C CYS A 29 -2.64 7.00 -8.87
N GLU A 30 -2.91 8.27 -9.11
CA GLU A 30 -2.62 8.89 -10.40
C GLU A 30 -1.98 10.25 -10.23
N LEU A 31 -0.99 10.55 -11.07
CA LEU A 31 -0.29 11.82 -11.01
C LEU A 31 -0.55 12.65 -12.26
N SER A 32 -0.42 13.97 -12.12
CA SER A 32 -0.65 14.88 -13.25
C SER A 32 0.17 14.44 -14.47
N LYS A 33 1.25 13.71 -14.23
CA LYS A 33 2.11 13.23 -15.29
C LYS A 33 3.20 12.32 -14.75
N ALA A 34 3.62 11.37 -15.58
CA ALA A 34 4.67 10.43 -15.18
C ALA A 34 5.80 11.14 -14.44
N ALA A 35 6.05 10.71 -13.21
CA ALA A 35 7.10 11.30 -12.39
C ALA A 35 7.54 10.35 -11.29
N PRO A 36 8.82 10.45 -10.90
CA PRO A 36 9.40 9.61 -9.85
C PRO A 36 8.85 9.94 -8.47
N VAL A 37 8.27 8.94 -7.81
CA VAL A 37 7.71 9.13 -6.48
C VAL A 37 8.37 8.20 -5.46
N GLU A 38 7.87 8.22 -4.24
CA GLU A 38 8.42 7.39 -3.17
C GLU A 38 7.35 7.07 -2.13
N TRP A 39 7.35 5.84 -1.65
CA TRP A 39 6.38 5.41 -0.64
C TRP A 39 7.03 5.31 0.74
N ARG A 40 6.32 5.77 1.76
CA ARG A 40 6.83 5.73 3.12
C ARG A 40 5.82 5.10 4.07
N LYS A 41 6.28 4.70 5.25
CA LYS A 41 5.42 4.08 6.24
C LYS A 41 5.87 4.42 7.65
N GLY A 42 5.02 5.13 8.39
CA GLY A 42 5.36 5.52 9.75
C GLY A 42 6.66 6.28 9.83
N LEU A 43 6.82 7.28 8.98
CA LEU A 43 8.04 8.08 8.96
C LEU A 43 9.26 7.21 8.66
N GLU A 44 9.10 6.26 7.74
CA GLU A 44 10.19 5.36 7.38
C GLU A 44 10.33 5.29 5.86
N ALA A 45 11.55 5.04 5.40
CA ALA A 45 11.83 4.94 3.97
C ALA A 45 11.66 3.51 3.48
N LEU A 46 10.71 3.30 2.57
CA LEU A 46 10.44 1.98 2.02
C LEU A 46 11.30 1.72 0.79
N ARG A 47 11.37 0.45 0.39
CA ARG A 47 12.16 0.07 -0.78
C ARG A 47 11.46 -1.02 -1.58
N ASP A 48 11.97 -1.29 -2.78
CA ASP A 48 11.39 -2.32 -3.63
C ASP A 48 12.21 -3.61 -3.58
N GLY A 49 11.55 -4.73 -3.78
CA GLY A 49 12.24 -6.02 -3.74
C GLY A 49 11.28 -7.18 -3.63
N ASP A 50 11.24 -7.82 -2.47
CA ASP A 50 10.37 -8.96 -2.25
C ASP A 50 9.20 -8.58 -1.33
N LYS A 51 9.53 -8.06 -0.15
CA LYS A 51 8.52 -7.65 0.81
C LYS A 51 7.42 -6.83 0.13
N TYR A 52 7.84 -5.87 -0.69
CA TYR A 52 6.89 -5.01 -1.39
C TYR A 52 6.98 -5.23 -2.90
N SER A 53 5.92 -4.87 -3.60
CA SER A 53 5.87 -5.02 -5.06
C SER A 53 5.46 -3.72 -5.73
N LEU A 54 6.44 -2.89 -6.07
CA LEU A 54 6.19 -1.62 -6.73
C LEU A 54 5.98 -1.80 -8.22
N ARG A 55 4.73 -1.71 -8.66
CA ARG A 55 4.40 -1.86 -10.08
C ARG A 55 3.93 -0.54 -10.67
N GLN A 56 4.88 0.35 -10.93
CA GLN A 56 4.57 1.66 -11.50
C GLN A 56 4.46 1.57 -13.03
N ASP A 57 3.36 2.07 -13.56
CA ASP A 57 3.14 2.05 -15.01
C ASP A 57 3.17 3.47 -15.58
N GLY A 58 4.05 4.30 -15.01
CA GLY A 58 4.16 5.67 -15.48
C GLY A 58 3.44 6.65 -14.58
N ALA A 59 2.33 7.19 -15.05
CA ALA A 59 1.55 8.16 -14.28
C ALA A 59 0.79 7.46 -13.16
N VAL A 60 0.47 6.19 -13.36
CA VAL A 60 -0.26 5.41 -12.37
C VAL A 60 0.67 4.49 -11.59
N CYS A 61 0.73 4.69 -10.27
CA CYS A 61 1.58 3.87 -9.42
C CYS A 61 0.77 2.86 -8.63
N GLU A 62 1.37 1.72 -8.33
CA GLU A 62 0.68 0.66 -7.59
C GLU A 62 1.64 0.01 -6.59
N LEU A 63 1.21 -0.06 -5.33
CA LEU A 63 2.03 -0.67 -4.29
C LEU A 63 1.31 -1.86 -3.65
N GLN A 64 1.99 -2.99 -3.60
CA GLN A 64 1.41 -4.21 -3.02
C GLN A 64 2.20 -4.66 -1.80
N ILE A 65 1.51 -4.79 -0.68
CA ILE A 65 2.16 -5.21 0.57
C ILE A 65 1.80 -6.65 0.91
N HIS A 66 2.79 -7.54 0.82
CA HIS A 66 2.59 -8.95 1.12
C HIS A 66 2.65 -9.21 2.62
N GLY A 67 1.80 -10.10 3.11
CA GLY A 67 1.79 -10.42 4.52
C GLY A 67 1.37 -9.23 5.37
N LEU A 68 0.06 -9.06 5.54
CA LEU A 68 -0.46 -7.96 6.35
C LEU A 68 -0.56 -8.35 7.81
N ALA A 69 -0.93 -7.39 8.66
CA ALA A 69 -1.07 -7.63 10.09
C ALA A 69 -1.84 -6.51 10.76
N MET A 70 -2.16 -6.70 12.04
CA MET A 70 -2.91 -5.70 12.80
C MET A 70 -2.08 -4.44 13.01
N ALA A 71 -0.88 -4.61 13.58
CA ALA A 71 0.01 -3.49 13.83
C ALA A 71 0.22 -2.67 12.56
N ASP A 72 0.40 -3.35 11.44
CA ASP A 72 0.61 -2.69 10.16
C ASP A 72 -0.30 -1.48 10.02
N ASN A 73 -1.54 -1.61 10.49
CA ASN A 73 -2.51 -0.52 10.42
C ASN A 73 -1.83 0.83 10.62
N GLY A 74 -2.30 1.83 9.89
CA GLY A 74 -1.72 3.16 10.01
C GLY A 74 -2.11 4.07 8.86
N VAL A 75 -1.23 4.99 8.50
CA VAL A 75 -1.48 5.92 7.40
C VAL A 75 -0.30 5.97 6.43
N TYR A 76 -0.53 5.50 5.22
CA TYR A 76 0.51 5.49 4.19
C TYR A 76 0.45 6.75 3.34
N SER A 77 1.63 7.25 2.95
CA SER A 77 1.71 8.45 2.14
C SER A 77 2.68 8.26 0.97
N CYS A 78 2.48 9.02 -0.09
CA CYS A 78 3.33 8.93 -1.26
C CYS A 78 3.83 10.31 -1.69
N VAL A 79 5.12 10.55 -1.46
CA VAL A 79 5.72 11.84 -1.81
C VAL A 79 6.06 11.90 -3.30
N CYS A 80 5.46 12.86 -4.00
CA CYS A 80 5.70 13.03 -5.42
C CYS A 80 6.36 14.38 -5.71
N GLY A 81 7.16 14.85 -4.77
CA GLY A 81 7.83 16.13 -4.94
C GLY A 81 6.94 17.31 -4.61
N GLN A 82 6.10 17.70 -5.58
CA GLN A 82 5.20 18.82 -5.39
C GLN A 82 4.39 18.66 -4.10
N GLU A 83 3.41 17.76 -4.14
CA GLU A 83 2.56 17.51 -2.97
C GLU A 83 2.63 16.05 -2.56
N ARG A 84 2.42 15.80 -1.26
CA ARG A 84 2.46 14.44 -0.74
C ARG A 84 1.07 13.97 -0.35
N THR A 85 0.60 12.91 -1.00
CA THR A 85 -0.73 12.36 -0.72
C THR A 85 -0.68 11.36 0.42
N SER A 86 -1.78 11.23 1.15
CA SER A 86 -1.86 10.31 2.27
C SER A 86 -3.10 9.42 2.16
N ALA A 87 -3.09 8.30 2.88
CA ALA A 87 -4.21 7.37 2.86
C ALA A 87 -4.33 6.64 4.19
N THR A 88 -5.29 5.73 4.27
CA THR A 88 -5.52 4.96 5.49
C THR A 88 -5.84 3.51 5.18
N LEU A 89 -5.14 2.59 5.83
CA LEU A 89 -5.35 1.16 5.62
C LEU A 89 -6.18 0.56 6.74
N THR A 90 -6.83 -0.57 6.46
CA THR A 90 -7.65 -1.24 7.45
C THR A 90 -7.40 -2.75 7.44
N VAL A 91 -6.79 -3.25 8.50
CA VAL A 91 -6.49 -4.67 8.62
C VAL A 91 -7.43 -5.35 9.61
N ARG A 92 -8.11 -6.39 9.15
CA ARG A 92 -9.04 -7.13 9.99
C ARG A 92 -8.39 -8.39 10.55
N ALA A 93 -8.48 -8.56 11.87
CA ALA A 93 -7.90 -9.73 12.52
C ALA A 93 -8.66 -11.00 12.15
N LEU A 94 -7.92 -12.03 11.76
CA LEU A 94 -8.53 -13.30 11.38
C LEU A 94 -9.17 -13.98 12.58
N PRO A 95 -10.30 -14.66 12.35
CA PRO A 95 -11.04 -15.37 13.40
C PRO A 95 -10.29 -16.60 13.90
N ALA A 96 -9.94 -16.60 15.18
CA ALA A 96 -9.23 -17.72 15.78
C ALA A 96 -9.96 -18.26 17.01
N ARG A 97 -10.06 -19.57 17.11
CA ARG A 97 -10.75 -20.21 18.23
C ARG A 97 -12.12 -19.59 18.45
N PHE A 98 -12.85 -19.37 17.35
CA PHE A 98 -14.18 -18.78 17.44
C PHE A 98 -15.16 -19.74 18.10
N ILE A 99 -15.34 -19.57 19.41
CA ILE A 99 -16.25 -20.42 20.17
C ILE A 99 -17.12 -19.59 21.11
N GLU A 100 -18.38 -19.99 21.24
CA GLU A 100 -19.31 -19.28 22.11
C GLU A 100 -20.50 -20.17 22.47
N ASP A 101 -21.01 -19.98 23.68
CA ASP A 101 -22.16 -20.77 24.15
C ASP A 101 -23.45 -19.97 24.02
N SER A 102 -24.27 -20.35 23.04
CA SER A 102 -25.54 -19.68 22.80
C SER A 102 -26.68 -20.38 23.54
N GLY A 103 -26.76 -21.69 23.39
CA GLY A 103 -27.80 -22.45 24.05
C GLY A 103 -28.20 -23.70 23.27
N PRO A 104 -29.41 -24.21 23.54
CA PRO A 104 -29.92 -25.40 22.87
C PRO A 104 -30.24 -25.15 21.41
N SER A 105 -30.32 -26.23 20.63
CA SER A 105 -30.61 -26.14 19.20
C SER A 105 -31.88 -26.90 18.86
N SER A 106 -32.88 -26.80 19.71
CA SER A 106 -34.15 -27.48 19.50
C SER A 106 -35.33 -26.53 19.68
N GLY A 107 -35.95 -26.14 18.58
CA GLY A 107 -37.08 -25.24 18.64
C GLY A 107 -36.95 -24.08 17.68
N GLY A 1 9.28 13.50 -21.54
CA GLY A 1 7.85 13.59 -21.29
C GLY A 1 7.34 15.01 -21.29
N SER A 2 8.05 15.89 -20.57
CA SER A 2 7.66 17.30 -20.49
C SER A 2 8.87 18.18 -20.26
N SER A 3 8.76 19.44 -20.65
CA SER A 3 9.85 20.39 -20.50
C SER A 3 9.35 21.72 -19.92
N GLY A 4 10.25 22.47 -19.31
CA GLY A 4 9.87 23.75 -18.73
C GLY A 4 9.48 23.63 -17.27
N SER A 5 8.60 22.67 -16.97
CA SER A 5 8.14 22.46 -15.60
C SER A 5 8.48 21.05 -15.13
N SER A 6 9.34 20.96 -14.13
CA SER A 6 9.75 19.67 -13.58
C SER A 6 8.93 19.31 -12.35
N GLY A 7 8.02 18.35 -12.51
CA GLY A 7 7.19 17.93 -11.40
C GLY A 7 5.88 17.32 -11.86
N ALA A 8 4.95 17.16 -10.93
CA ALA A 8 3.64 16.57 -11.24
C ALA A 8 2.71 16.66 -10.05
N ARG A 9 1.45 17.03 -10.32
CA ARG A 9 0.45 17.15 -9.27
C ARG A 9 -0.49 15.96 -9.27
N PHE A 10 -0.99 15.59 -8.09
CA PHE A 10 -1.91 14.46 -7.97
C PHE A 10 -3.27 14.79 -8.57
N THR A 11 -3.61 14.12 -9.66
CA THR A 11 -4.89 14.35 -10.32
C THR A 11 -5.93 13.33 -9.89
N GLU A 12 -5.46 12.13 -9.54
CA GLU A 12 -6.35 11.06 -9.10
C GLU A 12 -6.34 10.94 -7.58
N GLY A 13 -5.23 11.31 -6.96
CA GLY A 13 -5.11 11.22 -5.52
C GLY A 13 -5.06 9.79 -5.02
N LEU A 14 -4.42 9.59 -3.87
CA LEU A 14 -4.31 8.26 -3.29
C LEU A 14 -5.39 8.02 -2.24
N ARG A 15 -6.36 7.18 -2.57
CA ARG A 15 -7.44 6.86 -1.66
C ARG A 15 -7.06 5.73 -0.72
N ASN A 16 -7.74 5.64 0.42
CA ASN A 16 -7.46 4.61 1.41
C ASN A 16 -7.82 3.24 0.86
N GLU A 17 -7.68 2.22 1.70
CA GLU A 17 -7.98 0.84 1.30
C GLU A 17 -8.42 0.01 2.50
N GLU A 18 -8.63 -1.28 2.27
CA GLU A 18 -9.05 -2.18 3.32
C GLU A 18 -8.83 -3.64 2.92
N ALA A 19 -8.19 -4.41 3.80
CA ALA A 19 -7.91 -5.81 3.53
C ALA A 19 -7.79 -6.60 4.83
N MET A 20 -7.96 -7.92 4.74
CA MET A 20 -7.86 -8.78 5.91
C MET A 20 -6.40 -9.06 6.26
N GLU A 21 -6.15 -9.42 7.51
CA GLU A 21 -4.80 -9.71 7.97
C GLU A 21 -4.20 -10.87 7.19
N GLY A 22 -2.91 -10.77 6.90
CA GLY A 22 -2.22 -11.81 6.15
C GLY A 22 -2.45 -11.71 4.66
N ALA A 23 -3.46 -10.93 4.27
CA ALA A 23 -3.78 -10.74 2.86
C ALA A 23 -2.74 -9.84 2.18
N THR A 24 -2.98 -9.53 0.91
CA THR A 24 -2.08 -8.69 0.15
C THR A 24 -2.71 -7.35 -0.18
N ALA A 25 -2.35 -6.32 0.58
CA ALA A 25 -2.88 -4.98 0.36
C ALA A 25 -2.50 -4.45 -1.02
N THR A 26 -3.39 -3.64 -1.60
CA THR A 26 -3.15 -3.07 -2.92
C THR A 26 -3.70 -1.65 -3.01
N LEU A 27 -2.81 -0.67 -3.02
CA LEU A 27 -3.22 0.73 -3.11
C LEU A 27 -3.15 1.23 -4.55
N GLN A 28 -3.83 2.33 -4.83
CA GLN A 28 -3.84 2.91 -6.16
C GLN A 28 -3.77 4.43 -6.10
N CYS A 29 -3.03 5.02 -7.04
CA CYS A 29 -2.88 6.47 -7.08
C CYS A 29 -2.16 6.90 -8.36
N GLU A 30 -2.75 7.85 -9.08
CA GLU A 30 -2.17 8.34 -10.32
C GLU A 30 -1.83 9.83 -10.21
N LEU A 31 -0.91 10.28 -11.06
CA LEU A 31 -0.50 11.69 -11.05
C LEU A 31 -0.90 12.37 -12.36
N SER A 32 -0.68 13.68 -12.42
CA SER A 32 -1.02 14.45 -13.61
C SER A 32 -0.09 14.09 -14.78
N LYS A 33 1.09 13.59 -14.45
CA LYS A 33 2.06 13.20 -15.47
C LYS A 33 3.16 12.33 -14.86
N ALA A 34 3.53 11.28 -15.57
CA ALA A 34 4.58 10.36 -15.11
C ALA A 34 5.65 11.11 -14.33
N ALA A 35 5.91 10.66 -13.11
CA ALA A 35 6.92 11.28 -12.26
C ALA A 35 7.39 10.33 -11.17
N PRO A 36 8.66 10.47 -10.77
CA PRO A 36 9.26 9.62 -9.73
C PRO A 36 8.70 9.91 -8.35
N VAL A 37 8.09 8.90 -7.73
CA VAL A 37 7.52 9.06 -6.40
C VAL A 37 8.17 8.10 -5.40
N GLU A 38 7.73 8.17 -4.15
CA GLU A 38 8.27 7.32 -3.11
C GLU A 38 7.24 7.07 -2.01
N TRP A 39 7.04 5.81 -1.66
CA TRP A 39 6.08 5.44 -0.63
C TRP A 39 6.75 5.38 0.74
N ARG A 40 6.03 5.81 1.77
CA ARG A 40 6.54 5.82 3.13
C ARG A 40 5.45 5.48 4.13
N LYS A 41 5.74 4.54 5.02
CA LYS A 41 4.78 4.12 6.04
C LYS A 41 4.83 5.04 7.25
N GLY A 42 3.72 5.14 7.97
CA GLY A 42 3.66 5.99 9.15
C GLY A 42 4.95 5.96 9.95
N LEU A 43 5.65 7.09 10.00
CA LEU A 43 6.90 7.19 10.73
C LEU A 43 7.89 6.13 10.26
N GLU A 44 7.91 5.88 8.96
CA GLU A 44 8.81 4.88 8.38
C GLU A 44 8.90 5.02 6.87
N ALA A 45 10.02 4.62 6.30
CA ALA A 45 10.23 4.70 4.86
C ALA A 45 10.20 3.32 4.22
N LEU A 46 9.39 3.17 3.18
CA LEU A 46 9.27 1.90 2.49
C LEU A 46 10.23 1.83 1.31
N ARG A 47 10.69 0.62 1.00
CA ARG A 47 11.63 0.42 -0.10
C ARG A 47 11.31 -0.87 -0.86
N ASP A 48 11.34 -0.79 -2.18
CA ASP A 48 11.04 -1.94 -3.02
C ASP A 48 11.91 -3.14 -2.63
N GLY A 49 11.28 -4.29 -2.44
CA GLY A 49 12.01 -5.49 -2.06
C GLY A 49 11.17 -6.74 -2.18
N ASP A 50 11.12 -7.52 -1.12
CA ASP A 50 10.34 -8.77 -1.11
C ASP A 50 8.92 -8.51 -0.63
N LYS A 51 8.80 -7.98 0.58
CA LYS A 51 7.49 -7.69 1.17
C LYS A 51 6.71 -6.71 0.29
N TYR A 52 7.35 -5.60 -0.05
CA TYR A 52 6.71 -4.60 -0.89
C TYR A 52 7.08 -4.77 -2.35
N SER A 53 6.07 -4.78 -3.22
CA SER A 53 6.30 -4.95 -4.65
C SER A 53 5.84 -3.71 -5.42
N LEU A 54 6.80 -2.88 -5.81
CA LEU A 54 6.50 -1.66 -6.55
C LEU A 54 6.39 -1.95 -8.04
N ARG A 55 5.16 -2.01 -8.53
CA ARG A 55 4.92 -2.27 -9.95
C ARG A 55 4.38 -1.03 -10.65
N GLN A 56 4.93 0.12 -10.32
CA GLN A 56 4.50 1.37 -10.92
C GLN A 56 4.65 1.34 -12.43
N ASP A 57 3.64 1.85 -13.13
CA ASP A 57 3.67 1.87 -14.60
C ASP A 57 3.41 3.29 -15.11
N GLY A 58 4.48 3.99 -15.44
CA GLY A 58 4.35 5.35 -15.94
C GLY A 58 3.82 6.32 -14.90
N ALA A 59 2.56 6.70 -15.04
CA ALA A 59 1.94 7.62 -14.11
C ALA A 59 1.23 6.87 -12.98
N VAL A 60 0.56 5.77 -13.35
CA VAL A 60 -0.16 4.95 -12.38
C VAL A 60 0.80 4.30 -11.39
N CYS A 61 0.60 4.59 -10.11
CA CYS A 61 1.45 4.03 -9.06
C CYS A 61 0.64 3.12 -8.14
N GLU A 62 1.03 1.85 -8.07
CA GLU A 62 0.33 0.88 -7.23
C GLU A 62 1.31 0.18 -6.30
N LEU A 63 1.02 0.22 -5.01
CA LEU A 63 1.87 -0.41 -4.00
C LEU A 63 1.27 -1.72 -3.51
N GLN A 64 2.03 -2.79 -3.62
CA GLN A 64 1.57 -4.11 -3.19
C GLN A 64 2.34 -4.59 -1.96
N ILE A 65 1.61 -4.98 -0.92
CA ILE A 65 2.22 -5.45 0.31
C ILE A 65 1.91 -6.93 0.54
N HIS A 66 2.85 -7.79 0.17
CA HIS A 66 2.69 -9.23 0.34
C HIS A 66 2.71 -9.60 1.82
N GLY A 67 1.60 -10.18 2.30
CA GLY A 67 1.51 -10.58 3.69
C GLY A 67 1.19 -9.41 4.61
N LEU A 68 -0.08 -9.28 4.98
CA LEU A 68 -0.51 -8.21 5.86
C LEU A 68 -0.47 -8.64 7.32
N ALA A 69 -0.45 -7.66 8.22
CA ALA A 69 -0.41 -7.94 9.66
C ALA A 69 -0.88 -6.74 10.46
N MET A 70 -1.13 -6.96 11.74
CA MET A 70 -1.59 -5.89 12.63
C MET A 70 -0.58 -4.74 12.65
N ALA A 71 0.69 -5.06 12.42
CA ALA A 71 1.74 -4.05 12.41
C ALA A 71 1.64 -3.16 11.18
N ASP A 72 1.19 -3.74 10.07
CA ASP A 72 1.04 -2.99 8.83
C ASP A 72 0.08 -1.82 9.00
N ASN A 73 -0.85 -1.96 9.94
CA ASN A 73 -1.82 -0.92 10.21
C ASN A 73 -1.14 0.40 10.52
N GLY A 74 -1.58 1.47 9.84
CA GLY A 74 -1.00 2.78 10.06
C GLY A 74 -1.43 3.79 9.00
N VAL A 75 -0.50 4.63 8.57
CA VAL A 75 -0.79 5.64 7.57
C VAL A 75 0.34 5.76 6.55
N TYR A 76 0.08 5.33 5.32
CA TYR A 76 1.08 5.38 4.26
C TYR A 76 1.01 6.70 3.51
N SER A 77 2.09 7.03 2.80
CA SER A 77 2.15 8.28 2.04
C SER A 77 3.03 8.10 0.81
N CYS A 78 2.79 8.94 -0.20
CA CYS A 78 3.55 8.89 -1.44
C CYS A 78 4.01 10.27 -1.85
N VAL A 79 5.24 10.63 -1.47
CA VAL A 79 5.79 11.93 -1.80
C VAL A 79 6.44 11.92 -3.18
N CYS A 80 6.00 12.85 -4.04
CA CYS A 80 6.54 12.93 -5.40
C CYS A 80 7.71 13.91 -5.45
N GLY A 81 7.48 15.14 -4.99
CA GLY A 81 8.53 16.15 -5.00
C GLY A 81 8.09 17.44 -4.32
N GLN A 82 6.92 17.93 -4.71
CA GLN A 82 6.40 19.18 -4.13
C GLN A 82 5.23 18.88 -3.19
N GLU A 83 4.48 17.83 -3.50
CA GLU A 83 3.33 17.45 -2.68
C GLU A 83 3.33 15.95 -2.42
N ARG A 84 2.48 15.51 -1.50
CA ARG A 84 2.38 14.10 -1.15
C ARG A 84 0.99 13.77 -0.62
N THR A 85 0.55 12.53 -0.83
CA THR A 85 -0.75 12.09 -0.37
C THR A 85 -0.63 10.91 0.59
N SER A 86 -1.52 10.88 1.58
CA SER A 86 -1.52 9.80 2.57
C SER A 86 -2.82 9.02 2.54
N ALA A 87 -2.80 7.82 3.11
CA ALA A 87 -3.99 6.97 3.14
C ALA A 87 -4.02 6.12 4.40
N THR A 88 -5.17 5.53 4.69
CA THR A 88 -5.33 4.68 5.86
C THR A 88 -5.64 3.25 5.48
N LEU A 89 -4.79 2.32 5.94
CA LEU A 89 -4.98 0.90 5.63
C LEU A 89 -5.59 0.17 6.82
N THR A 90 -6.79 -0.36 6.63
CA THR A 90 -7.48 -1.09 7.69
C THR A 90 -7.24 -2.59 7.57
N VAL A 91 -6.57 -3.16 8.56
CA VAL A 91 -6.27 -4.58 8.58
C VAL A 91 -6.98 -5.29 9.73
N ARG A 92 -7.97 -6.12 9.41
CA ARG A 92 -8.72 -6.84 10.41
C ARG A 92 -8.07 -8.19 10.70
N ALA A 93 -8.01 -8.56 11.97
CA ALA A 93 -7.42 -9.83 12.37
C ALA A 93 -8.36 -11.00 12.07
N LEU A 94 -7.79 -12.09 11.58
CA LEU A 94 -8.57 -13.27 11.24
C LEU A 94 -9.20 -13.89 12.49
N PRO A 95 -10.33 -14.60 12.29
CA PRO A 95 -11.04 -15.26 13.39
C PRO A 95 -10.28 -16.43 13.97
N ALA A 96 -10.50 -16.72 15.25
CA ALA A 96 -9.83 -17.83 15.91
C ALA A 96 -10.05 -19.14 15.17
N ARG A 97 -9.00 -19.63 14.52
CA ARG A 97 -9.08 -20.88 13.76
C ARG A 97 -8.85 -22.08 14.68
N PHE A 98 -9.66 -23.11 14.50
CA PHE A 98 -9.53 -24.32 15.31
C PHE A 98 -10.06 -25.53 14.54
N ILE A 99 -9.33 -26.65 14.63
CA ILE A 99 -9.73 -27.87 13.95
C ILE A 99 -10.24 -28.91 14.95
N GLU A 100 -11.56 -29.06 15.02
CA GLU A 100 -12.17 -30.01 15.92
C GLU A 100 -12.98 -31.05 15.15
N ASP A 101 -12.54 -32.31 15.23
CA ASP A 101 -13.21 -33.40 14.53
C ASP A 101 -14.64 -33.57 15.04
N SER A 102 -15.60 -33.12 14.25
CA SER A 102 -17.01 -33.21 14.63
C SER A 102 -17.91 -33.06 13.41
N GLY A 103 -19.11 -33.63 13.48
CA GLY A 103 -20.04 -33.54 12.37
C GLY A 103 -21.19 -34.52 12.51
N PRO A 104 -22.30 -34.25 11.82
CA PRO A 104 -23.50 -35.09 11.85
C PRO A 104 -23.28 -36.43 11.14
N SER A 105 -22.73 -37.39 11.87
CA SER A 105 -22.47 -38.71 11.31
C SER A 105 -23.77 -39.50 11.15
N SER A 106 -23.66 -40.69 10.57
CA SER A 106 -24.82 -41.55 10.35
C SER A 106 -24.45 -43.02 10.46
N GLY A 107 -25.40 -43.84 10.86
CA GLY A 107 -25.16 -45.27 11.01
C GLY A 107 -24.52 -45.87 9.77
N GLY A 1 13.88 10.49 -16.29
CA GLY A 1 13.52 11.74 -15.66
C GLY A 1 13.31 12.86 -16.68
N SER A 2 12.11 13.42 -16.69
CA SER A 2 11.77 14.49 -17.62
C SER A 2 12.79 15.62 -17.53
N SER A 3 12.83 16.46 -18.57
CA SER A 3 13.77 17.57 -18.61
C SER A 3 13.26 18.74 -17.76
N GLY A 4 14.08 19.78 -17.65
CA GLY A 4 13.69 20.94 -16.86
C GLY A 4 13.49 20.61 -15.40
N SER A 5 12.24 20.34 -15.03
CA SER A 5 11.91 20.00 -13.65
C SER A 5 10.86 18.91 -13.59
N SER A 6 10.71 18.29 -12.42
CA SER A 6 9.75 17.22 -12.23
C SER A 6 8.71 17.59 -11.17
N GLY A 7 7.64 18.24 -11.62
CA GLY A 7 6.60 18.65 -10.71
C GLY A 7 5.23 18.12 -11.10
N ALA A 8 4.90 16.92 -10.62
CA ALA A 8 3.63 16.30 -10.93
C ALA A 8 2.67 16.40 -9.75
N ARG A 9 1.43 16.81 -10.03
CA ARG A 9 0.42 16.96 -8.99
C ARG A 9 -0.22 15.61 -8.68
N PHE A 10 -1.21 15.63 -7.78
CA PHE A 10 -1.91 14.41 -7.39
C PHE A 10 -3.40 14.52 -7.69
N THR A 11 -3.78 14.21 -8.93
CA THR A 11 -5.17 14.26 -9.34
C THR A 11 -5.98 13.12 -8.75
N GLU A 12 -5.38 11.93 -8.75
CA GLU A 12 -6.05 10.74 -8.20
C GLU A 12 -5.28 10.19 -7.00
N GLY A 13 -4.86 11.08 -6.11
CA GLY A 13 -4.13 10.67 -4.93
C GLY A 13 -4.67 9.39 -4.32
N LEU A 14 -3.88 8.75 -3.48
CA LEU A 14 -4.28 7.51 -2.84
C LEU A 14 -5.69 7.64 -2.27
N ARG A 15 -6.31 6.50 -1.99
CA ARG A 15 -7.67 6.48 -1.44
C ARG A 15 -7.79 5.46 -0.32
N ASN A 16 -8.72 5.69 0.60
CA ASN A 16 -8.94 4.80 1.73
C ASN A 16 -9.19 3.37 1.25
N GLU A 17 -8.30 2.46 1.62
CA GLU A 17 -8.42 1.06 1.23
C GLU A 17 -8.68 0.18 2.44
N GLU A 18 -9.14 -1.05 2.19
CA GLU A 18 -9.43 -1.99 3.26
C GLU A 18 -9.10 -3.41 2.83
N ALA A 19 -8.50 -4.18 3.74
CA ALA A 19 -8.15 -5.56 3.46
C ALA A 19 -8.06 -6.39 4.74
N MET A 20 -8.14 -7.71 4.59
CA MET A 20 -8.08 -8.60 5.75
C MET A 20 -6.63 -8.94 6.10
N GLU A 21 -6.38 -9.19 7.37
CA GLU A 21 -5.04 -9.52 7.84
C GLU A 21 -4.52 -10.78 7.15
N GLY A 22 -3.21 -10.84 6.97
CA GLY A 22 -2.61 -12.00 6.32
C GLY A 22 -2.79 -11.98 4.81
N ALA A 23 -3.38 -10.90 4.30
CA ALA A 23 -3.63 -10.77 2.87
C ALA A 23 -2.61 -9.84 2.22
N THR A 24 -2.73 -9.65 0.91
CA THR A 24 -1.83 -8.77 0.18
C THR A 24 -2.53 -7.48 -0.24
N ALA A 25 -2.33 -6.44 0.55
CA ALA A 25 -2.94 -5.14 0.27
C ALA A 25 -2.49 -4.62 -1.10
N THR A 26 -3.09 -3.51 -1.52
CA THR A 26 -2.76 -2.90 -2.80
C THR A 26 -3.29 -1.48 -2.90
N LEU A 27 -2.39 -0.52 -3.04
CA LEU A 27 -2.77 0.88 -3.14
C LEU A 27 -2.46 1.44 -4.53
N GLN A 28 -3.45 2.10 -5.13
CA GLN A 28 -3.27 2.68 -6.46
C GLN A 28 -3.36 4.20 -6.41
N CYS A 29 -2.82 4.85 -7.43
CA CYS A 29 -2.84 6.31 -7.49
C CYS A 29 -2.37 6.80 -8.87
N GLU A 30 -2.79 8.00 -9.23
CA GLU A 30 -2.41 8.59 -10.52
C GLU A 30 -1.87 10.00 -10.34
N LEU A 31 -0.88 10.35 -11.16
CA LEU A 31 -0.28 11.67 -11.10
C LEU A 31 -0.64 12.50 -12.33
N SER A 32 -0.41 13.80 -12.24
CA SER A 32 -0.72 14.71 -13.35
C SER A 32 0.15 14.40 -14.57
N LYS A 33 1.21 13.63 -14.34
CA LYS A 33 2.13 13.25 -15.42
C LYS A 33 3.17 12.26 -14.92
N ALA A 34 3.55 11.32 -15.78
CA ALA A 34 4.54 10.32 -15.44
C ALA A 34 5.65 10.92 -14.58
N ALA A 35 5.86 10.34 -13.40
CA ALA A 35 6.90 10.81 -12.49
C ALA A 35 7.11 9.83 -11.34
N PRO A 36 8.35 9.80 -10.81
CA PRO A 36 8.70 8.90 -9.71
C PRO A 36 8.06 9.32 -8.39
N VAL A 37 7.91 8.36 -7.48
CA VAL A 37 7.31 8.63 -6.18
C VAL A 37 7.93 7.75 -5.09
N GLU A 38 7.95 8.26 -3.88
CA GLU A 38 8.51 7.53 -2.74
C GLU A 38 7.42 7.12 -1.76
N TRP A 39 7.43 5.85 -1.37
CA TRP A 39 6.43 5.33 -0.42
C TRP A 39 7.03 5.20 0.97
N ARG A 40 6.29 5.67 1.97
CA ARG A 40 6.74 5.61 3.36
C ARG A 40 5.62 5.17 4.28
N LYS A 41 5.97 4.74 5.48
CA LYS A 41 4.99 4.29 6.46
C LYS A 41 5.22 4.96 7.81
N GLY A 42 4.26 5.77 8.24
CA GLY A 42 4.37 6.47 9.51
C GLY A 42 5.74 7.10 9.70
N LEU A 43 6.55 6.50 10.56
CA LEU A 43 7.89 7.01 10.83
C LEU A 43 8.95 6.09 10.26
N GLU A 44 8.69 5.55 9.07
CA GLU A 44 9.63 4.64 8.43
C GLU A 44 9.66 4.89 6.92
N ALA A 45 10.64 4.30 6.25
CA ALA A 45 10.79 4.46 4.80
C ALA A 45 10.67 3.11 4.09
N LEU A 46 10.06 3.12 2.91
CA LEU A 46 9.89 1.90 2.13
C LEU A 46 10.72 1.95 0.86
N ARG A 47 11.15 0.78 0.38
CA ARG A 47 11.94 0.68 -0.83
C ARG A 47 11.52 -0.53 -1.67
N ASP A 48 12.05 -0.60 -2.88
CA ASP A 48 11.73 -1.70 -3.79
C ASP A 48 12.48 -2.96 -3.38
N GLY A 49 11.74 -4.03 -3.11
CA GLY A 49 12.35 -5.29 -2.71
C GLY A 49 11.42 -6.47 -2.86
N ASP A 50 11.56 -7.45 -1.97
CA ASP A 50 10.71 -8.63 -2.01
C ASP A 50 9.46 -8.44 -1.17
N LYS A 51 9.63 -7.84 0.01
CA LYS A 51 8.50 -7.58 0.90
C LYS A 51 7.44 -6.73 0.22
N TYR A 52 7.88 -5.63 -0.39
CA TYR A 52 6.97 -4.72 -1.08
C TYR A 52 7.12 -4.85 -2.59
N SER A 53 6.06 -4.51 -3.32
CA SER A 53 6.06 -4.58 -4.78
C SER A 53 5.69 -3.24 -5.38
N LEU A 54 6.69 -2.51 -5.87
CA LEU A 54 6.46 -1.21 -6.49
C LEU A 54 6.23 -1.35 -7.99
N ARG A 55 5.10 -0.85 -8.46
CA ARG A 55 4.77 -0.92 -9.89
C ARG A 55 4.54 0.47 -10.46
N GLN A 56 4.85 0.65 -11.74
CA GLN A 56 4.68 1.93 -12.40
C GLN A 56 4.68 1.77 -13.92
N ASP A 57 3.56 2.12 -14.54
CA ASP A 57 3.42 2.02 -15.99
C ASP A 57 3.26 3.40 -16.63
N GLY A 58 4.02 4.36 -16.13
CA GLY A 58 3.94 5.71 -16.66
C GLY A 58 3.56 6.73 -15.61
N ALA A 59 2.25 6.94 -15.45
CA ALA A 59 1.76 7.90 -14.48
C ALA A 59 0.99 7.20 -13.36
N VAL A 60 0.72 5.91 -13.56
CA VAL A 60 -0.02 5.11 -12.58
C VAL A 60 0.94 4.32 -11.69
N CYS A 61 0.82 4.51 -10.39
CA CYS A 61 1.67 3.80 -9.43
C CYS A 61 0.85 2.83 -8.59
N GLU A 62 1.48 1.72 -8.21
CA GLU A 62 0.81 0.71 -7.39
C GLU A 62 1.78 0.08 -6.40
N LEU A 63 1.35 -0.01 -5.14
CA LEU A 63 2.19 -0.59 -4.09
C LEU A 63 1.48 -1.78 -3.44
N GLN A 64 2.15 -2.94 -3.48
CA GLN A 64 1.59 -4.14 -2.88
C GLN A 64 2.37 -4.56 -1.64
N ILE A 65 1.64 -4.78 -0.54
CA ILE A 65 2.26 -5.18 0.70
C ILE A 65 2.07 -6.67 0.97
N HIS A 66 3.05 -7.46 0.57
CA HIS A 66 2.99 -8.91 0.76
C HIS A 66 2.95 -9.26 2.24
N GLY A 67 1.80 -9.74 2.70
CA GLY A 67 1.65 -10.11 4.10
C GLY A 67 1.15 -8.95 4.95
N LEU A 68 -0.06 -9.08 5.46
CA LEU A 68 -0.66 -8.04 6.30
C LEU A 68 -0.81 -8.52 7.74
N ALA A 69 -0.81 -7.57 8.68
CA ALA A 69 -0.95 -7.88 10.09
C ALA A 69 -1.40 -6.67 10.88
N MET A 70 -1.53 -6.84 12.19
CA MET A 70 -1.95 -5.75 13.07
C MET A 70 -0.84 -4.73 13.25
N ALA A 71 0.35 -5.07 12.74
CA ALA A 71 1.50 -4.17 12.84
C ALA A 71 1.62 -3.30 11.60
N ASP A 72 0.96 -3.71 10.53
CA ASP A 72 1.00 -2.96 9.27
C ASP A 72 0.02 -1.79 9.30
N ASN A 73 -0.96 -1.88 10.21
CA ASN A 73 -1.96 -0.83 10.35
C ASN A 73 -1.29 0.54 10.57
N GLY A 74 -1.73 1.54 9.82
CA GLY A 74 -1.17 2.87 9.96
C GLY A 74 -1.60 3.80 8.84
N VAL A 75 -0.65 4.56 8.30
CA VAL A 75 -0.94 5.49 7.22
C VAL A 75 0.23 5.59 6.25
N TYR A 76 0.03 5.10 5.03
CA TYR A 76 1.06 5.13 4.01
C TYR A 76 1.06 6.46 3.26
N SER A 77 2.24 6.97 2.95
CA SER A 77 2.37 8.23 2.23
C SER A 77 2.89 8.00 0.82
N CYS A 78 2.46 8.85 -0.11
CA CYS A 78 2.87 8.75 -1.50
C CYS A 78 3.26 10.11 -2.06
N VAL A 79 4.51 10.51 -1.79
CA VAL A 79 5.01 11.80 -2.26
C VAL A 79 5.81 11.63 -3.55
N CYS A 80 5.61 12.55 -4.48
CA CYS A 80 6.32 12.50 -5.76
C CYS A 80 7.49 13.48 -5.76
N GLY A 81 7.33 14.61 -5.08
CA GLY A 81 8.37 15.60 -5.01
C GLY A 81 8.03 16.75 -4.09
N GLN A 82 7.11 17.61 -4.51
CA GLN A 82 6.70 18.75 -3.70
C GLN A 82 5.49 18.39 -2.84
N GLU A 83 4.44 17.89 -3.47
CA GLU A 83 3.22 17.52 -2.76
C GLU A 83 3.27 16.04 -2.35
N ARG A 84 2.34 15.66 -1.49
CA ARG A 84 2.26 14.28 -1.02
C ARG A 84 0.83 13.89 -0.68
N THR A 85 0.53 12.60 -0.76
CA THR A 85 -0.81 12.11 -0.45
C THR A 85 -0.75 10.77 0.29
N SER A 86 -1.28 10.75 1.50
CA SER A 86 -1.28 9.54 2.31
C SER A 86 -2.69 8.97 2.45
N ALA A 87 -2.79 7.73 2.90
CA ALA A 87 -4.09 7.08 3.08
C ALA A 87 -4.07 6.16 4.29
N THR A 88 -5.25 5.72 4.71
CA THR A 88 -5.38 4.83 5.86
C THR A 88 -5.73 3.41 5.42
N LEU A 89 -4.99 2.44 5.94
CA LEU A 89 -5.23 1.04 5.60
C LEU A 89 -5.81 0.28 6.79
N THR A 90 -7.05 -0.17 6.65
CA THR A 90 -7.72 -0.92 7.71
C THR A 90 -7.50 -2.41 7.57
N VAL A 91 -6.83 -3.00 8.54
CA VAL A 91 -6.55 -4.44 8.53
C VAL A 91 -7.34 -5.17 9.60
N ARG A 92 -8.22 -6.07 9.18
CA ARG A 92 -9.05 -6.83 10.12
C ARG A 92 -8.39 -8.17 10.45
N ALA A 93 -8.21 -8.44 11.74
CA ALA A 93 -7.59 -9.67 12.19
C ALA A 93 -8.54 -10.86 11.97
N LEU A 94 -8.02 -11.90 11.32
CA LEU A 94 -8.81 -13.10 11.06
C LEU A 94 -9.21 -13.79 12.35
N PRO A 95 -10.36 -14.48 12.32
CA PRO A 95 -10.88 -15.20 13.49
C PRO A 95 -10.04 -16.43 13.82
N ALA A 96 -10.13 -16.87 15.07
CA ALA A 96 -9.38 -18.04 15.52
C ALA A 96 -10.27 -19.27 15.60
N ARG A 97 -10.34 -20.01 14.50
CA ARG A 97 -11.17 -21.21 14.45
C ARG A 97 -10.34 -22.46 14.75
N PHE A 98 -10.69 -23.16 15.82
CA PHE A 98 -9.98 -24.36 16.22
C PHE A 98 -10.62 -25.61 15.59
N ILE A 99 -9.84 -26.31 14.78
CA ILE A 99 -10.33 -27.52 14.11
C ILE A 99 -10.79 -28.55 15.13
N GLU A 100 -11.75 -29.39 14.73
CA GLU A 100 -12.27 -30.42 15.60
C GLU A 100 -11.88 -31.81 15.11
N ASP A 101 -10.89 -32.41 15.75
CA ASP A 101 -10.43 -33.73 15.37
C ASP A 101 -10.86 -34.78 16.40
N SER A 102 -11.68 -35.73 15.95
CA SER A 102 -12.18 -36.78 16.84
C SER A 102 -12.38 -38.08 16.06
N GLY A 103 -12.05 -39.20 16.69
CA GLY A 103 -12.20 -40.49 16.06
C GLY A 103 -11.92 -41.64 17.00
N PRO A 104 -12.93 -42.04 17.78
CA PRO A 104 -12.82 -43.13 18.74
C PRO A 104 -12.70 -44.49 18.06
N SER A 105 -11.99 -45.41 18.71
CA SER A 105 -11.80 -46.75 18.17
C SER A 105 -12.88 -47.71 18.66
N SER A 106 -13.20 -47.60 19.95
CA SER A 106 -14.22 -48.46 20.55
C SER A 106 -14.87 -47.78 21.74
N GLY A 107 -16.15 -48.07 21.97
CA GLY A 107 -16.86 -47.48 23.08
C GLY A 107 -18.32 -47.86 23.09
N GLY A 1 20.01 30.15 -16.98
CA GLY A 1 19.28 28.91 -17.14
C GLY A 1 19.89 27.76 -16.35
N SER A 2 19.44 27.61 -15.10
CA SER A 2 19.96 26.55 -14.24
C SER A 2 19.10 25.30 -14.34
N SER A 3 17.79 25.49 -14.31
CA SER A 3 16.85 24.37 -14.40
C SER A 3 15.47 24.85 -14.82
N GLY A 4 14.75 24.00 -15.55
CA GLY A 4 13.42 24.35 -16.01
C GLY A 4 12.34 23.85 -15.08
N SER A 5 11.13 23.70 -15.60
CA SER A 5 10.00 23.24 -14.81
C SER A 5 9.84 21.72 -14.93
N SER A 6 9.71 21.05 -13.79
CA SER A 6 9.55 19.60 -13.77
C SER A 6 8.83 19.15 -12.50
N GLY A 7 8.13 18.02 -12.60
CA GLY A 7 7.39 17.51 -11.46
C GLY A 7 5.95 17.16 -11.80
N ALA A 8 5.23 16.62 -10.82
CA ALA A 8 3.84 16.24 -11.03
C ALA A 8 3.01 16.46 -9.76
N ARG A 9 1.75 16.81 -9.94
CA ARG A 9 0.86 17.05 -8.81
C ARG A 9 -0.22 15.97 -8.73
N PHE A 10 -0.54 15.56 -7.50
CA PHE A 10 -1.55 14.54 -7.28
C PHE A 10 -2.93 15.03 -7.73
N THR A 11 -3.33 14.66 -8.93
CA THR A 11 -4.62 15.06 -9.47
C THR A 11 -5.71 14.05 -9.11
N GLU A 12 -5.28 12.85 -8.75
CA GLU A 12 -6.22 11.79 -8.38
C GLU A 12 -6.17 11.50 -6.89
N GLY A 13 -4.96 11.44 -6.34
CA GLY A 13 -4.78 11.18 -4.93
C GLY A 13 -5.08 9.74 -4.57
N LEU A 14 -4.52 9.27 -3.45
CA LEU A 14 -4.73 7.91 -2.99
C LEU A 14 -6.12 7.74 -2.38
N ARG A 15 -6.73 6.59 -2.63
CA ARG A 15 -8.06 6.31 -2.10
C ARG A 15 -7.99 5.34 -0.92
N ASN A 16 -9.03 5.34 -0.09
CA ASN A 16 -9.08 4.46 1.07
C ASN A 16 -9.03 3.00 0.65
N GLU A 17 -8.44 2.16 1.51
CA GLU A 17 -8.34 0.74 1.23
C GLU A 17 -8.91 -0.09 2.38
N GLU A 18 -8.86 -1.41 2.23
CA GLU A 18 -9.38 -2.31 3.25
C GLU A 18 -9.11 -3.77 2.88
N ALA A 19 -8.52 -4.50 3.82
CA ALA A 19 -8.20 -5.91 3.61
C ALA A 19 -8.01 -6.65 4.93
N MET A 20 -8.10 -7.97 4.89
CA MET A 20 -7.95 -8.78 6.08
C MET A 20 -6.48 -8.85 6.50
N GLU A 21 -6.21 -9.61 7.56
CA GLU A 21 -4.85 -9.75 8.07
C GLU A 21 -4.11 -10.88 7.35
N GLY A 22 -2.83 -10.65 7.07
CA GLY A 22 -2.03 -11.66 6.39
C GLY A 22 -2.15 -11.57 4.89
N ALA A 23 -3.26 -11.02 4.41
CA ALA A 23 -3.49 -10.87 2.98
C ALA A 23 -2.59 -9.78 2.38
N THR A 24 -2.67 -9.62 1.07
CA THR A 24 -1.86 -8.62 0.38
C THR A 24 -2.73 -7.47 -0.14
N ALA A 25 -2.51 -6.28 0.40
CA ALA A 25 -3.27 -5.10 -0.01
C ALA A 25 -2.79 -4.58 -1.35
N THR A 26 -3.43 -3.53 -1.83
CA THR A 26 -3.07 -2.93 -3.13
C THR A 26 -3.61 -1.51 -3.23
N LEU A 27 -2.73 -0.57 -3.56
CA LEU A 27 -3.11 0.82 -3.70
C LEU A 27 -2.90 1.30 -5.14
N GLN A 28 -3.65 2.33 -5.54
CA GLN A 28 -3.53 2.87 -6.88
C GLN A 28 -3.73 4.39 -6.86
N CYS A 29 -2.99 5.09 -7.72
CA CYS A 29 -3.08 6.54 -7.81
C CYS A 29 -2.65 7.04 -9.18
N GLU A 30 -3.03 8.26 -9.51
CA GLU A 30 -2.68 8.86 -10.80
C GLU A 30 -2.01 10.22 -10.61
N LEU A 31 -1.03 10.52 -11.46
CA LEU A 31 -0.32 11.78 -11.39
C LEU A 31 -0.49 12.57 -12.69
N SER A 32 -0.58 13.90 -12.56
CA SER A 32 -0.74 14.76 -13.73
C SER A 32 0.14 14.31 -14.88
N LYS A 33 1.28 13.71 -14.54
CA LYS A 33 2.23 13.23 -15.53
C LYS A 33 3.20 12.23 -14.93
N ALA A 34 3.67 11.29 -15.74
CA ALA A 34 4.62 10.28 -15.29
C ALA A 34 5.77 10.93 -14.50
N ALA A 35 5.98 10.44 -13.28
CA ALA A 35 7.05 10.97 -12.43
C ALA A 35 7.36 9.99 -11.30
N PRO A 36 8.65 9.97 -10.89
CA PRO A 36 9.10 9.09 -9.81
C PRO A 36 8.58 9.52 -8.44
N VAL A 37 8.13 8.54 -7.66
CA VAL A 37 7.61 8.82 -6.33
C VAL A 37 8.27 7.94 -5.27
N GLU A 38 7.87 8.12 -4.02
CA GLU A 38 8.44 7.35 -2.92
C GLU A 38 7.38 7.08 -1.85
N TRP A 39 7.28 5.82 -1.43
CA TRP A 39 6.30 5.44 -0.41
C TRP A 39 6.97 5.31 0.96
N ARG A 40 6.27 5.72 2.00
CA ARG A 40 6.79 5.66 3.36
C ARG A 40 5.75 5.06 4.32
N LYS A 41 6.22 4.19 5.22
CA LYS A 41 5.33 3.56 6.19
C LYS A 41 5.71 3.96 7.61
N GLY A 42 4.77 4.56 8.32
CA GLY A 42 5.03 4.98 9.69
C GLY A 42 6.34 5.72 9.84
N LEU A 43 6.54 6.74 9.01
CA LEU A 43 7.77 7.53 9.04
C LEU A 43 8.98 6.67 8.74
N GLU A 44 8.82 5.74 7.79
CA GLU A 44 9.91 4.84 7.42
C GLU A 44 10.14 4.90 5.91
N ALA A 45 11.37 4.57 5.50
CA ALA A 45 11.73 4.57 4.09
C ALA A 45 11.52 3.20 3.46
N LEU A 46 10.42 3.04 2.74
CA LEU A 46 10.10 1.78 2.08
C LEU A 46 11.01 1.54 0.88
N ARG A 47 11.43 0.29 0.70
CA ARG A 47 12.31 -0.06 -0.40
C ARG A 47 11.74 -1.25 -1.18
N ASP A 48 11.83 -1.16 -2.51
CA ASP A 48 11.32 -2.22 -3.38
C ASP A 48 12.16 -3.48 -3.25
N GLY A 49 11.50 -4.61 -3.01
CA GLY A 49 12.20 -5.87 -2.87
C GLY A 49 11.27 -7.07 -2.88
N ASP A 50 11.04 -7.65 -1.72
CA ASP A 50 10.15 -8.81 -1.60
C ASP A 50 8.89 -8.45 -0.82
N LYS A 51 9.08 -7.93 0.38
CA LYS A 51 7.95 -7.54 1.23
C LYS A 51 6.98 -6.63 0.48
N TYR A 52 7.54 -5.73 -0.33
CA TYR A 52 6.72 -4.80 -1.11
C TYR A 52 6.99 -4.96 -2.59
N SER A 53 5.98 -4.67 -3.40
CA SER A 53 6.10 -4.78 -4.86
C SER A 53 5.79 -3.44 -5.53
N LEU A 54 6.83 -2.64 -5.74
CA LEU A 54 6.66 -1.34 -6.38
C LEU A 54 6.55 -1.49 -7.89
N ARG A 55 5.47 -0.96 -8.45
CA ARG A 55 5.23 -1.03 -9.89
C ARG A 55 4.35 0.12 -10.35
N GLN A 56 4.86 0.92 -11.27
CA GLN A 56 4.12 2.06 -11.79
C GLN A 56 4.24 2.15 -13.32
N ASP A 57 3.11 2.14 -14.00
CA ASP A 57 3.09 2.21 -15.46
C ASP A 57 2.88 3.66 -15.93
N GLY A 58 3.96 4.42 -15.95
CA GLY A 58 3.88 5.80 -16.39
C GLY A 58 3.47 6.74 -15.26
N ALA A 59 2.25 7.24 -15.33
CA ALA A 59 1.73 8.16 -14.32
C ALA A 59 0.87 7.41 -13.31
N VAL A 60 0.73 6.10 -13.49
CA VAL A 60 -0.06 5.27 -12.60
C VAL A 60 0.83 4.45 -11.68
N CYS A 61 0.88 4.82 -10.40
CA CYS A 61 1.69 4.10 -9.43
C CYS A 61 0.82 3.18 -8.57
N GLU A 62 1.35 1.99 -8.27
CA GLU A 62 0.62 1.02 -7.46
C GLU A 62 1.57 0.29 -6.51
N LEU A 63 1.25 0.32 -5.22
CA LEU A 63 2.07 -0.34 -4.21
C LEU A 63 1.35 -1.54 -3.62
N GLN A 64 2.05 -2.67 -3.53
CA GLN A 64 1.47 -3.89 -2.99
C GLN A 64 2.21 -4.33 -1.73
N ILE A 65 1.46 -4.62 -0.67
CA ILE A 65 2.05 -5.05 0.59
C ILE A 65 1.81 -6.54 0.83
N HIS A 66 2.89 -7.31 0.88
CA HIS A 66 2.79 -8.74 1.11
C HIS A 66 2.82 -9.06 2.60
N GLY A 67 2.00 -10.02 3.01
CA GLY A 67 1.95 -10.41 4.41
C GLY A 67 1.43 -9.29 5.30
N LEU A 68 0.11 -9.11 5.32
CA LEU A 68 -0.50 -8.07 6.13
C LEU A 68 -0.49 -8.45 7.61
N ALA A 69 -0.61 -7.44 8.47
CA ALA A 69 -0.62 -7.68 9.91
C ALA A 69 -1.15 -6.46 10.66
N MET A 70 -1.43 -6.63 11.95
CA MET A 70 -1.94 -5.55 12.78
C MET A 70 -1.04 -4.33 12.66
N ALA A 71 0.22 -4.47 13.07
CA ALA A 71 1.17 -3.37 13.00
C ALA A 71 1.39 -2.92 11.57
N ASP A 72 0.89 -3.70 10.62
CA ASP A 72 1.03 -3.38 9.20
C ASP A 72 0.06 -2.26 8.81
N ASN A 73 -0.99 -2.08 9.59
CA ASN A 73 -2.00 -1.06 9.33
C ASN A 73 -1.52 0.30 9.82
N GLY A 74 -1.98 1.36 9.15
CA GLY A 74 -1.60 2.70 9.55
C GLY A 74 -1.91 3.72 8.47
N VAL A 75 -1.26 4.89 8.56
CA VAL A 75 -1.47 5.95 7.59
C VAL A 75 -0.30 6.03 6.60
N TYR A 76 -0.48 5.44 5.44
CA TYR A 76 0.56 5.44 4.42
C TYR A 76 0.77 6.85 3.86
N SER A 77 1.88 7.03 3.16
CA SER A 77 2.21 8.33 2.58
C SER A 77 2.96 8.16 1.25
N CYS A 78 2.64 9.02 0.29
CA CYS A 78 3.28 8.97 -1.02
C CYS A 78 3.85 10.33 -1.40
N VAL A 79 5.16 10.48 -1.24
CA VAL A 79 5.82 11.74 -1.56
C VAL A 79 6.33 11.72 -3.00
N CYS A 80 5.82 12.64 -3.81
CA CYS A 80 6.22 12.74 -5.21
C CYS A 80 7.22 13.89 -5.41
N GLY A 81 6.98 15.00 -4.72
CA GLY A 81 7.85 16.15 -4.84
C GLY A 81 7.59 17.18 -3.76
N GLN A 82 6.76 18.16 -4.08
CA GLN A 82 6.44 19.22 -3.12
C GLN A 82 5.27 18.82 -2.24
N GLU A 83 4.32 18.08 -2.81
CA GLU A 83 3.15 17.63 -2.06
C GLU A 83 3.18 16.12 -1.88
N ARG A 84 2.33 15.62 -0.99
CA ARG A 84 2.25 14.19 -0.71
C ARG A 84 0.86 13.80 -0.21
N THR A 85 0.40 12.62 -0.61
CA THR A 85 -0.91 12.13 -0.20
C THR A 85 -0.78 11.03 0.85
N SER A 86 -1.82 10.90 1.69
CA SER A 86 -1.83 9.88 2.73
C SER A 86 -3.17 9.16 2.78
N ALA A 87 -3.12 7.86 3.06
CA ALA A 87 -4.34 7.06 3.14
C ALA A 87 -4.40 6.28 4.45
N THR A 88 -5.41 5.44 4.59
CA THR A 88 -5.58 4.63 5.79
C THR A 88 -5.93 3.19 5.45
N LEU A 89 -5.10 2.26 5.90
CA LEU A 89 -5.33 0.84 5.64
C LEU A 89 -5.91 0.14 6.87
N THR A 90 -7.09 -0.44 6.70
CA THR A 90 -7.75 -1.13 7.79
C THR A 90 -7.53 -2.64 7.70
N VAL A 91 -6.71 -3.17 8.60
CA VAL A 91 -6.41 -4.59 8.62
C VAL A 91 -7.23 -5.31 9.69
N ARG A 92 -7.95 -6.36 9.28
CA ARG A 92 -8.77 -7.12 10.21
C ARG A 92 -8.07 -8.42 10.60
N ALA A 93 -8.03 -8.69 11.91
CA ALA A 93 -7.39 -9.89 12.43
C ALA A 93 -8.30 -11.11 12.27
N LEU A 94 -7.73 -12.21 11.81
CA LEU A 94 -8.49 -13.44 11.61
C LEU A 94 -8.81 -14.10 12.94
N PRO A 95 -9.97 -14.76 13.02
CA PRO A 95 -10.42 -15.46 14.23
C PRO A 95 -9.59 -16.70 14.52
N ALA A 96 -9.27 -16.91 15.79
CA ALA A 96 -8.48 -18.07 16.21
C ALA A 96 -9.37 -19.29 16.40
N ARG A 97 -9.36 -20.18 15.43
CA ARG A 97 -10.16 -21.40 15.49
C ARG A 97 -9.27 -22.64 15.56
N PHE A 98 -9.12 -23.20 16.76
CA PHE A 98 -8.30 -24.38 16.96
C PHE A 98 -9.16 -25.60 17.27
N ILE A 99 -9.58 -26.31 16.22
CA ILE A 99 -10.41 -27.49 16.38
C ILE A 99 -9.59 -28.66 16.92
N GLU A 100 -10.28 -29.61 17.55
CA GLU A 100 -9.63 -30.78 18.11
C GLU A 100 -9.99 -32.04 17.32
N ASP A 101 -9.19 -33.09 17.50
CA ASP A 101 -9.43 -34.35 16.81
C ASP A 101 -10.56 -35.14 17.47
N SER A 102 -11.78 -34.96 16.98
CA SER A 102 -12.94 -35.64 17.53
C SER A 102 -13.56 -36.57 16.49
N GLY A 103 -14.17 -37.66 16.96
CA GLY A 103 -14.79 -38.60 16.07
C GLY A 103 -15.32 -39.84 16.79
N PRO A 104 -16.45 -39.67 17.49
CA PRO A 104 -17.07 -40.76 18.23
C PRO A 104 -17.68 -41.83 17.32
N SER A 105 -18.21 -42.89 17.92
CA SER A 105 -18.82 -43.98 17.17
C SER A 105 -19.79 -44.77 18.03
N SER A 106 -20.61 -45.59 17.38
CA SER A 106 -21.58 -46.41 18.10
C SER A 106 -20.96 -47.09 19.31
N GLY A 107 -19.83 -47.77 19.07
CA GLY A 107 -19.14 -48.46 20.15
C GLY A 107 -19.04 -49.95 19.91
N GLY A 1 15.40 22.56 -14.79
CA GLY A 1 15.18 23.64 -15.74
C GLY A 1 16.05 23.50 -16.98
N SER A 2 16.02 22.32 -17.58
CA SER A 2 16.81 22.07 -18.78
C SER A 2 15.98 22.29 -20.05
N SER A 3 14.79 21.68 -20.07
CA SER A 3 13.90 21.80 -21.22
C SER A 3 12.48 22.14 -20.77
N GLY A 4 12.00 21.43 -19.75
CA GLY A 4 10.67 21.67 -19.23
C GLY A 4 10.56 21.41 -17.75
N SER A 5 9.57 22.04 -17.12
CA SER A 5 9.36 21.88 -15.67
C SER A 5 9.40 20.41 -15.27
N SER A 6 10.11 20.11 -14.20
CA SER A 6 10.24 18.74 -13.71
C SER A 6 9.36 18.52 -12.48
N GLY A 7 8.57 17.45 -12.51
CA GLY A 7 7.70 17.14 -11.39
C GLY A 7 6.24 17.11 -11.78
N ALA A 8 5.45 16.30 -11.08
CA ALA A 8 4.03 16.18 -11.37
C ALA A 8 3.19 16.52 -10.14
N ARG A 9 1.88 16.54 -10.31
CA ARG A 9 0.97 16.85 -9.21
C ARG A 9 -0.11 15.78 -9.08
N PHE A 10 -0.50 15.48 -7.84
CA PHE A 10 -1.52 14.47 -7.59
C PHE A 10 -2.89 14.96 -8.03
N THR A 11 -3.42 14.37 -9.10
CA THR A 11 -4.72 14.74 -9.62
C THR A 11 -5.81 13.78 -9.15
N GLU A 12 -5.39 12.64 -8.62
CA GLU A 12 -6.32 11.63 -8.14
C GLU A 12 -6.17 11.43 -6.63
N GLY A 13 -4.92 11.39 -6.17
CA GLY A 13 -4.66 11.20 -4.75
C GLY A 13 -5.04 9.82 -4.27
N LEU A 14 -4.36 9.35 -3.23
CA LEU A 14 -4.63 8.03 -2.67
C LEU A 14 -6.05 7.95 -2.12
N ARG A 15 -6.53 6.73 -1.90
CA ARG A 15 -7.86 6.51 -1.38
C ARG A 15 -7.84 5.49 -0.24
N ASN A 16 -8.86 5.54 0.61
CA ASN A 16 -8.96 4.62 1.74
C ASN A 16 -8.88 3.17 1.26
N GLU A 17 -8.07 2.37 1.95
CA GLU A 17 -7.91 0.96 1.60
C GLU A 17 -8.18 0.07 2.80
N GLU A 18 -8.75 -1.10 2.55
CA GLU A 18 -9.06 -2.05 3.61
C GLU A 18 -8.73 -3.48 3.19
N ALA A 19 -8.06 -4.21 4.06
CA ALA A 19 -7.69 -5.60 3.78
C ALA A 19 -7.67 -6.43 5.05
N MET A 20 -7.64 -7.75 4.89
CA MET A 20 -7.63 -8.66 6.02
C MET A 20 -6.19 -8.96 6.46
N GLU A 21 -6.05 -9.70 7.56
CA GLU A 21 -4.75 -10.05 8.08
C GLU A 21 -4.04 -11.05 7.17
N GLY A 22 -2.75 -10.82 6.94
CA GLY A 22 -1.98 -11.72 6.07
C GLY A 22 -2.34 -11.56 4.61
N ALA A 23 -3.26 -10.64 4.32
CA ALA A 23 -3.70 -10.41 2.95
C ALA A 23 -2.66 -9.58 2.19
N THR A 24 -2.96 -9.28 0.93
CA THR A 24 -2.06 -8.50 0.09
C THR A 24 -2.71 -7.18 -0.34
N ALA A 25 -2.50 -6.14 0.46
CA ALA A 25 -3.06 -4.84 0.16
C ALA A 25 -2.65 -4.37 -1.23
N THR A 26 -3.18 -3.22 -1.65
CA THR A 26 -2.88 -2.66 -2.95
C THR A 26 -3.36 -1.23 -3.07
N LEU A 27 -2.41 -0.29 -3.18
CA LEU A 27 -2.74 1.12 -3.29
C LEU A 27 -2.53 1.61 -4.72
N GLN A 28 -3.41 2.49 -5.17
CA GLN A 28 -3.32 3.04 -6.52
C GLN A 28 -3.41 4.57 -6.50
N CYS A 29 -2.58 5.21 -7.31
CA CYS A 29 -2.57 6.67 -7.38
C CYS A 29 -2.20 7.14 -8.78
N GLU A 30 -2.98 8.10 -9.30
CA GLU A 30 -2.74 8.63 -10.64
C GLU A 30 -2.14 10.03 -10.56
N LEU A 31 -1.19 10.31 -11.44
CA LEU A 31 -0.54 11.62 -11.47
C LEU A 31 -0.67 12.25 -12.86
N SER A 32 -0.99 13.54 -12.89
CA SER A 32 -1.15 14.26 -14.14
C SER A 32 0.01 13.96 -15.09
N LYS A 33 1.14 13.57 -14.52
CA LYS A 33 2.34 13.24 -15.31
C LYS A 33 3.00 11.97 -14.79
N ALA A 34 4.00 11.49 -15.52
CA ALA A 34 4.72 10.28 -15.13
C ALA A 34 5.98 10.62 -14.35
N ALA A 35 5.91 10.50 -13.02
CA ALA A 35 7.04 10.79 -12.15
C ALA A 35 7.16 9.76 -11.05
N PRO A 36 8.41 9.47 -10.64
CA PRO A 36 8.70 8.50 -9.58
C PRO A 36 8.25 8.99 -8.21
N VAL A 37 7.41 8.20 -7.55
CA VAL A 37 6.92 8.55 -6.22
C VAL A 37 7.52 7.64 -5.15
N GLU A 38 7.49 8.11 -3.91
CA GLU A 38 8.03 7.33 -2.79
C GLU A 38 6.95 7.08 -1.74
N TRP A 39 6.92 5.86 -1.21
CA TRP A 39 5.95 5.48 -0.20
C TRP A 39 6.59 5.42 1.18
N ARG A 40 5.93 6.04 2.16
CA ARG A 40 6.44 6.06 3.53
C ARG A 40 5.32 5.78 4.53
N LYS A 41 5.67 5.09 5.62
CA LYS A 41 4.70 4.75 6.65
C LYS A 41 4.98 5.54 7.93
N GLY A 42 4.30 6.66 8.09
CA GLY A 42 4.48 7.48 9.28
C GLY A 42 5.92 7.98 9.42
N LEU A 43 6.77 7.16 9.99
CA LEU A 43 8.18 7.52 10.17
C LEU A 43 9.10 6.41 9.71
N GLU A 44 8.73 5.75 8.61
CA GLU A 44 9.53 4.67 8.06
C GLU A 44 9.77 4.87 6.57
N ALA A 45 10.93 4.42 6.10
CA ALA A 45 11.29 4.55 4.70
C ALA A 45 11.12 3.23 3.96
N LEU A 46 10.02 3.08 3.24
CA LEU A 46 9.75 1.85 2.49
C LEU A 46 10.51 1.85 1.17
N ARG A 47 10.84 0.66 0.68
CA ARG A 47 11.57 0.51 -0.57
C ARG A 47 11.05 -0.69 -1.36
N ASP A 48 11.53 -0.82 -2.59
CA ASP A 48 11.12 -1.93 -3.45
C ASP A 48 12.10 -3.08 -3.37
N GLY A 49 11.59 -4.30 -3.45
CA GLY A 49 12.44 -5.48 -3.37
C GLY A 49 11.66 -6.77 -3.24
N ASP A 50 11.47 -7.21 -2.01
CA ASP A 50 10.73 -8.44 -1.75
C ASP A 50 9.48 -8.15 -0.92
N LYS A 51 9.66 -7.53 0.24
CA LYS A 51 8.56 -7.20 1.13
C LYS A 51 7.47 -6.43 0.37
N TYR A 52 7.87 -5.35 -0.27
CA TYR A 52 6.94 -4.52 -1.04
C TYR A 52 7.16 -4.69 -2.53
N SER A 53 6.07 -4.92 -3.26
CA SER A 53 6.14 -5.11 -4.71
C SER A 53 5.70 -3.84 -5.43
N LEU A 54 6.63 -2.92 -5.62
CA LEU A 54 6.35 -1.66 -6.29
C LEU A 54 6.17 -1.88 -7.80
N ARG A 55 5.09 -1.31 -8.34
CA ARG A 55 4.80 -1.45 -9.76
C ARG A 55 4.29 -0.14 -10.34
N GLN A 56 5.09 0.50 -11.17
CA GLN A 56 4.72 1.77 -11.79
C GLN A 56 4.45 1.59 -13.27
N ASP A 57 3.34 2.13 -13.75
CA ASP A 57 2.98 2.04 -15.16
C ASP A 57 2.70 3.42 -15.75
N GLY A 58 3.76 4.22 -15.88
CA GLY A 58 3.62 5.55 -16.43
C GLY A 58 3.19 6.56 -15.38
N ALA A 59 1.97 7.07 -15.50
CA ALA A 59 1.45 8.05 -14.56
C ALA A 59 0.58 7.38 -13.49
N VAL A 60 0.64 6.05 -13.43
CA VAL A 60 -0.13 5.30 -12.46
C VAL A 60 0.77 4.38 -11.64
N CYS A 61 0.87 4.67 -10.34
CA CYS A 61 1.69 3.87 -9.44
C CYS A 61 0.86 2.82 -8.72
N GLU A 62 1.52 1.79 -8.22
CA GLU A 62 0.83 0.71 -7.50
C GLU A 62 1.77 0.05 -6.50
N LEU A 63 1.31 -0.05 -5.26
CA LEU A 63 2.11 -0.66 -4.19
C LEU A 63 1.38 -1.86 -3.60
N GLN A 64 2.10 -2.97 -3.46
CA GLN A 64 1.52 -4.19 -2.91
C GLN A 64 2.28 -4.63 -1.65
N ILE A 65 1.54 -4.78 -0.55
CA ILE A 65 2.13 -5.19 0.72
C ILE A 65 1.89 -6.67 0.99
N HIS A 66 2.83 -7.51 0.58
CA HIS A 66 2.70 -8.95 0.79
C HIS A 66 2.76 -9.30 2.27
N GLY A 67 1.71 -9.98 2.76
CA GLY A 67 1.66 -10.35 4.16
C GLY A 67 1.30 -9.19 5.05
N LEU A 68 0.02 -9.10 5.42
CA LEU A 68 -0.45 -8.02 6.28
C LEU A 68 -0.56 -8.49 7.72
N ALA A 69 -0.84 -7.56 8.62
CA ALA A 69 -0.97 -7.87 10.04
C ALA A 69 -1.48 -6.68 10.82
N MET A 70 -1.68 -6.87 12.12
CA MET A 70 -2.17 -5.80 12.99
C MET A 70 -1.26 -4.58 12.92
N ALA A 71 0.05 -4.83 12.97
CA ALA A 71 1.03 -3.75 12.91
C ALA A 71 1.09 -3.13 11.52
N ASP A 72 1.08 -3.98 10.50
CA ASP A 72 1.13 -3.51 9.12
C ASP A 72 0.28 -2.25 8.94
N ASN A 73 -0.96 -2.31 9.41
CA ASN A 73 -1.87 -1.18 9.30
C ASN A 73 -1.24 0.09 9.87
N GLY A 74 -1.69 1.24 9.38
CA GLY A 74 -1.16 2.50 9.85
C GLY A 74 -1.50 3.65 8.92
N VAL A 75 -0.47 4.38 8.48
CA VAL A 75 -0.66 5.50 7.58
C VAL A 75 0.40 5.53 6.49
N TYR A 76 -0.05 5.56 5.24
CA TYR A 76 0.87 5.57 4.10
C TYR A 76 0.87 6.95 3.43
N SER A 77 2.04 7.35 2.92
CA SER A 77 2.18 8.64 2.26
C SER A 77 2.89 8.48 0.92
N CYS A 78 2.34 9.12 -0.11
CA CYS A 78 2.93 9.05 -1.45
C CYS A 78 3.36 10.43 -1.92
N VAL A 79 4.67 10.67 -1.91
CA VAL A 79 5.21 11.96 -2.34
C VAL A 79 6.03 11.81 -3.61
N CYS A 80 5.76 12.67 -4.59
CA CYS A 80 6.48 12.63 -5.86
C CYS A 80 7.68 13.58 -5.83
N GLY A 81 7.47 14.79 -5.33
CA GLY A 81 8.53 15.77 -5.26
C GLY A 81 8.21 16.91 -4.31
N GLN A 82 7.09 17.56 -4.54
CA GLN A 82 6.66 18.69 -3.70
C GLN A 82 5.35 18.38 -3.00
N GLU A 83 4.47 17.65 -3.68
CA GLU A 83 3.17 17.29 -3.13
C GLU A 83 3.19 15.87 -2.58
N ARG A 84 2.25 15.58 -1.69
CA ARG A 84 2.15 14.26 -1.08
C ARG A 84 0.72 13.96 -0.64
N THR A 85 0.37 12.68 -0.65
CA THR A 85 -0.98 12.26 -0.25
C THR A 85 -0.92 11.19 0.83
N SER A 86 -1.74 11.34 1.86
CA SER A 86 -1.78 10.39 2.96
C SER A 86 -3.07 9.56 2.91
N ALA A 87 -2.96 8.30 3.33
CA ALA A 87 -4.12 7.41 3.33
C ALA A 87 -4.14 6.55 4.58
N THR A 88 -5.22 5.80 4.78
CA THR A 88 -5.35 4.93 5.94
C THR A 88 -5.65 3.50 5.52
N LEU A 89 -4.86 2.56 6.03
CA LEU A 89 -5.05 1.15 5.71
C LEU A 89 -5.48 0.36 6.94
N THR A 90 -6.55 -0.41 6.80
CA THR A 90 -7.06 -1.22 7.91
C THR A 90 -6.79 -2.70 7.68
N VAL A 91 -6.27 -3.37 8.68
CA VAL A 91 -5.97 -4.80 8.58
C VAL A 91 -6.82 -5.61 9.55
N ARG A 92 -7.76 -6.36 9.01
CA ARG A 92 -8.66 -7.19 9.82
C ARG A 92 -7.95 -8.46 10.28
N ALA A 93 -8.47 -9.06 11.35
CA ALA A 93 -7.89 -10.29 11.89
C ALA A 93 -8.83 -11.47 11.69
N LEU A 94 -8.28 -12.60 11.28
CA LEU A 94 -9.07 -13.80 11.06
C LEU A 94 -9.63 -14.34 12.37
N PRO A 95 -10.88 -14.81 12.33
CA PRO A 95 -11.56 -15.36 13.51
C PRO A 95 -10.97 -16.69 13.95
N ALA A 96 -10.98 -16.94 15.25
CA ALA A 96 -10.45 -18.18 15.80
C ALA A 96 -11.42 -19.34 15.59
N ARG A 97 -10.91 -20.45 15.08
CA ARG A 97 -11.73 -21.63 14.83
C ARG A 97 -10.96 -22.91 15.13
N PHE A 98 -11.62 -23.85 15.80
CA PHE A 98 -11.00 -25.12 16.15
C PHE A 98 -11.65 -26.28 15.40
N ILE A 99 -10.83 -27.04 14.68
CA ILE A 99 -11.33 -28.18 13.92
C ILE A 99 -10.94 -29.49 14.57
N GLU A 100 -11.40 -30.60 13.98
CA GLU A 100 -11.09 -31.93 14.52
C GLU A 100 -10.94 -32.94 13.39
N ASP A 101 -9.80 -33.63 13.38
CA ASP A 101 -9.52 -34.62 12.35
C ASP A 101 -10.71 -35.58 12.19
N SER A 102 -11.47 -35.37 11.12
CA SER A 102 -12.64 -36.20 10.85
C SER A 102 -12.22 -37.53 10.22
N GLY A 103 -13.15 -38.48 10.16
CA GLY A 103 -12.87 -39.77 9.58
C GLY A 103 -12.22 -39.68 8.21
N PRO A 104 -11.32 -40.62 7.91
CA PRO A 104 -10.63 -40.66 6.62
C PRO A 104 -11.55 -41.02 5.46
N SER A 105 -11.12 -40.70 4.24
CA SER A 105 -11.91 -40.99 3.05
C SER A 105 -11.32 -42.17 2.29
N SER A 106 -12.20 -42.96 1.68
CA SER A 106 -11.77 -44.12 0.92
C SER A 106 -10.94 -43.71 -0.29
N GLY A 107 -9.88 -44.47 -0.56
CA GLY A 107 -9.02 -44.17 -1.69
C GLY A 107 -9.56 -44.71 -2.99
N GLY A 1 17.60 15.15 -20.97
CA GLY A 1 16.21 15.17 -21.40
C GLY A 1 15.43 16.32 -20.79
N SER A 2 15.55 16.48 -19.48
CA SER A 2 14.84 17.56 -18.78
C SER A 2 15.80 18.36 -17.90
N SER A 3 15.48 19.62 -17.67
CA SER A 3 16.31 20.49 -16.86
C SER A 3 15.48 21.61 -16.23
N GLY A 4 15.65 21.80 -14.92
CA GLY A 4 14.91 22.84 -14.23
C GLY A 4 14.08 22.29 -13.08
N SER A 5 12.98 22.97 -12.77
CA SER A 5 12.10 22.55 -11.69
C SER A 5 11.04 21.57 -12.20
N SER A 6 11.32 20.28 -12.02
CA SER A 6 10.39 19.24 -12.46
C SER A 6 9.56 18.72 -11.29
N GLY A 7 8.63 17.81 -11.60
CA GLY A 7 7.78 17.26 -10.56
C GLY A 7 6.38 16.97 -11.06
N ALA A 8 5.56 16.38 -10.19
CA ALA A 8 4.18 16.05 -10.54
C ALA A 8 3.23 16.33 -9.38
N ARG A 9 1.94 16.33 -9.68
CA ARG A 9 0.93 16.58 -8.65
C ARG A 9 -0.09 15.45 -8.61
N PHE A 10 -0.50 15.07 -7.40
CA PHE A 10 -1.47 14.00 -7.22
C PHE A 10 -2.87 14.47 -7.61
N THR A 11 -3.21 14.32 -8.89
CA THR A 11 -4.51 14.73 -9.39
C THR A 11 -5.58 13.72 -9.00
N GLU A 12 -5.18 12.49 -8.76
CA GLU A 12 -6.11 11.43 -8.38
C GLU A 12 -6.06 11.20 -6.87
N GLY A 13 -4.87 11.22 -6.30
CA GLY A 13 -4.71 11.00 -4.87
C GLY A 13 -4.90 9.55 -4.49
N LEU A 14 -4.62 9.23 -3.22
CA LEU A 14 -4.77 7.87 -2.72
C LEU A 14 -6.12 7.68 -2.05
N ARG A 15 -6.74 6.52 -2.29
CA ARG A 15 -8.04 6.21 -1.71
C ARG A 15 -7.91 5.18 -0.60
N ASN A 16 -8.78 5.27 0.39
CA ASN A 16 -8.76 4.35 1.52
C ASN A 16 -8.70 2.90 1.03
N GLU A 17 -8.15 2.03 1.85
CA GLU A 17 -8.03 0.62 1.51
C GLU A 17 -8.40 -0.28 2.70
N GLU A 18 -8.87 -1.48 2.39
CA GLU A 18 -9.28 -2.42 3.44
C GLU A 18 -8.90 -3.85 3.05
N ALA A 19 -8.24 -4.55 3.97
CA ALA A 19 -7.83 -5.93 3.72
C ALA A 19 -7.82 -6.74 5.01
N MET A 20 -7.67 -8.04 4.88
CA MET A 20 -7.64 -8.94 6.03
C MET A 20 -6.21 -9.19 6.50
N GLU A 21 -6.06 -9.49 7.79
CA GLU A 21 -4.74 -9.74 8.36
C GLU A 21 -4.03 -10.85 7.60
N GLY A 22 -2.77 -10.62 7.24
CA GLY A 22 -1.99 -11.61 6.51
C GLY A 22 -2.16 -11.48 5.01
N ALA A 23 -3.27 -10.88 4.59
CA ALA A 23 -3.56 -10.70 3.17
C ALA A 23 -2.59 -9.70 2.55
N THR A 24 -2.68 -9.53 1.23
CA THR A 24 -1.82 -8.61 0.51
C THR A 24 -2.56 -7.32 0.16
N ALA A 25 -2.12 -6.22 0.74
CA ALA A 25 -2.74 -4.91 0.48
C ALA A 25 -2.30 -4.36 -0.86
N THR A 26 -3.15 -3.52 -1.46
CA THR A 26 -2.85 -2.91 -2.75
C THR A 26 -3.45 -1.51 -2.85
N LEU A 27 -2.60 -0.54 -3.15
CA LEU A 27 -3.03 0.85 -3.28
C LEU A 27 -2.92 1.33 -4.72
N GLN A 28 -3.54 2.47 -5.01
CA GLN A 28 -3.52 3.02 -6.35
C GLN A 28 -3.49 4.55 -6.30
N CYS A 29 -2.80 5.15 -7.27
CA CYS A 29 -2.69 6.61 -7.34
C CYS A 29 -2.10 7.05 -8.67
N GLU A 30 -2.74 8.03 -9.29
CA GLU A 30 -2.28 8.54 -10.59
C GLU A 30 -1.69 9.94 -10.43
N LEU A 31 -0.87 10.34 -11.40
CA LEU A 31 -0.25 11.67 -11.38
C LEU A 31 -0.48 12.39 -12.69
N SER A 32 -0.47 13.72 -12.62
CA SER A 32 -0.68 14.54 -13.81
C SER A 32 0.24 14.13 -14.94
N LYS A 33 1.35 13.49 -14.58
CA LYS A 33 2.32 13.02 -15.57
C LYS A 33 3.36 12.12 -14.93
N ALA A 34 3.87 11.16 -15.70
CA ALA A 34 4.88 10.23 -15.20
C ALA A 34 5.93 10.95 -14.37
N ALA A 35 6.12 10.49 -13.14
CA ALA A 35 7.11 11.10 -12.24
C ALA A 35 7.51 10.13 -11.13
N PRO A 36 8.73 10.31 -10.62
CA PRO A 36 9.26 9.46 -9.54
C PRO A 36 8.55 9.70 -8.22
N VAL A 37 7.96 8.64 -7.66
CA VAL A 37 7.26 8.74 -6.39
C VAL A 37 8.02 8.04 -5.28
N GLU A 38 7.48 8.08 -4.06
CA GLU A 38 8.11 7.45 -2.91
C GLU A 38 7.10 7.20 -1.80
N TRP A 39 7.00 5.93 -1.39
CA TRP A 39 6.06 5.55 -0.33
C TRP A 39 6.74 5.56 1.03
N ARG A 40 5.97 5.83 2.08
CA ARG A 40 6.51 5.85 3.43
C ARG A 40 5.48 5.35 4.43
N LYS A 41 5.82 4.29 5.15
CA LYS A 41 4.93 3.70 6.15
C LYS A 41 5.37 4.09 7.55
N GLY A 42 4.53 4.86 8.24
CA GLY A 42 4.85 5.28 9.59
C GLY A 42 6.08 6.15 9.66
N LEU A 43 6.15 7.15 8.79
CA LEU A 43 7.29 8.05 8.74
C LEU A 43 8.59 7.28 8.52
N GLU A 44 8.54 6.29 7.64
CA GLU A 44 9.71 5.48 7.33
C GLU A 44 9.89 5.34 5.82
N ALA A 45 11.15 5.26 5.38
CA ALA A 45 11.46 5.11 3.97
C ALA A 45 11.37 3.65 3.52
N LEU A 46 10.39 3.37 2.67
CA LEU A 46 10.19 2.00 2.17
C LEU A 46 11.20 1.67 1.08
N ARG A 47 11.27 0.40 0.72
CA ARG A 47 12.19 -0.05 -0.31
C ARG A 47 11.59 -1.20 -1.13
N ASP A 48 11.65 -1.07 -2.45
CA ASP A 48 11.11 -2.10 -3.33
C ASP A 48 11.98 -3.35 -3.31
N GLY A 49 11.35 -4.51 -3.46
CA GLY A 49 12.08 -5.76 -3.45
C GLY A 49 11.16 -6.97 -3.37
N ASP A 50 11.04 -7.54 -2.18
CA ASP A 50 10.19 -8.71 -1.97
C ASP A 50 9.01 -8.37 -1.07
N LYS A 51 9.29 -7.64 0.01
CA LYS A 51 8.25 -7.24 0.96
C LYS A 51 7.18 -6.43 0.27
N TYR A 52 7.59 -5.44 -0.52
CA TYR A 52 6.66 -4.58 -1.23
C TYR A 52 6.82 -4.74 -2.74
N SER A 53 5.73 -4.51 -3.47
CA SER A 53 5.76 -4.63 -4.93
C SER A 53 5.36 -3.31 -5.59
N LEU A 54 6.36 -2.50 -5.92
CA LEU A 54 6.12 -1.21 -6.55
C LEU A 54 5.85 -1.38 -8.05
N ARG A 55 4.58 -1.44 -8.42
CA ARG A 55 4.19 -1.60 -9.82
C ARG A 55 3.78 -0.26 -10.42
N GLN A 56 4.68 0.35 -11.18
CA GLN A 56 4.39 1.63 -11.82
C GLN A 56 4.16 1.46 -13.32
N ASP A 57 3.03 1.96 -13.80
CA ASP A 57 2.68 1.86 -15.21
C ASP A 57 2.39 3.23 -15.80
N GLY A 58 3.44 3.97 -16.14
CA GLY A 58 3.28 5.29 -16.70
C GLY A 58 2.98 6.34 -15.64
N ALA A 59 1.73 6.79 -15.58
CA ALA A 59 1.32 7.79 -14.61
C ALA A 59 0.56 7.16 -13.45
N VAL A 60 0.22 5.88 -13.60
CA VAL A 60 -0.51 5.15 -12.57
C VAL A 60 0.43 4.29 -11.73
N CYS A 61 0.58 4.65 -10.47
CA CYS A 61 1.44 3.90 -9.56
C CYS A 61 0.64 2.94 -8.70
N GLU A 62 1.25 1.81 -8.36
CA GLU A 62 0.59 0.80 -7.54
C GLU A 62 1.57 0.13 -6.59
N LEU A 63 1.15 -0.02 -5.34
CA LEU A 63 2.00 -0.64 -4.31
C LEU A 63 1.29 -1.83 -3.68
N GLN A 64 1.93 -2.99 -3.74
CA GLN A 64 1.36 -4.21 -3.17
C GLN A 64 2.16 -4.65 -1.95
N ILE A 65 1.50 -4.74 -0.80
CA ILE A 65 2.15 -5.15 0.44
C ILE A 65 1.90 -6.64 0.71
N HIS A 66 2.98 -7.42 0.70
CA HIS A 66 2.89 -8.85 0.95
C HIS A 66 2.97 -9.15 2.43
N GLY A 67 1.99 -9.89 2.94
CA GLY A 67 1.97 -10.23 4.36
C GLY A 67 1.45 -9.10 5.22
N LEU A 68 0.15 -9.09 5.46
CA LEU A 68 -0.47 -8.05 6.27
C LEU A 68 -0.51 -8.46 7.74
N ALA A 69 -0.57 -7.46 8.62
CA ALA A 69 -0.62 -7.72 10.06
C ALA A 69 -0.93 -6.44 10.83
N MET A 70 -1.35 -6.61 12.09
CA MET A 70 -1.68 -5.48 12.93
C MET A 70 -0.60 -4.39 12.84
N ALA A 71 0.64 -4.83 12.70
CA ALA A 71 1.77 -3.90 12.61
C ALA A 71 1.64 -3.01 11.37
N ASP A 72 1.15 -3.59 10.28
CA ASP A 72 0.97 -2.86 9.03
C ASP A 72 -0.07 -1.75 9.20
N ASN A 73 -1.03 -1.97 10.08
CA ASN A 73 -2.08 -1.00 10.33
C ASN A 73 -1.49 0.38 10.59
N GLY A 74 -1.83 1.34 9.72
CA GLY A 74 -1.32 2.69 9.89
C GLY A 74 -1.71 3.59 8.73
N VAL A 75 -1.15 4.81 8.71
CA VAL A 75 -1.45 5.76 7.66
C VAL A 75 -0.29 5.88 6.68
N TYR A 76 -0.41 5.21 5.54
CA TYR A 76 0.64 5.24 4.53
C TYR A 76 0.72 6.61 3.87
N SER A 77 1.79 6.84 3.11
CA SER A 77 1.99 8.11 2.43
C SER A 77 2.73 7.91 1.12
N CYS A 78 2.57 8.86 0.20
CA CYS A 78 3.23 8.78 -1.10
C CYS A 78 3.61 10.18 -1.60
N VAL A 79 4.91 10.47 -1.60
CA VAL A 79 5.40 11.77 -2.05
C VAL A 79 5.87 11.70 -3.51
N CYS A 80 5.29 12.54 -4.34
CA CYS A 80 5.64 12.59 -5.76
C CYS A 80 6.43 13.86 -6.09
N GLY A 81 7.41 14.18 -5.25
CA GLY A 81 8.21 15.36 -5.46
C GLY A 81 7.78 16.53 -4.59
N GLN A 82 6.58 17.05 -4.86
CA GLN A 82 6.05 18.18 -4.10
C GLN A 82 4.80 17.77 -3.33
N GLU A 83 3.73 17.46 -4.08
CA GLU A 83 2.48 17.06 -3.47
C GLU A 83 2.62 15.72 -2.74
N ARG A 84 2.18 15.67 -1.49
CA ARG A 84 2.27 14.46 -0.70
C ARG A 84 0.88 13.97 -0.30
N THR A 85 0.55 12.75 -0.70
CA THR A 85 -0.75 12.16 -0.39
C THR A 85 -0.63 11.10 0.70
N SER A 86 -1.70 10.94 1.47
CA SER A 86 -1.71 9.96 2.55
C SER A 86 -3.00 9.16 2.54
N ALA A 87 -2.95 7.97 3.14
CA ALA A 87 -4.12 7.10 3.19
C ALA A 87 -4.08 6.20 4.43
N THR A 88 -5.22 5.60 4.76
CA THR A 88 -5.31 4.72 5.91
C THR A 88 -5.68 3.30 5.50
N LEU A 89 -4.89 2.33 5.97
CA LEU A 89 -5.12 0.94 5.65
C LEU A 89 -5.76 0.21 6.83
N THR A 90 -6.83 -0.55 6.55
CA THR A 90 -7.52 -1.29 7.58
C THR A 90 -7.24 -2.79 7.47
N VAL A 91 -6.68 -3.37 8.53
CA VAL A 91 -6.37 -4.79 8.55
C VAL A 91 -7.23 -5.53 9.55
N ARG A 92 -8.30 -6.16 9.06
CA ARG A 92 -9.21 -6.91 9.92
C ARG A 92 -8.58 -8.23 10.35
N ALA A 93 -8.53 -8.46 11.66
CA ALA A 93 -7.96 -9.68 12.20
C ALA A 93 -8.82 -10.89 11.85
N LEU A 94 -8.22 -11.85 11.16
CA LEU A 94 -8.93 -13.06 10.75
C LEU A 94 -9.62 -13.71 11.94
N PRO A 95 -10.70 -14.46 11.67
CA PRO A 95 -11.47 -15.15 12.71
C PRO A 95 -10.69 -16.32 13.32
N ALA A 96 -11.19 -16.82 14.45
CA ALA A 96 -10.54 -17.93 15.13
C ALA A 96 -11.47 -18.56 16.16
N ARG A 97 -11.48 -19.88 16.22
CA ARG A 97 -12.34 -20.60 17.17
C ARG A 97 -11.65 -21.87 17.66
N PHE A 98 -11.49 -21.99 18.97
CA PHE A 98 -10.85 -23.15 19.58
C PHE A 98 -11.82 -24.31 19.69
N ILE A 99 -11.54 -25.39 18.99
CA ILE A 99 -12.40 -26.57 19.01
C ILE A 99 -11.61 -27.83 18.65
N GLU A 100 -12.02 -28.95 19.24
CA GLU A 100 -11.35 -30.23 18.98
C GLU A 100 -12.16 -31.07 18.00
N ASP A 101 -13.44 -31.23 18.28
CA ASP A 101 -14.31 -32.02 17.41
C ASP A 101 -15.74 -31.45 17.42
N SER A 102 -16.42 -31.57 16.29
CA SER A 102 -17.77 -31.06 16.16
C SER A 102 -18.54 -31.21 17.47
N GLY A 103 -18.46 -32.39 18.07
CA GLY A 103 -19.15 -32.65 19.32
C GLY A 103 -19.50 -34.11 19.51
N PRO A 104 -19.47 -34.57 20.77
CA PRO A 104 -19.78 -35.96 21.11
C PRO A 104 -21.26 -36.28 20.92
N SER A 105 -21.56 -37.15 19.96
CA SER A 105 -22.93 -37.52 19.68
C SER A 105 -23.15 -39.01 19.96
N SER A 106 -23.69 -39.32 21.14
CA SER A 106 -23.94 -40.70 21.53
C SER A 106 -25.20 -40.79 22.38
N GLY A 107 -25.69 -42.02 22.56
CA GLY A 107 -26.89 -42.22 23.36
C GLY A 107 -27.94 -41.16 23.11
N GLY A 1 17.95 29.59 -18.64
CA GLY A 1 18.61 29.08 -17.46
C GLY A 1 17.69 29.04 -16.25
N SER A 2 16.51 28.46 -16.43
CA SER A 2 15.53 28.36 -15.35
C SER A 2 15.05 26.92 -15.18
N SER A 3 14.35 26.67 -14.08
CA SER A 3 13.84 25.33 -13.80
C SER A 3 12.31 25.35 -13.73
N GLY A 4 11.71 24.16 -13.77
CA GLY A 4 10.27 24.05 -13.71
C GLY A 4 9.75 24.01 -12.29
N SER A 5 9.22 25.13 -11.82
CA SER A 5 8.70 25.22 -10.46
C SER A 5 7.60 24.19 -10.24
N SER A 6 6.57 24.22 -11.08
CA SER A 6 5.45 23.30 -10.98
C SER A 6 5.81 21.94 -11.61
N GLY A 7 5.93 20.93 -10.77
CA GLY A 7 6.27 19.60 -11.27
C GLY A 7 5.06 18.69 -11.34
N ALA A 8 5.16 17.54 -10.69
CA ALA A 8 4.05 16.57 -10.69
C ALA A 8 3.17 16.74 -9.45
N ARG A 9 1.89 17.00 -9.68
CA ARG A 9 0.95 17.19 -8.58
C ARG A 9 -0.11 16.10 -8.58
N PHE A 10 -0.38 15.53 -7.41
CA PHE A 10 -1.37 14.48 -7.28
C PHE A 10 -2.76 14.99 -7.64
N THR A 11 -3.26 14.57 -8.80
CA THR A 11 -4.58 14.99 -9.25
C THR A 11 -5.65 14.00 -8.83
N GLU A 12 -5.23 12.77 -8.56
CA GLU A 12 -6.16 11.72 -8.13
C GLU A 12 -5.92 11.33 -6.68
N GLY A 13 -4.65 11.35 -6.28
CA GLY A 13 -4.30 10.99 -4.92
C GLY A 13 -4.65 9.55 -4.59
N LEU A 14 -4.55 9.19 -3.31
CA LEU A 14 -4.85 7.84 -2.87
C LEU A 14 -6.23 7.77 -2.23
N ARG A 15 -6.78 6.56 -2.13
CA ARG A 15 -8.10 6.37 -1.54
C ARG A 15 -8.00 5.47 -0.31
N ASN A 16 -9.14 5.28 0.37
CA ASN A 16 -9.19 4.44 1.55
C ASN A 16 -9.12 2.96 1.18
N GLU A 17 -8.26 2.22 1.87
CA GLU A 17 -8.10 0.79 1.61
C GLU A 17 -8.41 -0.02 2.85
N GLU A 18 -8.72 -1.30 2.66
CA GLU A 18 -9.04 -2.20 3.77
C GLU A 18 -8.92 -3.65 3.34
N ALA A 19 -8.22 -4.44 4.16
CA ALA A 19 -8.03 -5.86 3.88
C ALA A 19 -7.94 -6.67 5.16
N MET A 20 -7.84 -7.98 5.02
CA MET A 20 -7.74 -8.88 6.17
C MET A 20 -6.28 -9.22 6.48
N GLU A 21 -6.06 -9.84 7.63
CA GLU A 21 -4.71 -10.22 8.04
C GLU A 21 -4.20 -11.38 7.19
N GLY A 22 -2.97 -11.24 6.68
CA GLY A 22 -2.38 -12.28 5.86
C GLY A 22 -2.66 -12.08 4.39
N ALA A 23 -3.55 -11.16 4.08
CA ALA A 23 -3.91 -10.87 2.69
C ALA A 23 -2.88 -9.96 2.04
N THR A 24 -3.07 -9.67 0.76
CA THR A 24 -2.16 -8.81 0.02
C THR A 24 -2.84 -7.51 -0.40
N ALA A 25 -2.52 -6.44 0.31
CA ALA A 25 -3.11 -5.13 0.01
C ALA A 25 -2.66 -4.64 -1.36
N THR A 26 -3.32 -3.58 -1.85
CA THR A 26 -3.00 -3.02 -3.15
C THR A 26 -3.53 -1.59 -3.27
N LEU A 27 -2.61 -0.64 -3.35
CA LEU A 27 -2.98 0.78 -3.48
C LEU A 27 -2.88 1.24 -4.93
N GLN A 28 -3.38 2.44 -5.18
CA GLN A 28 -3.34 3.00 -6.53
C GLN A 28 -3.52 4.52 -6.50
N CYS A 29 -2.85 5.21 -7.42
CA CYS A 29 -2.93 6.66 -7.49
C CYS A 29 -2.49 7.16 -8.86
N GLU A 30 -3.09 8.26 -9.30
CA GLU A 30 -2.76 8.84 -10.60
C GLU A 30 -2.13 10.22 -10.43
N LEU A 31 -1.04 10.46 -11.16
CA LEU A 31 -0.35 11.75 -11.09
C LEU A 31 -0.58 12.56 -12.36
N SER A 32 -0.50 13.88 -12.24
CA SER A 32 -0.70 14.77 -13.38
C SER A 32 0.19 14.37 -14.55
N LYS A 33 1.29 13.67 -14.24
CA LYS A 33 2.22 13.23 -15.26
C LYS A 33 3.21 12.22 -14.69
N ALA A 34 3.74 11.36 -15.56
CA ALA A 34 4.70 10.35 -15.13
C ALA A 34 5.86 10.97 -14.37
N ALA A 35 6.11 10.48 -13.17
CA ALA A 35 7.19 10.99 -12.33
C ALA A 35 7.57 10.00 -11.24
N PRO A 36 8.84 10.05 -10.81
CA PRO A 36 9.35 9.15 -9.77
C PRO A 36 8.77 9.46 -8.40
N VAL A 37 8.23 8.44 -7.74
CA VAL A 37 7.64 8.60 -6.42
C VAL A 37 8.29 7.66 -5.41
N GLU A 38 8.03 7.90 -4.13
CA GLU A 38 8.58 7.08 -3.07
C GLU A 38 7.58 6.89 -1.94
N TRP A 39 7.14 5.66 -1.75
CA TRP A 39 6.17 5.33 -0.70
C TRP A 39 6.84 5.31 0.67
N ARG A 40 6.10 5.73 1.69
CA ARG A 40 6.62 5.76 3.05
C ARG A 40 5.53 5.41 4.06
N LYS A 41 5.92 4.74 5.14
CA LYS A 41 4.96 4.34 6.17
C LYS A 41 5.20 5.14 7.45
N GLY A 42 4.20 5.95 7.83
CA GLY A 42 4.31 6.75 9.03
C GLY A 42 5.64 7.50 9.11
N LEU A 43 6.50 7.09 10.02
CA LEU A 43 7.80 7.72 10.19
C LEU A 43 8.93 6.80 9.74
N GLU A 44 8.70 6.12 8.62
CA GLU A 44 9.70 5.20 8.07
C GLU A 44 9.74 5.26 6.56
N ALA A 45 10.73 4.62 5.96
CA ALA A 45 10.87 4.60 4.51
C ALA A 45 10.72 3.19 3.95
N LEU A 46 9.96 3.06 2.87
CA LEU A 46 9.73 1.76 2.26
C LEU A 46 10.57 1.61 0.99
N ARG A 47 10.97 0.39 0.69
CA ARG A 47 11.77 0.10 -0.50
C ARG A 47 11.20 -1.07 -1.27
N ASP A 48 11.54 -1.14 -2.56
CA ASP A 48 11.06 -2.22 -3.42
C ASP A 48 12.04 -3.39 -3.43
N GLY A 49 11.51 -4.60 -3.50
CA GLY A 49 12.35 -5.79 -3.51
C GLY A 49 11.58 -7.05 -3.23
N ASP A 50 11.50 -7.43 -1.96
CA ASP A 50 10.78 -8.64 -1.55
C ASP A 50 9.60 -8.29 -0.65
N LYS A 51 9.87 -7.47 0.35
CA LYS A 51 8.83 -7.06 1.31
C LYS A 51 7.67 -6.39 0.58
N TYR A 52 7.95 -5.31 -0.13
CA TYR A 52 6.93 -4.59 -0.86
C TYR A 52 7.16 -4.70 -2.37
N SER A 53 6.07 -4.62 -3.14
CA SER A 53 6.15 -4.71 -4.58
C SER A 53 5.52 -3.48 -5.25
N LEU A 54 6.34 -2.74 -5.99
CA LEU A 54 5.87 -1.54 -6.67
C LEU A 54 5.72 -1.79 -8.16
N ARG A 55 4.50 -1.64 -8.66
CA ARG A 55 4.22 -1.85 -10.08
C ARG A 55 3.46 -0.66 -10.67
N GLN A 56 4.21 0.34 -11.14
CA GLN A 56 3.62 1.52 -11.72
C GLN A 56 3.82 1.55 -13.24
N ASP A 57 2.86 2.12 -13.95
CA ASP A 57 2.93 2.20 -15.41
C ASP A 57 2.90 3.66 -15.86
N GLY A 58 4.06 4.32 -15.83
CA GLY A 58 4.13 5.71 -16.24
C GLY A 58 3.55 6.65 -15.21
N ALA A 59 2.31 7.06 -15.41
CA ALA A 59 1.64 7.97 -14.49
C ALA A 59 0.94 7.20 -13.36
N VAL A 60 0.39 6.04 -13.70
CA VAL A 60 -0.30 5.22 -12.73
C VAL A 60 0.68 4.49 -11.82
N CYS A 61 0.46 4.58 -10.51
CA CYS A 61 1.33 3.94 -9.55
C CYS A 61 0.55 2.94 -8.68
N GLU A 62 1.20 1.83 -8.36
CA GLU A 62 0.56 0.79 -7.54
C GLU A 62 1.54 0.23 -6.52
N LEU A 63 1.02 -0.09 -5.34
CA LEU A 63 1.85 -0.63 -4.26
C LEU A 63 1.27 -1.94 -3.75
N GLN A 64 2.12 -2.96 -3.61
CA GLN A 64 1.70 -4.26 -3.13
C GLN A 64 2.39 -4.61 -1.82
N ILE A 65 1.60 -4.96 -0.81
CA ILE A 65 2.14 -5.33 0.49
C ILE A 65 1.87 -6.79 0.82
N HIS A 66 2.94 -7.55 1.04
CA HIS A 66 2.83 -8.97 1.35
C HIS A 66 2.83 -9.19 2.86
N GLY A 67 1.94 -10.05 3.33
CA GLY A 67 1.85 -10.34 4.75
C GLY A 67 1.26 -9.18 5.53
N LEU A 68 -0.07 -9.12 5.58
CA LEU A 68 -0.76 -8.06 6.30
C LEU A 68 -0.98 -8.45 7.76
N ALA A 69 -0.97 -7.45 8.63
CA ALA A 69 -1.18 -7.69 10.06
C ALA A 69 -1.56 -6.40 10.78
N MET A 70 -1.73 -6.49 12.09
CA MET A 70 -2.10 -5.34 12.90
C MET A 70 -1.04 -4.24 12.79
N ALA A 71 0.20 -4.59 13.07
CA ALA A 71 1.30 -3.63 13.00
C ALA A 71 1.26 -2.85 11.69
N ASP A 72 0.73 -3.48 10.65
CA ASP A 72 0.63 -2.84 9.34
C ASP A 72 -0.22 -1.58 9.41
N ASN A 73 -1.26 -1.62 10.25
CA ASN A 73 -2.15 -0.48 10.40
C ASN A 73 -1.36 0.82 10.53
N GLY A 74 -1.71 1.81 9.72
CA GLY A 74 -1.03 3.09 9.75
C GLY A 74 -1.28 3.91 8.50
N VAL A 75 -1.11 5.23 8.61
CA VAL A 75 -1.32 6.12 7.49
C VAL A 75 -0.07 6.18 6.60
N TYR A 76 -0.22 5.72 5.37
CA TYR A 76 0.89 5.71 4.42
C TYR A 76 1.00 7.05 3.70
N SER A 77 2.15 7.29 3.07
CA SER A 77 2.38 8.53 2.36
C SER A 77 3.07 8.27 1.02
N CYS A 78 2.75 9.08 0.02
CA CYS A 78 3.33 8.93 -1.31
C CYS A 78 3.89 10.26 -1.81
N VAL A 79 5.18 10.48 -1.57
CA VAL A 79 5.83 11.72 -1.98
C VAL A 79 6.38 11.58 -3.40
N CYS A 80 6.01 12.52 -4.27
CA CYS A 80 6.45 12.52 -5.65
C CYS A 80 7.63 13.48 -5.85
N GLY A 81 7.36 14.77 -5.70
CA GLY A 81 8.39 15.77 -5.88
C GLY A 81 8.03 17.10 -5.26
N GLN A 82 6.78 17.52 -5.47
CA GLN A 82 6.30 18.79 -4.94
C GLN A 82 5.05 18.59 -4.08
N GLU A 83 4.37 17.47 -4.31
CA GLU A 83 3.15 17.16 -3.55
C GLU A 83 3.15 15.70 -3.12
N ARG A 84 2.22 15.35 -2.24
CA ARG A 84 2.10 13.99 -1.73
C ARG A 84 0.66 13.66 -1.36
N THR A 85 0.42 12.42 -0.99
CA THR A 85 -0.92 11.97 -0.62
C THR A 85 -0.86 10.90 0.47
N SER A 86 -1.73 11.02 1.47
CA SER A 86 -1.77 10.06 2.57
C SER A 86 -3.10 9.33 2.59
N ALA A 87 -3.05 8.04 2.90
CA ALA A 87 -4.26 7.22 2.96
C ALA A 87 -4.28 6.36 4.22
N THR A 88 -5.42 5.73 4.49
CA THR A 88 -5.57 4.89 5.66
C THR A 88 -5.85 3.44 5.27
N LEU A 89 -5.10 2.52 5.85
CA LEU A 89 -5.28 1.10 5.56
C LEU A 89 -5.67 0.33 6.82
N THR A 90 -6.86 -0.27 6.79
CA THR A 90 -7.36 -1.04 7.93
C THR A 90 -7.18 -2.54 7.69
N VAL A 91 -6.45 -3.18 8.61
CA VAL A 91 -6.21 -4.62 8.50
C VAL A 91 -6.95 -5.38 9.59
N ARG A 92 -7.80 -6.32 9.19
CA ARG A 92 -8.57 -7.12 10.14
C ARG A 92 -7.81 -8.39 10.51
N ALA A 93 -8.19 -8.99 11.63
CA ALA A 93 -7.55 -10.21 12.10
C ALA A 93 -8.41 -11.44 11.78
N LEU A 94 -7.76 -12.53 11.42
CA LEU A 94 -8.46 -13.77 11.09
C LEU A 94 -8.95 -14.47 12.35
N PRO A 95 -10.13 -15.10 12.25
CA PRO A 95 -10.72 -15.83 13.38
C PRO A 95 -9.96 -17.10 13.73
N ALA A 96 -9.24 -17.08 14.84
CA ALA A 96 -8.46 -18.23 15.28
C ALA A 96 -9.35 -19.26 15.95
N ARG A 97 -9.93 -20.15 15.16
CA ARG A 97 -10.81 -21.20 15.69
C ARG A 97 -10.22 -22.58 15.43
N PHE A 98 -10.49 -23.51 16.35
CA PHE A 98 -9.98 -24.86 16.22
C PHE A 98 -11.10 -25.83 15.85
N ILE A 99 -10.76 -26.88 15.11
CA ILE A 99 -11.74 -27.87 14.68
C ILE A 99 -12.66 -28.26 15.83
N GLU A 100 -13.94 -27.90 15.71
CA GLU A 100 -14.91 -28.21 16.74
C GLU A 100 -15.94 -29.21 16.23
N ASP A 101 -16.82 -29.67 17.11
CA ASP A 101 -17.84 -30.64 16.75
C ASP A 101 -19.16 -30.31 17.44
N SER A 102 -20.24 -30.27 16.67
CA SER A 102 -21.56 -29.96 17.20
C SER A 102 -22.62 -30.87 16.58
N GLY A 103 -23.54 -31.34 17.42
CA GLY A 103 -24.60 -32.21 16.94
C GLY A 103 -25.32 -32.93 18.06
N PRO A 104 -26.63 -33.15 17.88
CA PRO A 104 -27.46 -33.83 18.88
C PRO A 104 -27.12 -35.32 19.01
N SER A 105 -27.07 -36.00 17.88
CA SER A 105 -26.76 -37.43 17.87
C SER A 105 -25.61 -37.73 16.93
N SER A 106 -25.00 -38.90 17.09
CA SER A 106 -23.87 -39.29 16.26
C SER A 106 -24.18 -39.05 14.78
N GLY A 107 -25.39 -39.41 14.37
CA GLY A 107 -25.79 -39.22 12.99
C GLY A 107 -24.87 -39.94 12.02
N GLY A 1 5.51 35.27 -13.54
CA GLY A 1 5.04 35.01 -12.19
C GLY A 1 5.78 33.86 -11.54
N SER A 2 5.18 32.68 -11.54
CA SER A 2 5.78 31.50 -10.94
C SER A 2 6.08 30.44 -12.00
N SER A 3 7.34 30.07 -12.11
CA SER A 3 7.76 29.07 -13.09
C SER A 3 9.03 28.36 -12.62
N GLY A 4 9.15 27.08 -12.99
CA GLY A 4 10.32 26.31 -12.60
C GLY A 4 10.26 24.88 -13.11
N SER A 5 11.09 24.02 -12.53
CA SER A 5 11.13 22.62 -12.93
C SER A 5 9.74 21.99 -12.85
N SER A 6 9.23 21.55 -14.00
CA SER A 6 7.92 20.93 -14.07
C SER A 6 7.77 19.85 -13.00
N GLY A 7 6.55 19.70 -12.49
CA GLY A 7 6.30 18.69 -11.47
C GLY A 7 4.94 18.04 -11.63
N ALA A 8 4.78 16.86 -11.04
CA ALA A 8 3.52 16.13 -11.10
C ALA A 8 2.75 16.25 -9.80
N ARG A 9 1.47 16.62 -9.90
CA ARG A 9 0.62 16.77 -8.73
C ARG A 9 -0.36 15.61 -8.62
N PHE A 10 -0.84 15.36 -7.41
CA PHE A 10 -1.80 14.27 -7.17
C PHE A 10 -3.22 14.71 -7.49
N THR A 11 -3.68 14.40 -8.70
CA THR A 11 -5.02 14.78 -9.13
C THR A 11 -6.05 13.74 -8.67
N GLU A 12 -5.60 12.50 -8.51
CA GLU A 12 -6.48 11.42 -8.08
C GLU A 12 -6.26 11.11 -6.59
N GLY A 13 -5.01 11.21 -6.15
CA GLY A 13 -4.69 10.92 -4.77
C GLY A 13 -4.70 9.44 -4.46
N LEU A 14 -4.75 9.11 -3.17
CA LEU A 14 -4.78 7.72 -2.74
C LEU A 14 -6.04 7.41 -1.96
N ARG A 15 -6.92 6.62 -2.55
CA ARG A 15 -8.18 6.25 -1.90
C ARG A 15 -7.91 5.35 -0.69
N ASN A 16 -8.97 5.10 0.10
CA ASN A 16 -8.85 4.27 1.28
C ASN A 16 -8.69 2.81 0.90
N GLU A 17 -7.95 2.06 1.72
CA GLU A 17 -7.72 0.64 1.47
C GLU A 17 -8.32 -0.22 2.58
N GLU A 18 -8.85 -1.38 2.20
CA GLU A 18 -9.46 -2.29 3.17
C GLU A 18 -9.12 -3.74 2.83
N ALA A 19 -8.61 -4.47 3.82
CA ALA A 19 -8.24 -5.86 3.64
C ALA A 19 -8.25 -6.61 4.96
N MET A 20 -8.16 -7.94 4.89
CA MET A 20 -8.15 -8.76 6.09
C MET A 20 -6.72 -9.09 6.52
N GLU A 21 -6.57 -9.63 7.72
CA GLU A 21 -5.26 -9.97 8.26
C GLU A 21 -4.62 -11.08 7.44
N GLY A 22 -3.41 -10.83 6.95
CA GLY A 22 -2.71 -11.82 6.15
C GLY A 22 -2.93 -11.63 4.66
N ALA A 23 -3.86 -10.75 4.30
CA ALA A 23 -4.16 -10.47 2.91
C ALA A 23 -3.05 -9.66 2.26
N THR A 24 -3.24 -9.31 0.98
CA THR A 24 -2.25 -8.54 0.25
C THR A 24 -2.82 -7.18 -0.18
N ALA A 25 -2.44 -6.14 0.54
CA ALA A 25 -2.91 -4.80 0.24
C ALA A 25 -2.37 -4.30 -1.09
N THR A 26 -3.16 -3.52 -1.80
CA THR A 26 -2.77 -2.99 -3.10
C THR A 26 -3.35 -1.61 -3.33
N LEU A 27 -2.49 -0.59 -3.29
CA LEU A 27 -2.92 0.79 -3.49
C LEU A 27 -2.73 1.20 -4.95
N GLN A 28 -3.38 2.29 -5.34
CA GLN A 28 -3.29 2.80 -6.71
C GLN A 28 -3.57 4.29 -6.75
N CYS A 29 -2.72 5.03 -7.45
CA CYS A 29 -2.88 6.48 -7.57
C CYS A 29 -2.35 6.98 -8.91
N GLU A 30 -3.02 7.98 -9.47
CA GLU A 30 -2.62 8.54 -10.75
C GLU A 30 -2.05 9.94 -10.58
N LEU A 31 -0.98 10.24 -11.30
CA LEU A 31 -0.35 11.54 -11.23
C LEU A 31 -0.61 12.36 -12.50
N SER A 32 -0.69 13.68 -12.35
CA SER A 32 -0.94 14.56 -13.48
C SER A 32 -0.08 14.17 -14.67
N LYS A 33 1.11 13.66 -14.39
CA LYS A 33 2.04 13.25 -15.44
C LYS A 33 3.10 12.30 -14.89
N ALA A 34 3.44 11.28 -15.67
CA ALA A 34 4.45 10.30 -15.26
C ALA A 34 5.57 10.98 -14.48
N ALA A 35 5.75 10.56 -13.23
CA ALA A 35 6.80 11.12 -12.38
C ALA A 35 7.17 10.15 -11.26
N PRO A 36 8.44 10.21 -10.82
CA PRO A 36 8.95 9.35 -9.75
C PRO A 36 8.35 9.70 -8.39
N VAL A 37 8.10 8.68 -7.58
CA VAL A 37 7.53 8.88 -6.26
C VAL A 37 8.26 8.05 -5.21
N GLU A 38 7.98 8.31 -3.94
CA GLU A 38 8.61 7.59 -2.85
C GLU A 38 7.60 7.26 -1.74
N TRP A 39 7.31 5.98 -1.58
CA TRP A 39 6.36 5.53 -0.57
C TRP A 39 7.03 5.43 0.80
N ARG A 40 6.29 5.80 1.84
CA ARG A 40 6.82 5.75 3.21
C ARG A 40 5.74 5.32 4.18
N LYS A 41 6.10 4.41 5.09
CA LYS A 41 5.16 3.91 6.09
C LYS A 41 5.36 4.61 7.43
N GLY A 42 4.47 5.54 7.75
CA GLY A 42 4.57 6.28 8.99
C GLY A 42 5.87 7.02 9.12
N LEU A 43 6.84 6.41 9.81
CA LEU A 43 8.14 7.03 10.00
C LEU A 43 9.26 6.12 9.50
N GLU A 44 9.25 5.85 8.20
CA GLU A 44 10.26 5.00 7.60
C GLU A 44 10.26 5.15 6.08
N ALA A 45 11.25 4.53 5.43
CA ALA A 45 11.36 4.60 3.98
C ALA A 45 11.28 3.22 3.35
N LEU A 46 10.14 2.92 2.73
CA LEU A 46 9.93 1.62 2.10
C LEU A 46 10.79 1.48 0.85
N ARG A 47 11.34 0.29 0.65
CA ARG A 47 12.19 0.02 -0.50
C ARG A 47 11.60 -1.09 -1.37
N ASP A 48 11.69 -0.93 -2.69
CA ASP A 48 11.17 -1.91 -3.63
C ASP A 48 12.11 -3.10 -3.75
N GLY A 49 11.68 -4.25 -3.25
CA GLY A 49 12.51 -5.44 -3.32
C GLY A 49 11.70 -6.71 -3.21
N ASP A 50 11.76 -7.35 -2.04
CA ASP A 50 11.02 -8.58 -1.80
C ASP A 50 9.80 -8.33 -0.90
N LYS A 51 10.04 -7.64 0.22
CA LYS A 51 8.98 -7.34 1.16
C LYS A 51 7.81 -6.65 0.46
N TYR A 52 8.12 -5.63 -0.32
CA TYR A 52 7.09 -4.89 -1.05
C TYR A 52 7.27 -5.03 -2.56
N SER A 53 6.23 -4.72 -3.31
CA SER A 53 6.27 -4.83 -4.77
C SER A 53 5.82 -3.52 -5.42
N LEU A 54 6.78 -2.82 -6.04
CA LEU A 54 6.49 -1.56 -6.70
C LEU A 54 6.47 -1.73 -8.21
N ARG A 55 5.39 -1.27 -8.84
CA ARG A 55 5.26 -1.37 -10.29
C ARG A 55 4.86 -0.02 -10.89
N GLN A 56 5.55 1.03 -10.47
CA GLN A 56 5.28 2.37 -10.97
C GLN A 56 5.07 2.35 -12.48
N ASP A 57 3.90 2.83 -12.91
CA ASP A 57 3.57 2.87 -14.33
C ASP A 57 3.47 4.31 -14.82
N GLY A 58 3.31 4.48 -16.13
CA GLY A 58 3.20 5.81 -16.70
C GLY A 58 2.11 6.64 -16.04
N ALA A 59 2.52 7.55 -15.16
CA ALA A 59 1.57 8.41 -14.46
C ALA A 59 0.72 7.61 -13.48
N VAL A 60 1.26 6.47 -13.04
CA VAL A 60 0.54 5.61 -12.09
C VAL A 60 1.51 4.96 -11.10
N CYS A 61 1.03 4.74 -9.89
CA CYS A 61 1.85 4.12 -8.85
C CYS A 61 1.02 3.16 -8.00
N GLU A 62 1.41 1.90 -7.99
CA GLU A 62 0.71 0.87 -7.23
C GLU A 62 1.65 0.19 -6.23
N LEU A 63 1.33 0.31 -4.95
CA LEU A 63 2.14 -0.30 -3.89
C LEU A 63 1.46 -1.54 -3.33
N GLN A 64 2.15 -2.68 -3.43
CA GLN A 64 1.61 -3.94 -2.93
C GLN A 64 2.39 -4.41 -1.71
N ILE A 65 1.67 -4.69 -0.63
CA ILE A 65 2.30 -5.16 0.61
C ILE A 65 2.12 -6.66 0.78
N HIS A 66 3.18 -7.35 1.16
CA HIS A 66 3.14 -8.78 1.37
C HIS A 66 2.96 -9.12 2.85
N GLY A 67 1.94 -9.92 3.15
CA GLY A 67 1.68 -10.29 4.52
C GLY A 67 1.20 -9.13 5.36
N LEU A 68 -0.11 -9.06 5.59
CA LEU A 68 -0.70 -7.98 6.37
C LEU A 68 -0.87 -8.41 7.83
N ALA A 69 -0.98 -7.43 8.71
CA ALA A 69 -1.16 -7.70 10.14
C ALA A 69 -1.45 -6.42 10.91
N MET A 70 -1.62 -6.55 12.22
CA MET A 70 -1.90 -5.40 13.07
C MET A 70 -0.77 -4.37 13.00
N ALA A 71 0.39 -4.82 12.50
CA ALA A 71 1.55 -3.93 12.38
C ALA A 71 1.50 -3.15 11.07
N ASP A 72 0.74 -3.65 10.11
CA ASP A 72 0.61 -2.99 8.82
C ASP A 72 -0.44 -1.88 8.88
N ASN A 73 -1.15 -1.80 9.99
CA ASN A 73 -2.19 -0.79 10.17
C ASN A 73 -1.57 0.57 10.48
N GLY A 74 -1.91 1.56 9.67
CA GLY A 74 -1.38 2.90 9.86
C GLY A 74 -1.78 3.85 8.77
N VAL A 75 -0.84 4.68 8.32
CA VAL A 75 -1.10 5.65 7.28
C VAL A 75 0.07 5.74 6.30
N TYR A 76 -0.16 5.29 5.06
CA TYR A 76 0.87 5.32 4.04
C TYR A 76 0.91 6.66 3.32
N SER A 77 2.11 7.16 3.06
CA SER A 77 2.27 8.43 2.37
C SER A 77 3.11 8.28 1.12
N CYS A 78 2.82 9.09 0.10
CA CYS A 78 3.54 9.04 -1.16
C CYS A 78 4.04 10.42 -1.55
N VAL A 79 5.36 10.61 -1.48
CA VAL A 79 5.97 11.88 -1.84
C VAL A 79 6.60 11.83 -3.22
N CYS A 80 6.21 12.77 -4.08
CA CYS A 80 6.73 12.82 -5.44
C CYS A 80 7.53 14.10 -5.65
N GLY A 81 7.22 15.13 -4.86
CA GLY A 81 7.92 16.39 -4.98
C GLY A 81 7.41 17.44 -4.01
N GLN A 82 6.82 18.50 -4.55
CA GLN A 82 6.28 19.57 -3.71
C GLN A 82 4.92 19.20 -3.16
N GLU A 83 4.54 17.94 -3.32
CA GLU A 83 3.25 17.46 -2.84
C GLU A 83 3.37 16.04 -2.28
N ARG A 84 2.36 15.63 -1.51
CA ARG A 84 2.36 14.31 -0.90
C ARG A 84 0.97 13.95 -0.38
N THR A 85 0.55 12.71 -0.65
CA THR A 85 -0.76 12.25 -0.22
C THR A 85 -0.64 11.22 0.89
N SER A 86 -1.76 10.89 1.52
CA SER A 86 -1.78 9.92 2.61
C SER A 86 -3.05 9.08 2.56
N ALA A 87 -2.93 7.81 2.95
CA ALA A 87 -4.07 6.90 2.96
C ALA A 87 -4.09 6.06 4.22
N THR A 88 -5.21 5.38 4.47
CA THR A 88 -5.36 4.54 5.65
C THR A 88 -5.73 3.11 5.25
N LEU A 89 -4.98 2.15 5.79
CA LEU A 89 -5.23 0.75 5.49
C LEU A 89 -5.89 0.04 6.67
N THR A 90 -7.00 -0.63 6.41
CA THR A 90 -7.74 -1.33 7.45
C THR A 90 -7.46 -2.83 7.40
N VAL A 91 -6.90 -3.37 8.49
CA VAL A 91 -6.59 -4.79 8.57
C VAL A 91 -7.29 -5.45 9.75
N ARG A 92 -8.26 -6.31 9.45
CA ARG A 92 -9.02 -7.01 10.47
C ARG A 92 -8.41 -8.37 10.77
N ALA A 93 -8.21 -8.67 12.05
CA ALA A 93 -7.63 -9.94 12.47
C ALA A 93 -8.57 -11.09 12.14
N LEU A 94 -8.01 -12.19 11.65
CA LEU A 94 -8.79 -13.36 11.29
C LEU A 94 -9.44 -13.98 12.53
N PRO A 95 -10.66 -14.50 12.37
CA PRO A 95 -11.41 -15.13 13.47
C PRO A 95 -10.79 -16.45 13.89
N ALA A 96 -10.68 -16.66 15.20
CA ALA A 96 -10.11 -17.89 15.74
C ALA A 96 -11.00 -19.09 15.42
N ARG A 97 -10.45 -20.06 14.70
CA ARG A 97 -11.20 -21.24 14.33
C ARG A 97 -10.26 -22.35 13.85
N PHE A 98 -10.21 -23.45 14.58
CA PHE A 98 -9.35 -24.57 14.23
C PHE A 98 -10.17 -25.84 14.00
N ILE A 99 -10.58 -26.05 12.76
CA ILE A 99 -11.38 -27.22 12.40
C ILE A 99 -10.95 -27.78 11.05
N GLU A 100 -10.85 -29.10 10.96
CA GLU A 100 -10.47 -29.76 9.73
C GLU A 100 -11.21 -29.16 8.53
N ASP A 101 -12.53 -29.12 8.63
CA ASP A 101 -13.36 -28.58 7.56
C ASP A 101 -13.20 -29.39 6.28
N SER A 102 -13.17 -30.71 6.43
CA SER A 102 -13.03 -31.61 5.29
C SER A 102 -14.38 -32.14 4.83
N GLY A 103 -14.66 -32.00 3.54
CA GLY A 103 -15.92 -32.47 2.99
C GLY A 103 -16.68 -31.38 2.29
N PRO A 104 -16.38 -31.18 0.99
CA PRO A 104 -17.03 -30.15 0.17
C PRO A 104 -18.49 -30.50 -0.13
N SER A 105 -19.40 -29.76 0.48
CA SER A 105 -20.83 -29.99 0.27
C SER A 105 -21.34 -29.20 -0.93
N SER A 106 -22.60 -29.46 -1.31
CA SER A 106 -23.20 -28.78 -2.44
C SER A 106 -24.43 -27.98 -2.01
N GLY A 107 -25.31 -28.64 -1.25
CA GLY A 107 -26.51 -27.98 -0.78
C GLY A 107 -27.77 -28.69 -1.20
N GLY A 1 5.05 32.34 -23.10
CA GLY A 1 5.59 32.00 -21.80
C GLY A 1 6.11 30.57 -21.73
N SER A 2 7.34 30.42 -21.24
CA SER A 2 7.95 29.11 -21.13
C SER A 2 8.02 28.66 -19.68
N SER A 3 7.06 27.84 -19.26
CA SER A 3 7.01 27.35 -17.89
C SER A 3 7.75 26.02 -17.77
N GLY A 4 8.73 25.98 -16.87
CA GLY A 4 9.50 24.76 -16.68
C GLY A 4 8.90 23.86 -15.63
N SER A 5 8.65 22.61 -16.00
CA SER A 5 8.06 21.63 -15.08
C SER A 5 9.15 20.86 -14.34
N SER A 6 9.04 20.81 -13.02
CA SER A 6 10.01 20.11 -12.19
C SER A 6 9.59 18.66 -11.97
N GLY A 7 8.35 18.46 -11.53
CA GLY A 7 7.84 17.12 -11.29
C GLY A 7 6.36 17.00 -11.60
N ALA A 8 5.69 16.09 -10.90
CA ALA A 8 4.27 15.87 -11.10
C ALA A 8 3.48 16.21 -9.84
N ARG A 9 2.15 16.21 -9.96
CA ARG A 9 1.29 16.51 -8.82
C ARG A 9 0.20 15.46 -8.68
N PHE A 10 -0.28 15.27 -7.45
CA PHE A 10 -1.32 14.30 -7.18
C PHE A 10 -2.69 14.85 -7.54
N THR A 11 -3.16 14.51 -8.75
CA THR A 11 -4.46 14.98 -9.22
C THR A 11 -5.58 14.05 -8.76
N GLU A 12 -5.22 12.80 -8.47
CA GLU A 12 -6.20 11.82 -8.01
C GLU A 12 -6.03 11.54 -6.52
N GLY A 13 -4.79 11.37 -6.10
CA GLY A 13 -4.52 11.09 -4.69
C GLY A 13 -4.76 9.64 -4.34
N LEU A 14 -4.58 9.32 -3.06
CA LEU A 14 -4.78 7.95 -2.58
C LEU A 14 -6.11 7.82 -1.84
N ARG A 15 -6.73 6.64 -1.94
CA ARG A 15 -8.00 6.39 -1.28
C ARG A 15 -7.84 5.34 -0.18
N ASN A 16 -8.71 5.41 0.82
CA ASN A 16 -8.67 4.46 1.93
C ASN A 16 -8.64 3.02 1.41
N GLU A 17 -7.91 2.16 2.12
CA GLU A 17 -7.81 0.76 1.72
C GLU A 17 -8.09 -0.15 2.92
N GLU A 18 -8.70 -1.31 2.65
CA GLU A 18 -9.01 -2.26 3.70
C GLU A 18 -8.74 -3.69 3.23
N ALA A 19 -8.19 -4.51 4.13
CA ALA A 19 -7.89 -5.90 3.82
C ALA A 19 -7.92 -6.76 5.06
N MET A 20 -7.75 -8.07 4.88
CA MET A 20 -7.76 -9.01 5.99
C MET A 20 -6.35 -9.40 6.40
N GLU A 21 -6.17 -9.73 7.68
CA GLU A 21 -4.86 -10.12 8.18
C GLU A 21 -4.21 -11.16 7.28
N GLY A 22 -3.16 -10.77 6.58
CA GLY A 22 -2.46 -11.70 5.70
C GLY A 22 -2.62 -11.31 4.24
N ALA A 23 -3.80 -10.84 3.87
CA ALA A 23 -4.06 -10.43 2.49
C ALA A 23 -2.97 -9.54 1.96
N THR A 24 -2.95 -9.32 0.65
CA THR A 24 -1.95 -8.49 0.01
C THR A 24 -2.51 -7.10 -0.30
N ALA A 25 -2.19 -6.14 0.56
CA ALA A 25 -2.66 -4.77 0.38
C ALA A 25 -2.21 -4.21 -0.96
N THR A 26 -3.16 -3.72 -1.75
CA THR A 26 -2.86 -3.16 -3.06
C THR A 26 -3.45 -1.75 -3.21
N LEU A 27 -2.59 -0.75 -3.17
CA LEU A 27 -3.02 0.64 -3.31
C LEU A 27 -2.93 1.10 -4.76
N GLN A 28 -3.48 2.28 -5.03
CA GLN A 28 -3.46 2.83 -6.38
C GLN A 28 -3.63 4.35 -6.35
N CYS A 29 -2.96 5.04 -7.28
CA CYS A 29 -3.04 6.49 -7.35
C CYS A 29 -2.61 6.99 -8.73
N GLU A 30 -3.20 8.10 -9.17
CA GLU A 30 -2.88 8.66 -10.47
C GLU A 30 -2.18 10.01 -10.31
N LEU A 31 -1.25 10.29 -11.21
CA LEU A 31 -0.49 11.54 -11.17
C LEU A 31 -0.63 12.30 -12.49
N SER A 32 -0.41 13.61 -12.43
CA SER A 32 -0.51 14.44 -13.63
C SER A 32 0.21 13.81 -14.81
N LYS A 33 1.35 13.18 -14.53
CA LYS A 33 2.14 12.51 -15.55
C LYS A 33 3.11 11.51 -14.95
N ALA A 34 3.26 10.36 -15.59
CA ALA A 34 4.17 9.32 -15.11
C ALA A 34 5.43 9.94 -14.52
N ALA A 35 5.64 9.72 -13.22
CA ALA A 35 6.80 10.24 -12.54
C ALA A 35 7.18 9.37 -11.34
N PRO A 36 8.47 9.38 -10.98
CA PRO A 36 8.98 8.61 -9.85
C PRO A 36 8.50 9.14 -8.50
N VAL A 37 7.97 8.24 -7.68
CA VAL A 37 7.46 8.63 -6.37
C VAL A 37 7.90 7.63 -5.30
N GLU A 38 8.02 8.10 -4.06
CA GLU A 38 8.43 7.24 -2.95
C GLU A 38 7.26 7.00 -2.00
N TRP A 39 7.27 5.85 -1.35
CA TRP A 39 6.22 5.49 -0.40
C TRP A 39 6.77 5.40 1.02
N ARG A 40 5.96 5.82 1.99
CA ARG A 40 6.36 5.80 3.38
C ARG A 40 5.19 5.42 4.28
N LYS A 41 5.38 4.38 5.09
CA LYS A 41 4.34 3.92 6.00
C LYS A 41 4.31 4.76 7.27
N GLY A 42 4.45 6.08 7.11
CA GLY A 42 4.44 6.98 8.24
C GLY A 42 5.83 7.42 8.66
N LEU A 43 6.27 6.96 9.82
CA LEU A 43 7.59 7.30 10.34
C LEU A 43 8.64 6.32 9.84
N GLU A 44 8.55 5.95 8.57
CA GLU A 44 9.49 5.01 7.97
C GLU A 44 9.64 5.26 6.48
N ALA A 45 10.76 4.84 5.92
CA ALA A 45 11.03 5.01 4.50
C ALA A 45 11.02 3.67 3.77
N LEU A 46 9.89 3.34 3.15
CA LEU A 46 9.76 2.09 2.42
C LEU A 46 10.60 2.10 1.15
N ARG A 47 10.67 0.95 0.48
CA ARG A 47 11.44 0.84 -0.75
C ARG A 47 10.90 -0.29 -1.63
N ASP A 48 11.31 -0.29 -2.89
CA ASP A 48 10.86 -1.31 -3.84
C ASP A 48 11.80 -2.51 -3.81
N GLY A 49 11.26 -3.66 -3.42
CA GLY A 49 12.05 -4.87 -3.35
C GLY A 49 11.21 -6.11 -3.17
N ASP A 50 11.65 -7.00 -2.27
CA ASP A 50 10.91 -8.23 -2.00
C ASP A 50 9.69 -7.97 -1.15
N LYS A 51 9.89 -7.29 -0.01
CA LYS A 51 8.80 -6.98 0.90
C LYS A 51 7.71 -6.17 0.18
N TYR A 52 8.11 -5.01 -0.35
CA TYR A 52 7.16 -4.15 -1.05
C TYR A 52 7.40 -4.20 -2.56
N SER A 53 6.31 -4.18 -3.33
CA SER A 53 6.40 -4.23 -4.77
C SER A 53 5.77 -2.98 -5.41
N LEU A 54 6.61 -2.14 -5.99
CA LEU A 54 6.15 -0.91 -6.63
C LEU A 54 6.05 -1.08 -8.14
N ARG A 55 4.83 -1.05 -8.66
CA ARG A 55 4.61 -1.21 -10.10
C ARG A 55 3.60 -0.17 -10.61
N GLN A 56 4.13 0.88 -11.24
CA GLN A 56 3.28 1.94 -11.78
C GLN A 56 3.02 1.73 -13.27
N ASP A 57 2.17 2.57 -13.84
CA ASP A 57 1.83 2.49 -15.26
C ASP A 57 1.07 3.72 -15.71
N GLY A 58 1.52 4.33 -16.80
CA GLY A 58 0.86 5.51 -17.32
C GLY A 58 0.39 6.45 -16.22
N ALA A 59 1.32 6.86 -15.36
CA ALA A 59 0.99 7.75 -14.25
C ALA A 59 0.04 7.09 -13.26
N VAL A 60 0.20 5.78 -13.09
CA VAL A 60 -0.65 5.03 -12.18
C VAL A 60 0.17 4.08 -11.31
N CYS A 61 0.58 4.57 -10.14
CA CYS A 61 1.38 3.76 -9.22
C CYS A 61 0.51 2.72 -8.51
N GLU A 62 1.12 1.61 -8.14
CA GLU A 62 0.41 0.52 -7.47
C GLU A 62 1.34 -0.22 -6.51
N LEU A 63 1.14 -0.01 -5.22
CA LEU A 63 1.95 -0.67 -4.20
C LEU A 63 1.35 -2.01 -3.80
N GLN A 64 2.21 -2.96 -3.45
CA GLN A 64 1.75 -4.29 -3.05
C GLN A 64 2.49 -4.76 -1.80
N ILE A 65 1.77 -4.87 -0.69
CA ILE A 65 2.36 -5.31 0.56
C ILE A 65 2.11 -6.79 0.80
N HIS A 66 3.18 -7.54 1.07
CA HIS A 66 3.07 -8.97 1.32
C HIS A 66 2.98 -9.26 2.82
N GLY A 67 2.01 -10.08 3.20
CA GLY A 67 1.82 -10.41 4.60
C GLY A 67 1.25 -9.27 5.41
N LEU A 68 -0.07 -9.20 5.48
CA LEU A 68 -0.75 -8.13 6.22
C LEU A 68 -0.92 -8.53 7.68
N ALA A 69 -1.14 -7.53 8.53
CA ALA A 69 -1.32 -7.76 9.96
C ALA A 69 -1.72 -6.48 10.68
N MET A 70 -1.82 -6.56 11.99
CA MET A 70 -2.20 -5.41 12.80
C MET A 70 -1.19 -4.28 12.65
N ALA A 71 0.09 -4.64 12.59
CA ALA A 71 1.16 -3.65 12.44
C ALA A 71 1.08 -2.98 11.08
N ASP A 72 0.86 -3.77 10.04
CA ASP A 72 0.76 -3.25 8.68
C ASP A 72 -0.15 -2.02 8.63
N ASN A 73 -1.34 -2.16 9.18
CA ASN A 73 -2.32 -1.06 9.20
C ASN A 73 -1.75 0.15 9.92
N GLY A 74 -2.06 1.34 9.41
CA GLY A 74 -1.58 2.56 10.02
C GLY A 74 -1.81 3.78 9.15
N VAL A 75 -0.73 4.44 8.75
CA VAL A 75 -0.82 5.63 7.92
C VAL A 75 0.31 5.66 6.89
N TYR A 76 -0.05 5.61 5.61
CA TYR A 76 0.93 5.64 4.54
C TYR A 76 0.96 7.00 3.85
N SER A 77 2.07 7.31 3.20
CA SER A 77 2.23 8.59 2.51
C SER A 77 3.10 8.44 1.27
N CYS A 78 2.71 9.09 0.19
CA CYS A 78 3.46 9.02 -1.06
C CYS A 78 3.99 10.39 -1.46
N VAL A 79 5.29 10.59 -1.28
CA VAL A 79 5.92 11.86 -1.62
C VAL A 79 6.31 11.91 -3.09
N CYS A 80 5.46 12.52 -3.91
CA CYS A 80 5.71 12.63 -5.34
C CYS A 80 6.43 13.94 -5.66
N GLY A 81 7.76 13.92 -5.51
CA GLY A 81 8.54 15.12 -5.79
C GLY A 81 8.34 16.20 -4.76
N GLN A 82 7.38 17.08 -5.01
CA GLN A 82 7.09 18.18 -4.10
C GLN A 82 5.89 17.84 -3.21
N GLU A 83 4.74 17.64 -3.83
CA GLU A 83 3.52 17.31 -3.10
C GLU A 83 3.57 15.87 -2.58
N ARG A 84 2.57 15.50 -1.78
CA ARG A 84 2.51 14.17 -1.22
C ARG A 84 1.10 13.86 -0.69
N THR A 85 0.61 12.66 -0.98
CA THR A 85 -0.72 12.25 -0.55
C THR A 85 -0.64 11.15 0.50
N SER A 86 -1.51 11.23 1.51
CA SER A 86 -1.53 10.24 2.57
C SER A 86 -2.78 9.38 2.49
N ALA A 87 -2.71 8.17 3.05
CA ALA A 87 -3.84 7.25 3.04
C ALA A 87 -3.94 6.49 4.36
N THR A 88 -5.04 5.78 4.54
CA THR A 88 -5.26 5.00 5.76
C THR A 88 -5.63 3.56 5.43
N LEU A 89 -4.94 2.62 6.07
CA LEU A 89 -5.20 1.19 5.85
C LEU A 89 -5.89 0.58 7.05
N THR A 90 -6.81 -0.35 6.79
CA THR A 90 -7.55 -1.01 7.86
C THR A 90 -7.49 -2.53 7.69
N VAL A 91 -6.81 -3.19 8.63
CA VAL A 91 -6.68 -4.65 8.60
C VAL A 91 -7.51 -5.30 9.70
N ARG A 92 -8.22 -6.36 9.35
CA ARG A 92 -9.05 -7.07 10.32
C ARG A 92 -8.51 -8.48 10.54
N ALA A 93 -8.25 -8.81 11.80
CA ALA A 93 -7.74 -10.13 12.16
C ALA A 93 -8.73 -11.22 11.80
N LEU A 94 -8.21 -12.35 11.33
CA LEU A 94 -9.05 -13.48 10.94
C LEU A 94 -9.41 -14.34 12.15
N PRO A 95 -10.51 -15.07 12.05
CA PRO A 95 -10.98 -15.96 13.13
C PRO A 95 -10.07 -17.18 13.30
N ALA A 96 -10.21 -17.84 14.45
CA ALA A 96 -9.41 -19.02 14.75
C ALA A 96 -9.67 -20.13 13.73
N ARG A 97 -8.61 -20.64 13.13
CA ARG A 97 -8.71 -21.71 12.14
C ARG A 97 -9.05 -23.03 12.81
N PHE A 98 -8.18 -23.48 13.71
CA PHE A 98 -8.38 -24.73 14.42
C PHE A 98 -8.29 -24.52 15.93
N ILE A 99 -8.85 -25.47 16.68
CA ILE A 99 -8.84 -25.38 18.14
C ILE A 99 -9.04 -26.76 18.77
N GLU A 100 -8.45 -26.96 19.93
CA GLU A 100 -8.56 -28.24 20.64
C GLU A 100 -9.42 -28.08 21.90
N ASP A 101 -10.73 -28.16 21.72
CA ASP A 101 -11.66 -28.03 22.85
C ASP A 101 -12.69 -29.15 22.83
N SER A 102 -12.95 -29.73 24.00
CA SER A 102 -13.91 -30.81 24.12
C SER A 102 -15.19 -30.34 24.80
N GLY A 103 -16.31 -30.92 24.39
CA GLY A 103 -17.59 -30.54 24.96
C GLY A 103 -18.34 -31.72 25.54
N PRO A 104 -19.13 -31.48 26.60
CA PRO A 104 -19.91 -32.52 27.27
C PRO A 104 -21.07 -33.00 26.41
N SER A 105 -21.75 -34.05 26.88
CA SER A 105 -22.88 -34.61 26.15
C SER A 105 -24.18 -34.40 26.92
N SER A 106 -25.20 -33.93 26.22
CA SER A 106 -26.50 -33.68 26.85
C SER A 106 -27.25 -34.99 27.07
N GLY A 107 -27.36 -35.79 26.02
CA GLY A 107 -28.05 -37.07 26.13
C GLY A 107 -27.42 -37.98 27.16
N GLY A 1 5.81 8.69 -28.58
CA GLY A 1 6.74 8.45 -27.49
C GLY A 1 6.69 9.54 -26.43
N SER A 2 7.55 9.42 -25.43
CA SER A 2 7.60 10.39 -24.34
C SER A 2 9.01 10.94 -24.16
N SER A 3 9.09 12.22 -23.79
CA SER A 3 10.38 12.87 -23.59
C SER A 3 10.85 12.72 -22.15
N GLY A 4 10.04 13.20 -21.21
CA GLY A 4 10.39 13.10 -19.80
C GLY A 4 9.99 14.34 -19.02
N SER A 5 9.63 14.14 -17.76
CA SER A 5 9.21 15.24 -16.90
C SER A 5 9.72 15.05 -15.48
N SER A 6 9.91 16.16 -14.77
CA SER A 6 10.41 16.12 -13.40
C SER A 6 9.55 16.97 -12.48
N GLY A 7 8.68 16.33 -11.70
CA GLY A 7 7.82 17.05 -10.79
C GLY A 7 6.36 17.02 -11.22
N ALA A 8 5.51 16.47 -10.37
CA ALA A 8 4.08 16.38 -10.67
C ALA A 8 3.25 16.46 -9.39
N ARG A 9 1.93 16.52 -9.57
CA ARG A 9 1.02 16.61 -8.43
C ARG A 9 0.05 15.43 -8.42
N PHE A 10 -0.68 15.28 -7.32
CA PHE A 10 -1.65 14.20 -7.18
C PHE A 10 -3.04 14.65 -7.59
N THR A 11 -3.42 14.35 -8.84
CA THR A 11 -4.73 14.73 -9.35
C THR A 11 -5.82 13.78 -8.85
N GLU A 12 -5.43 12.53 -8.60
CA GLU A 12 -6.37 11.53 -8.12
C GLU A 12 -6.19 11.29 -6.61
N GLY A 13 -4.95 11.39 -6.15
CA GLY A 13 -4.67 11.17 -4.74
C GLY A 13 -4.90 9.74 -4.30
N LEU A 14 -4.33 9.36 -3.17
CA LEU A 14 -4.48 8.01 -2.64
C LEU A 14 -5.85 7.82 -2.00
N ARG A 15 -6.56 6.77 -2.42
CA ARG A 15 -7.88 6.48 -1.89
C ARG A 15 -7.80 5.45 -0.77
N ASN A 16 -8.76 5.50 0.15
CA ASN A 16 -8.79 4.58 1.27
C ASN A 16 -8.88 3.13 0.79
N GLU A 17 -8.18 2.24 1.47
CA GLU A 17 -8.19 0.82 1.11
C GLU A 17 -8.43 -0.06 2.34
N GLU A 18 -8.99 -1.23 2.11
CA GLU A 18 -9.28 -2.17 3.20
C GLU A 18 -9.11 -3.61 2.73
N ALA A 19 -8.36 -4.39 3.50
CA ALA A 19 -8.12 -5.78 3.18
C ALA A 19 -7.89 -6.61 4.43
N MET A 20 -8.46 -7.81 4.47
CA MET A 20 -8.33 -8.70 5.61
C MET A 20 -6.85 -8.94 5.93
N GLU A 21 -6.60 -9.53 7.10
CA GLU A 21 -5.23 -9.82 7.53
C GLU A 21 -4.62 -10.94 6.69
N GLY A 22 -3.31 -10.89 6.53
CA GLY A 22 -2.62 -11.90 5.76
C GLY A 22 -2.68 -11.64 4.26
N ALA A 23 -3.67 -10.86 3.85
CA ALA A 23 -3.85 -10.52 2.44
C ALA A 23 -2.76 -9.57 1.96
N THR A 24 -2.81 -9.20 0.69
CA THR A 24 -1.82 -8.30 0.11
C THR A 24 -2.43 -6.93 -0.19
N ALA A 25 -2.17 -5.97 0.71
CA ALA A 25 -2.69 -4.62 0.55
C ALA A 25 -2.19 -3.99 -0.76
N THR A 26 -3.12 -3.59 -1.61
CA THR A 26 -2.77 -2.97 -2.89
C THR A 26 -3.40 -1.58 -3.02
N LEU A 27 -2.55 -0.56 -2.99
CA LEU A 27 -3.02 0.82 -3.12
C LEU A 27 -3.06 1.26 -4.57
N GLN A 28 -3.52 2.49 -4.81
CA GLN A 28 -3.61 3.02 -6.16
C GLN A 28 -3.56 4.54 -6.14
N CYS A 29 -2.95 5.12 -7.18
CA CYS A 29 -2.83 6.57 -7.28
C CYS A 29 -2.38 6.98 -8.68
N GLU A 30 -2.98 8.05 -9.19
CA GLU A 30 -2.65 8.55 -10.53
C GLU A 30 -2.09 9.97 -10.46
N LEU A 31 -1.05 10.23 -11.24
CA LEU A 31 -0.42 11.55 -11.27
C LEU A 31 -0.74 12.27 -12.58
N SER A 32 -0.97 13.58 -12.48
CA SER A 32 -1.28 14.38 -13.65
C SER A 32 -0.48 13.92 -14.86
N LYS A 33 0.73 13.40 -14.60
CA LYS A 33 1.59 12.92 -15.67
C LYS A 33 2.61 11.92 -15.12
N ALA A 34 3.05 11.00 -15.98
CA ALA A 34 4.03 9.99 -15.60
C ALA A 34 5.21 10.62 -14.86
N ALA A 35 5.51 10.12 -13.67
CA ALA A 35 6.62 10.64 -12.87
C ALA A 35 6.96 9.70 -11.74
N PRO A 36 8.25 9.67 -11.37
CA PRO A 36 8.74 8.80 -10.28
C PRO A 36 8.25 9.26 -8.92
N VAL A 37 7.81 8.29 -8.11
CA VAL A 37 7.31 8.60 -6.77
C VAL A 37 8.10 7.83 -5.71
N GLU A 38 7.70 8.00 -4.45
CA GLU A 38 8.37 7.33 -3.34
C GLU A 38 7.43 7.16 -2.16
N TRP A 39 7.11 5.92 -1.83
CA TRP A 39 6.22 5.62 -0.72
C TRP A 39 6.96 5.70 0.61
N ARG A 40 6.25 6.12 1.65
CA ARG A 40 6.84 6.25 2.99
C ARG A 40 5.79 5.99 4.07
N LYS A 41 5.98 4.89 4.80
CA LYS A 41 5.06 4.53 5.87
C LYS A 41 5.50 5.13 7.19
N GLY A 42 4.54 5.66 7.95
CA GLY A 42 4.85 6.26 9.24
C GLY A 42 6.15 7.05 9.21
N LEU A 43 6.17 8.09 8.38
CA LEU A 43 7.37 8.93 8.27
C LEU A 43 8.62 8.08 8.14
N GLU A 44 8.51 6.96 7.44
CA GLU A 44 9.64 6.06 7.25
C GLU A 44 9.95 5.87 5.77
N ALA A 45 11.13 5.35 5.47
CA ALA A 45 11.54 5.12 4.09
C ALA A 45 11.33 3.66 3.70
N LEU A 46 10.67 3.45 2.56
CA LEU A 46 10.40 2.10 2.07
C LEU A 46 11.23 1.80 0.85
N ARG A 47 11.47 0.51 0.59
CA ARG A 47 12.26 0.09 -0.55
C ARG A 47 11.56 -1.04 -1.31
N ASP A 48 12.04 -1.33 -2.51
CA ASP A 48 11.46 -2.40 -3.33
C ASP A 48 12.33 -3.65 -3.29
N GLY A 49 11.74 -4.76 -2.88
CA GLY A 49 12.47 -6.01 -2.80
C GLY A 49 11.55 -7.21 -2.75
N ASP A 50 11.42 -7.81 -1.58
CA ASP A 50 10.56 -8.97 -1.39
C ASP A 50 9.34 -8.64 -0.55
N LYS A 51 9.57 -8.03 0.60
CA LYS A 51 8.48 -7.64 1.49
C LYS A 51 7.46 -6.77 0.76
N TYR A 52 7.95 -5.87 -0.08
CA TYR A 52 7.08 -4.98 -0.84
C TYR A 52 7.36 -5.09 -2.34
N SER A 53 6.32 -4.88 -3.14
CA SER A 53 6.45 -4.97 -4.59
C SER A 53 5.99 -3.66 -5.25
N LEU A 54 6.95 -2.80 -5.56
CA LEU A 54 6.66 -1.53 -6.20
C LEU A 54 6.51 -1.68 -7.71
N ARG A 55 5.27 -1.58 -8.20
CA ARG A 55 5.01 -1.71 -9.62
C ARG A 55 4.43 -0.40 -10.19
N GLN A 56 5.32 0.56 -10.44
CA GLN A 56 4.90 1.85 -10.99
C GLN A 56 4.54 1.72 -12.46
N ASP A 57 3.68 2.62 -12.93
CA ASP A 57 3.25 2.61 -14.33
C ASP A 57 3.05 4.03 -14.84
N GLY A 58 2.60 4.15 -16.08
CA GLY A 58 2.37 5.45 -16.68
C GLY A 58 1.36 6.28 -15.89
N ALA A 59 1.85 7.28 -15.17
CA ALA A 59 0.98 8.15 -14.38
C ALA A 59 0.07 7.33 -13.47
N VAL A 60 0.52 6.12 -13.13
CA VAL A 60 -0.25 5.24 -12.27
C VAL A 60 0.67 4.38 -11.40
N CYS A 61 0.62 4.60 -10.09
CA CYS A 61 1.44 3.84 -9.16
C CYS A 61 0.60 2.87 -8.36
N GLU A 62 1.07 1.63 -8.27
CA GLU A 62 0.35 0.58 -7.53
C GLU A 62 1.29 -0.13 -6.56
N LEU A 63 1.09 0.11 -5.27
CA LEU A 63 1.92 -0.52 -4.24
C LEU A 63 1.31 -1.85 -3.79
N GLN A 64 2.16 -2.73 -3.27
CA GLN A 64 1.70 -4.03 -2.79
C GLN A 64 2.46 -4.46 -1.54
N ILE A 65 1.72 -4.77 -0.49
CA ILE A 65 2.31 -5.18 0.77
C ILE A 65 1.99 -6.64 1.08
N HIS A 66 2.98 -7.51 0.89
CA HIS A 66 2.80 -8.94 1.14
C HIS A 66 2.87 -9.23 2.64
N GLY A 67 1.85 -9.89 3.16
CA GLY A 67 1.81 -10.22 4.57
C GLY A 67 1.21 -9.11 5.41
N LEU A 68 -0.11 -9.00 5.37
CA LEU A 68 -0.82 -7.97 6.13
C LEU A 68 -0.97 -8.39 7.59
N ALA A 69 -0.93 -7.41 8.49
CA ALA A 69 -1.07 -7.68 9.91
C ALA A 69 -1.30 -6.38 10.70
N MET A 70 -1.67 -6.52 11.96
CA MET A 70 -1.91 -5.36 12.81
C MET A 70 -0.83 -4.30 12.61
N ALA A 71 0.42 -4.71 12.72
CA ALA A 71 1.54 -3.80 12.54
C ALA A 71 1.34 -2.90 11.33
N ASP A 72 0.92 -3.50 10.22
CA ASP A 72 0.68 -2.76 8.99
C ASP A 72 -0.31 -1.62 9.22
N ASN A 73 -1.37 -1.90 9.99
CA ASN A 73 -2.38 -0.92 10.29
C ASN A 73 -1.75 0.45 10.60
N GLY A 74 -2.27 1.50 9.96
CA GLY A 74 -1.74 2.82 10.18
C GLY A 74 -2.00 3.75 9.01
N VAL A 75 -1.05 4.64 8.75
CA VAL A 75 -1.19 5.60 7.64
C VAL A 75 0.07 5.61 6.78
N TYR A 76 -0.13 5.72 5.47
CA TYR A 76 0.99 5.74 4.53
C TYR A 76 1.06 7.09 3.81
N SER A 77 2.28 7.56 3.57
CA SER A 77 2.48 8.83 2.89
C SER A 77 3.29 8.64 1.61
N CYS A 78 2.73 9.08 0.48
CA CYS A 78 3.39 8.96 -0.80
C CYS A 78 3.92 10.31 -1.28
N VAL A 79 5.24 10.41 -1.42
CA VAL A 79 5.87 11.64 -1.86
C VAL A 79 6.26 11.56 -3.33
N CYS A 80 6.05 12.66 -4.06
CA CYS A 80 6.38 12.70 -5.48
C CYS A 80 7.20 13.95 -5.80
N GLY A 81 6.54 15.11 -5.78
CA GLY A 81 7.22 16.36 -6.08
C GLY A 81 6.56 17.55 -5.40
N GLN A 82 7.22 18.09 -4.38
CA GLN A 82 6.69 19.23 -3.65
C GLN A 82 5.29 18.95 -3.13
N GLU A 83 5.02 17.67 -2.83
CA GLU A 83 3.72 17.26 -2.32
C GLU A 83 3.80 15.89 -1.67
N ARG A 84 2.69 15.46 -1.07
CA ARG A 84 2.64 14.17 -0.41
C ARG A 84 1.21 13.83 0.02
N THR A 85 0.71 12.68 -0.42
CA THR A 85 -0.64 12.25 -0.08
C THR A 85 -0.61 11.25 1.07
N SER A 86 -1.72 11.20 1.82
CA SER A 86 -1.83 10.29 2.95
C SER A 86 -3.12 9.49 2.88
N ALA A 87 -3.06 8.24 3.33
CA ALA A 87 -4.23 7.37 3.31
C ALA A 87 -4.26 6.47 4.55
N THR A 88 -5.36 5.74 4.73
CA THR A 88 -5.51 4.86 5.86
C THR A 88 -5.91 3.45 5.42
N LEU A 89 -5.14 2.46 5.87
CA LEU A 89 -5.41 1.08 5.51
C LEU A 89 -6.00 0.31 6.70
N THR A 90 -6.98 -0.54 6.43
CA THR A 90 -7.62 -1.32 7.47
C THR A 90 -7.30 -2.81 7.32
N VAL A 91 -6.76 -3.40 8.38
CA VAL A 91 -6.40 -4.82 8.36
C VAL A 91 -7.22 -5.60 9.38
N ARG A 92 -8.17 -6.40 8.88
CA ARG A 92 -9.03 -7.20 9.74
C ARG A 92 -8.30 -8.46 10.20
N ALA A 93 -8.45 -8.79 11.48
CA ALA A 93 -7.81 -9.97 12.06
C ALA A 93 -8.66 -11.22 11.83
N LEU A 94 -8.04 -12.28 11.32
CA LEU A 94 -8.74 -13.52 11.06
C LEU A 94 -8.81 -14.39 12.32
N PRO A 95 -9.94 -15.09 12.48
CA PRO A 95 -10.15 -15.97 13.65
C PRO A 95 -9.26 -17.20 13.62
N ALA A 96 -9.43 -18.08 14.59
CA ALA A 96 -8.64 -19.31 14.68
C ALA A 96 -9.30 -20.44 13.90
N ARG A 97 -9.68 -20.16 12.66
CA ARG A 97 -10.33 -21.16 11.82
C ARG A 97 -9.42 -22.37 11.61
N PHE A 98 -8.29 -22.17 10.94
CA PHE A 98 -7.34 -23.24 10.69
C PHE A 98 -6.35 -23.38 11.83
N ILE A 99 -5.59 -24.46 11.82
CA ILE A 99 -4.59 -24.71 12.86
C ILE A 99 -3.21 -24.93 12.25
N GLU A 100 -2.19 -24.42 12.93
CA GLU A 100 -0.81 -24.57 12.47
C GLU A 100 -0.55 -25.99 12.00
N ASP A 101 -0.20 -26.13 10.73
CA ASP A 101 0.08 -27.45 10.16
C ASP A 101 1.58 -27.69 10.06
N SER A 102 1.96 -28.84 9.51
CA SER A 102 3.37 -29.19 9.37
C SER A 102 3.67 -29.68 7.95
N GLY A 103 4.95 -29.94 7.67
CA GLY A 103 5.34 -30.42 6.36
C GLY A 103 6.83 -30.37 6.15
N PRO A 104 7.34 -31.22 5.25
CA PRO A 104 8.77 -31.29 4.94
C PRO A 104 9.26 -30.06 4.18
N SER A 105 10.58 -29.84 4.20
CA SER A 105 11.17 -28.70 3.51
C SER A 105 11.34 -28.99 2.03
N SER A 106 10.71 -28.17 1.19
CA SER A 106 10.78 -28.34 -0.24
C SER A 106 12.23 -28.33 -0.72
N GLY A 107 12.44 -28.66 -1.99
CA GLY A 107 13.79 -28.67 -2.54
C GLY A 107 14.32 -30.08 -2.71
N GLY A 1 20.38 24.16 -10.10
CA GLY A 1 20.93 23.73 -8.81
C GLY A 1 20.54 22.31 -8.47
N SER A 2 19.29 21.96 -8.75
CA SER A 2 18.78 20.62 -8.46
C SER A 2 18.03 20.05 -9.65
N SER A 3 18.76 19.44 -10.58
CA SER A 3 18.17 18.86 -11.78
C SER A 3 18.08 17.34 -11.65
N GLY A 4 16.96 16.77 -12.09
CA GLY A 4 16.78 15.34 -12.02
C GLY A 4 15.34 14.95 -11.76
N SER A 5 14.77 15.49 -10.69
CA SER A 5 13.39 15.19 -10.32
C SER A 5 12.42 16.10 -11.08
N SER A 6 11.38 15.50 -11.65
CA SER A 6 10.38 16.25 -12.40
C SER A 6 9.22 16.66 -11.50
N GLY A 7 8.34 17.50 -12.03
CA GLY A 7 7.20 17.96 -11.26
C GLY A 7 5.91 17.25 -11.66
N ALA A 8 5.11 16.88 -10.67
CA ALA A 8 3.85 16.18 -10.92
C ALA A 8 2.88 16.37 -9.76
N ARG A 9 1.69 16.89 -10.06
CA ARG A 9 0.67 17.11 -9.04
C ARG A 9 -0.29 15.92 -8.96
N PHE A 10 -0.80 15.66 -7.76
CA PHE A 10 -1.72 14.56 -7.54
C PHE A 10 -3.13 14.95 -7.93
N THR A 11 -3.63 14.39 -9.03
CA THR A 11 -4.97 14.69 -9.51
C THR A 11 -5.98 13.69 -8.97
N GLU A 12 -5.53 12.46 -8.75
CA GLU A 12 -6.39 11.40 -8.23
C GLU A 12 -6.17 11.19 -6.74
N GLY A 13 -4.91 11.19 -6.32
CA GLY A 13 -4.58 11.00 -4.93
C GLY A 13 -4.90 9.60 -4.45
N LEU A 14 -4.27 9.20 -3.35
CA LEU A 14 -4.49 7.87 -2.78
C LEU A 14 -5.91 7.74 -2.25
N ARG A 15 -6.39 6.51 -2.14
CA ARG A 15 -7.73 6.24 -1.64
C ARG A 15 -7.69 5.27 -0.46
N ASN A 16 -8.82 5.15 0.23
CA ASN A 16 -8.92 4.25 1.38
C ASN A 16 -8.81 2.79 0.94
N GLU A 17 -8.20 1.98 1.79
CA GLU A 17 -8.04 0.56 1.49
C GLU A 17 -8.64 -0.31 2.59
N GLU A 18 -8.83 -1.59 2.30
CA GLU A 18 -9.39 -2.52 3.27
C GLU A 18 -9.14 -3.97 2.85
N ALA A 19 -8.59 -4.75 3.78
CA ALA A 19 -8.29 -6.16 3.51
C ALA A 19 -8.09 -6.93 4.81
N MET A 20 -8.45 -8.20 4.79
CA MET A 20 -8.30 -9.06 5.96
C MET A 20 -6.83 -9.30 6.28
N GLU A 21 -6.54 -9.57 7.56
CA GLU A 21 -5.17 -9.81 7.99
C GLU A 21 -4.56 -11.00 7.25
N GLY A 22 -3.31 -10.86 6.84
CA GLY A 22 -2.64 -11.93 6.12
C GLY A 22 -2.76 -11.78 4.62
N ALA A 23 -3.78 -11.07 4.17
CA ALA A 23 -4.00 -10.85 2.75
C ALA A 23 -2.95 -9.90 2.17
N THR A 24 -3.10 -9.56 0.89
CA THR A 24 -2.17 -8.67 0.22
C THR A 24 -2.85 -7.38 -0.21
N ALA A 25 -2.56 -6.30 0.51
CA ALA A 25 -3.14 -5.00 0.21
C ALA A 25 -2.67 -4.49 -1.15
N THR A 26 -3.48 -3.64 -1.77
CA THR A 26 -3.14 -3.09 -3.08
C THR A 26 -3.73 -1.69 -3.24
N LEU A 27 -2.85 -0.68 -3.25
CA LEU A 27 -3.28 0.70 -3.40
C LEU A 27 -3.21 1.14 -4.86
N GLN A 28 -3.52 2.41 -5.11
CA GLN A 28 -3.48 2.95 -6.47
C GLN A 28 -3.65 4.46 -6.45
N CYS A 29 -2.87 5.15 -7.28
CA CYS A 29 -2.92 6.60 -7.37
C CYS A 29 -2.39 7.09 -8.71
N GLU A 30 -3.06 8.08 -9.28
CA GLU A 30 -2.66 8.65 -10.56
C GLU A 30 -2.08 10.05 -10.38
N LEU A 31 -1.06 10.35 -11.17
CA LEU A 31 -0.41 11.67 -11.10
C LEU A 31 -0.59 12.43 -12.42
N SER A 32 -0.63 13.75 -12.32
CA SER A 32 -0.81 14.60 -13.50
C SER A 32 0.03 14.08 -14.66
N LYS A 33 1.15 13.45 -14.35
CA LYS A 33 2.04 12.90 -15.37
C LYS A 33 3.11 12.01 -14.75
N ALA A 34 3.46 10.95 -15.45
CA ALA A 34 4.47 10.01 -14.97
C ALA A 34 5.59 10.75 -14.24
N ALA A 35 5.81 10.40 -12.98
CA ALA A 35 6.84 11.03 -12.17
C ALA A 35 7.33 10.09 -11.07
N PRO A 36 8.62 10.18 -10.73
CA PRO A 36 9.24 9.35 -9.70
C PRO A 36 8.75 9.71 -8.30
N VAL A 37 8.28 8.71 -7.56
CA VAL A 37 7.79 8.92 -6.21
C VAL A 37 8.49 8.00 -5.21
N GLU A 38 8.17 8.17 -3.94
CA GLU A 38 8.77 7.34 -2.88
C GLU A 38 7.76 7.07 -1.78
N TRP A 39 7.55 5.79 -1.47
CA TRP A 39 6.61 5.39 -0.43
C TRP A 39 7.30 5.38 0.94
N ARG A 40 6.61 5.91 1.94
CA ARG A 40 7.15 5.96 3.29
C ARG A 40 6.09 5.56 4.31
N LYS A 41 6.50 4.77 5.30
CA LYS A 41 5.59 4.32 6.34
C LYS A 41 6.13 4.65 7.73
N GLY A 42 5.29 5.20 8.58
CA GLY A 42 5.71 5.56 9.93
C GLY A 42 6.97 6.37 9.94
N LEU A 43 7.04 7.39 9.10
CA LEU A 43 8.20 8.25 9.01
C LEU A 43 9.46 7.44 8.73
N GLU A 44 9.34 6.46 7.83
CA GLU A 44 10.46 5.62 7.48
C GLU A 44 10.53 5.41 5.97
N ALA A 45 11.75 5.23 5.46
CA ALA A 45 11.96 5.02 4.02
C ALA A 45 11.77 3.56 3.65
N LEU A 46 10.83 3.30 2.74
CA LEU A 46 10.55 1.94 2.30
C LEU A 46 11.44 1.56 1.12
N ARG A 47 11.68 0.26 0.97
CA ARG A 47 12.52 -0.23 -0.12
C ARG A 47 11.76 -1.24 -0.97
N ASP A 48 11.91 -1.12 -2.29
CA ASP A 48 11.23 -2.03 -3.22
C ASP A 48 12.10 -3.25 -3.51
N GLY A 49 11.49 -4.42 -3.53
CA GLY A 49 12.21 -5.65 -3.79
C GLY A 49 11.36 -6.88 -3.61
N ASP A 50 11.37 -7.43 -2.40
CA ASP A 50 10.59 -8.62 -2.09
C ASP A 50 9.37 -8.27 -1.24
N LYS A 51 9.62 -7.78 -0.03
CA LYS A 51 8.54 -7.40 0.87
C LYS A 51 7.53 -6.51 0.17
N TYR A 52 7.96 -5.31 -0.22
CA TYR A 52 7.09 -4.37 -0.90
C TYR A 52 7.31 -4.42 -2.41
N SER A 53 6.25 -4.76 -3.14
CA SER A 53 6.33 -4.86 -4.60
C SER A 53 5.75 -3.60 -5.25
N LEU A 54 6.59 -2.86 -5.96
CA LEU A 54 6.17 -1.65 -6.63
C LEU A 54 5.97 -1.89 -8.12
N ARG A 55 4.83 -1.44 -8.65
CA ARG A 55 4.53 -1.60 -10.06
C ARG A 55 4.00 -0.30 -10.66
N GLN A 56 4.85 0.39 -11.42
CA GLN A 56 4.46 1.65 -12.05
C GLN A 56 3.99 1.42 -13.48
N ASP A 57 2.89 2.08 -13.84
CA ASP A 57 2.34 1.95 -15.18
C ASP A 57 2.09 3.32 -15.80
N GLY A 58 3.17 4.06 -16.03
CA GLY A 58 3.04 5.38 -16.62
C GLY A 58 2.01 6.24 -15.91
N ALA A 59 2.47 7.06 -14.97
CA ALA A 59 1.58 7.93 -14.21
C ALA A 59 0.61 7.12 -13.35
N VAL A 60 1.04 5.92 -12.97
CA VAL A 60 0.21 5.05 -12.14
C VAL A 60 1.07 4.24 -11.17
N CYS A 61 0.96 4.56 -9.89
CA CYS A 61 1.72 3.86 -8.86
C CYS A 61 0.84 2.85 -8.12
N GLU A 62 1.31 1.60 -8.08
CA GLU A 62 0.56 0.54 -7.41
C GLU A 62 1.42 -0.13 -6.33
N LEU A 63 1.07 0.12 -5.07
CA LEU A 63 1.81 -0.45 -3.95
C LEU A 63 1.18 -1.77 -3.50
N GLN A 64 2.00 -2.81 -3.39
CA GLN A 64 1.52 -4.12 -2.97
C GLN A 64 2.25 -4.58 -1.71
N ILE A 65 1.48 -4.88 -0.67
CA ILE A 65 2.03 -5.33 0.60
C ILE A 65 1.66 -6.77 0.88
N HIS A 66 2.67 -7.63 1.03
CA HIS A 66 2.45 -9.04 1.31
C HIS A 66 2.39 -9.30 2.81
N GLY A 67 1.74 -10.40 3.19
CA GLY A 67 1.63 -10.75 4.59
C GLY A 67 1.12 -9.59 5.42
N LEU A 68 -0.20 -9.37 5.40
CA LEU A 68 -0.81 -8.29 6.15
C LEU A 68 -0.90 -8.64 7.64
N ALA A 69 -0.71 -7.64 8.49
CA ALA A 69 -0.78 -7.85 9.94
C ALA A 69 -1.20 -6.57 10.66
N MET A 70 -1.74 -6.72 11.86
CA MET A 70 -2.19 -5.58 12.65
C MET A 70 -1.21 -4.42 12.53
N ALA A 71 0.08 -4.72 12.70
CA ALA A 71 1.12 -3.71 12.60
C ALA A 71 0.93 -2.84 11.36
N ASP A 72 0.63 -3.48 10.24
CA ASP A 72 0.42 -2.77 8.99
C ASP A 72 -0.47 -1.55 9.19
N ASN A 73 -1.58 -1.75 9.88
CA ASN A 73 -2.52 -0.67 10.15
C ASN A 73 -1.78 0.64 10.42
N GLY A 74 -2.07 1.66 9.61
CA GLY A 74 -1.42 2.95 9.78
C GLY A 74 -1.78 3.92 8.67
N VAL A 75 -0.95 4.95 8.51
CA VAL A 75 -1.18 5.95 7.48
C VAL A 75 0.00 6.04 6.52
N TYR A 76 -0.18 5.48 5.32
CA TYR A 76 0.87 5.49 4.31
C TYR A 76 1.04 6.88 3.71
N SER A 77 2.25 7.18 3.26
CA SER A 77 2.54 8.49 2.66
C SER A 77 3.35 8.32 1.38
N CYS A 78 3.01 9.12 0.37
CA CYS A 78 3.69 9.07 -0.92
C CYS A 78 4.10 10.46 -1.37
N VAL A 79 5.37 10.80 -1.20
CA VAL A 79 5.89 12.10 -1.60
C VAL A 79 6.39 12.07 -3.04
N CYS A 80 5.57 12.58 -3.95
CA CYS A 80 5.93 12.61 -5.36
C CYS A 80 6.92 13.73 -5.64
N GLY A 81 6.77 14.84 -4.92
CA GLY A 81 7.67 15.97 -5.10
C GLY A 81 6.93 17.30 -5.05
N GLN A 82 5.73 17.33 -5.61
CA GLN A 82 4.93 18.55 -5.63
C GLN A 82 3.95 18.58 -4.46
N GLU A 83 3.10 17.57 -4.39
CA GLU A 83 2.11 17.48 -3.31
C GLU A 83 2.06 16.07 -2.73
N ARG A 84 2.49 15.94 -1.48
CA ARG A 84 2.51 14.65 -0.81
C ARG A 84 1.09 14.20 -0.48
N THR A 85 0.82 12.92 -0.72
CA THR A 85 -0.50 12.34 -0.47
C THR A 85 -0.41 11.15 0.48
N SER A 86 -1.37 11.05 1.39
CA SER A 86 -1.40 9.96 2.35
C SER A 86 -2.76 9.27 2.36
N ALA A 87 -2.85 8.15 3.07
CA ALA A 87 -4.10 7.40 3.17
C ALA A 87 -4.13 6.53 4.41
N THR A 88 -5.21 5.79 4.59
CA THR A 88 -5.37 4.91 5.74
C THR A 88 -5.68 3.48 5.31
N LEU A 89 -5.02 2.52 5.95
CA LEU A 89 -5.23 1.11 5.63
C LEU A 89 -5.95 0.39 6.77
N THR A 90 -6.95 -0.42 6.42
CA THR A 90 -7.71 -1.15 7.42
C THR A 90 -7.45 -2.66 7.30
N VAL A 91 -6.82 -3.22 8.32
CA VAL A 91 -6.51 -4.65 8.33
C VAL A 91 -7.26 -5.36 9.45
N ARG A 92 -8.20 -6.23 9.07
CA ARG A 92 -8.98 -6.97 10.06
C ARG A 92 -8.13 -8.03 10.75
N ALA A 93 -8.75 -8.80 11.62
CA ALA A 93 -8.06 -9.86 12.36
C ALA A 93 -8.70 -11.21 12.13
N LEU A 94 -7.93 -12.16 11.60
CA LEU A 94 -8.42 -13.50 11.34
C LEU A 94 -8.77 -14.23 12.63
N PRO A 95 -9.76 -15.13 12.56
CA PRO A 95 -10.20 -15.91 13.71
C PRO A 95 -9.16 -16.93 14.15
N ALA A 96 -9.29 -17.41 15.39
CA ALA A 96 -8.36 -18.39 15.94
C ALA A 96 -8.51 -19.73 15.22
N ARG A 97 -7.38 -20.33 14.86
CA ARG A 97 -7.39 -21.61 14.17
C ARG A 97 -7.79 -22.74 15.13
N PHE A 98 -8.88 -23.42 14.79
CA PHE A 98 -9.37 -24.52 15.62
C PHE A 98 -8.37 -25.68 15.63
N ILE A 99 -7.96 -26.09 16.83
CA ILE A 99 -7.02 -27.19 16.98
C ILE A 99 -7.49 -28.17 18.04
N GLU A 100 -7.29 -29.46 17.79
CA GLU A 100 -7.69 -30.51 18.72
C GLU A 100 -6.47 -31.12 19.39
N ASP A 101 -6.71 -31.89 20.45
CA ASP A 101 -5.64 -32.54 21.19
C ASP A 101 -4.86 -33.51 20.29
N SER A 102 -3.60 -33.19 20.02
CA SER A 102 -2.77 -34.02 19.18
C SER A 102 -1.89 -34.95 20.02
N GLY A 103 -1.77 -36.20 19.58
CA GLY A 103 -0.97 -37.16 20.30
C GLY A 103 -1.81 -38.12 21.13
N PRO A 104 -1.20 -39.22 21.58
CA PRO A 104 -1.88 -40.24 22.39
C PRO A 104 -2.21 -39.74 23.79
N SER A 105 -1.61 -38.60 24.16
CA SER A 105 -1.84 -38.02 25.47
C SER A 105 -3.06 -37.09 25.46
N SER A 106 -4.03 -37.39 26.32
CA SER A 106 -5.24 -36.59 26.40
C SER A 106 -5.60 -36.29 27.86
N GLY A 107 -6.60 -35.43 28.05
CA GLY A 107 -7.02 -35.07 29.39
C GLY A 107 -8.50 -34.78 29.47
N GLY A 1 25.42 19.67 -10.40
CA GLY A 1 24.70 18.50 -10.87
C GLY A 1 23.50 18.87 -11.72
N SER A 2 22.61 17.90 -11.92
CA SER A 2 21.41 18.12 -12.73
C SER A 2 20.25 17.27 -12.23
N SER A 3 19.12 17.92 -11.98
CA SER A 3 17.92 17.23 -11.50
C SER A 3 17.27 16.43 -12.62
N GLY A 4 17.11 17.07 -13.77
CA GLY A 4 16.49 16.40 -14.91
C GLY A 4 14.99 16.61 -14.95
N SER A 5 14.25 15.55 -15.27
CA SER A 5 12.80 15.63 -15.36
C SER A 5 12.15 14.92 -14.17
N SER A 6 11.59 15.70 -13.26
CA SER A 6 10.93 15.15 -12.08
C SER A 6 10.04 16.20 -11.42
N GLY A 7 9.12 15.73 -10.57
CA GLY A 7 8.23 16.63 -9.88
C GLY A 7 6.81 16.59 -10.44
N ALA A 8 5.88 16.07 -9.64
CA ALA A 8 4.49 15.97 -10.07
C ALA A 8 3.55 16.21 -8.89
N ARG A 9 2.30 16.53 -9.21
CA ARG A 9 1.29 16.78 -8.18
C ARG A 9 0.19 15.72 -8.22
N PHE A 10 -0.22 15.27 -7.04
CA PHE A 10 -1.26 14.25 -6.94
C PHE A 10 -2.63 14.84 -7.29
N THR A 11 -3.10 14.51 -8.49
CA THR A 11 -4.40 15.00 -8.96
C THR A 11 -5.51 14.02 -8.63
N GLU A 12 -5.13 12.78 -8.34
CA GLU A 12 -6.11 11.74 -7.99
C GLU A 12 -6.08 11.45 -6.50
N GLY A 13 -4.89 11.45 -5.92
CA GLY A 13 -4.75 11.19 -4.50
C GLY A 13 -5.10 9.75 -4.15
N LEU A 14 -4.38 9.20 -3.18
CA LEU A 14 -4.61 7.82 -2.75
C LEU A 14 -6.03 7.65 -2.21
N ARG A 15 -6.58 6.45 -2.36
CA ARG A 15 -7.93 6.16 -1.89
C ARG A 15 -7.89 5.29 -0.64
N ASN A 16 -9.02 5.21 0.05
CA ASN A 16 -9.12 4.41 1.27
C ASN A 16 -9.29 2.92 0.94
N GLU A 17 -8.64 2.07 1.72
CA GLU A 17 -8.72 0.63 1.51
C GLU A 17 -8.89 -0.10 2.84
N GLU A 18 -9.24 -1.39 2.76
CA GLU A 18 -9.44 -2.20 3.96
C GLU A 18 -9.35 -3.68 3.62
N ALA A 19 -8.53 -4.41 4.37
CA ALA A 19 -8.35 -5.84 4.15
C ALA A 19 -8.04 -6.56 5.46
N MET A 20 -7.81 -7.86 5.37
CA MET A 20 -7.49 -8.66 6.54
C MET A 20 -5.99 -8.77 6.75
N GLU A 21 -5.58 -9.40 7.84
CA GLU A 21 -4.16 -9.56 8.15
C GLU A 21 -3.54 -10.65 7.29
N GLY A 22 -2.36 -10.37 6.75
CA GLY A 22 -1.67 -11.34 5.91
C GLY A 22 -2.11 -11.26 4.46
N ALA A 23 -3.36 -10.88 4.24
CA ALA A 23 -3.89 -10.76 2.89
C ALA A 23 -3.06 -9.81 2.05
N THR A 24 -3.23 -9.89 0.73
CA THR A 24 -2.48 -9.03 -0.19
C THR A 24 -3.29 -7.80 -0.57
N ALA A 25 -2.89 -6.65 -0.04
CA ALA A 25 -3.58 -5.40 -0.32
C ALA A 25 -2.71 -4.47 -1.17
N THR A 26 -3.35 -3.73 -2.07
CA THR A 26 -2.63 -2.81 -2.94
C THR A 26 -3.35 -1.46 -3.02
N LEU A 27 -2.56 -0.39 -3.18
CA LEU A 27 -3.12 0.95 -3.27
C LEU A 27 -3.00 1.49 -4.69
N GLN A 28 -3.87 2.45 -5.04
CA GLN A 28 -3.85 3.05 -6.37
C GLN A 28 -3.83 4.57 -6.27
N CYS A 29 -3.05 5.20 -7.15
CA CYS A 29 -2.93 6.65 -7.16
C CYS A 29 -2.31 7.13 -8.47
N GLU A 30 -2.87 8.21 -9.03
CA GLU A 30 -2.37 8.76 -10.28
C GLU A 30 -1.72 10.12 -10.05
N LEU A 31 -0.74 10.44 -10.88
CA LEU A 31 -0.03 11.71 -10.77
C LEU A 31 -0.23 12.56 -12.02
N SER A 32 -0.14 13.88 -11.86
CA SER A 32 -0.32 14.80 -12.98
C SER A 32 0.47 14.32 -14.19
N LYS A 33 1.55 13.58 -13.95
CA LYS A 33 2.39 13.06 -15.02
C LYS A 33 3.36 12.02 -14.49
N ALA A 34 3.62 11.00 -15.31
CA ALA A 34 4.54 9.93 -14.92
C ALA A 34 5.74 10.49 -14.17
N ALA A 35 5.96 9.98 -12.95
CA ALA A 35 7.08 10.42 -12.14
C ALA A 35 7.36 9.43 -11.01
N PRO A 36 8.62 9.38 -10.56
CA PRO A 36 9.04 8.48 -9.49
C PRO A 36 8.48 8.90 -8.12
N VAL A 37 8.15 7.91 -7.30
CA VAL A 37 7.60 8.17 -5.98
C VAL A 37 8.29 7.32 -4.91
N GLU A 38 8.26 7.80 -3.67
CA GLU A 38 8.89 7.07 -2.57
C GLU A 38 7.88 6.79 -1.46
N TRP A 39 7.17 5.68 -1.58
CA TRP A 39 6.17 5.30 -0.59
C TRP A 39 6.79 5.21 0.81
N ARG A 40 6.08 5.73 1.80
CA ARG A 40 6.57 5.71 3.17
C ARG A 40 5.48 5.21 4.13
N LYS A 41 5.88 4.39 5.09
CA LYS A 41 4.94 3.84 6.07
C LYS A 41 4.92 4.70 7.33
N GLY A 42 4.84 6.01 7.15
CA GLY A 42 4.81 6.92 8.29
C GLY A 42 6.14 7.60 8.52
N LEU A 43 6.95 7.04 9.42
CA LEU A 43 8.25 7.62 9.73
C LEU A 43 9.38 6.71 9.24
N GLU A 44 9.24 6.21 8.02
CA GLU A 44 10.24 5.33 7.44
C GLU A 44 10.15 5.31 5.92
N ALA A 45 11.26 5.00 5.26
CA ALA A 45 11.29 4.95 3.80
C ALA A 45 11.23 3.52 3.30
N LEU A 46 10.23 3.24 2.47
CA LEU A 46 10.05 1.90 1.91
C LEU A 46 10.77 1.76 0.58
N ARG A 47 11.27 0.56 0.30
CA ARG A 47 11.98 0.29 -0.95
C ARG A 47 11.42 -0.95 -1.64
N ASP A 48 11.80 -1.14 -2.89
CA ASP A 48 11.34 -2.29 -3.66
C ASP A 48 12.25 -3.49 -3.46
N GLY A 49 11.65 -4.66 -3.24
CA GLY A 49 12.42 -5.86 -3.03
C GLY A 49 11.58 -7.12 -3.08
N ASP A 50 11.19 -7.62 -1.91
CA ASP A 50 10.37 -8.82 -1.84
C ASP A 50 9.08 -8.55 -1.08
N LYS A 51 9.20 -7.92 0.08
CA LYS A 51 8.03 -7.60 0.90
C LYS A 51 7.08 -6.68 0.15
N TYR A 52 7.62 -5.63 -0.45
CA TYR A 52 6.81 -4.67 -1.20
C TYR A 52 7.07 -4.80 -2.70
N SER A 53 6.00 -4.85 -3.48
CA SER A 53 6.11 -4.97 -4.93
C SER A 53 5.59 -3.71 -5.62
N LEU A 54 6.50 -2.79 -5.94
CA LEU A 54 6.13 -1.55 -6.60
C LEU A 54 5.83 -1.79 -8.07
N ARG A 55 4.53 -1.86 -8.39
CA ARG A 55 4.10 -2.08 -9.76
C ARG A 55 3.34 -0.87 -10.30
N GLN A 56 4.06 0.06 -10.89
CA GLN A 56 3.45 1.26 -11.44
C GLN A 56 3.60 1.31 -12.96
N ASP A 57 2.62 1.91 -13.63
CA ASP A 57 2.65 2.01 -15.09
C ASP A 57 2.51 3.47 -15.53
N GLY A 58 3.64 4.13 -15.76
CA GLY A 58 3.63 5.51 -16.18
C GLY A 58 3.28 6.46 -15.04
N ALA A 59 1.99 6.78 -14.93
CA ALA A 59 1.53 7.69 -13.88
C ALA A 59 0.86 6.92 -12.75
N VAL A 60 0.05 5.93 -13.12
CA VAL A 60 -0.66 5.11 -12.14
C VAL A 60 0.31 4.25 -11.35
N CYS A 61 0.45 4.55 -10.06
CA CYS A 61 1.35 3.80 -9.19
C CYS A 61 0.56 2.85 -8.28
N GLU A 62 1.04 1.62 -8.17
CA GLU A 62 0.39 0.61 -7.35
C GLU A 62 1.36 0.00 -6.35
N LEU A 63 1.05 0.12 -5.06
CA LEU A 63 1.91 -0.42 -4.01
C LEU A 63 1.28 -1.67 -3.40
N GLN A 64 1.89 -2.82 -3.67
CA GLN A 64 1.39 -4.08 -3.14
C GLN A 64 2.14 -4.47 -1.87
N ILE A 65 1.40 -4.66 -0.79
CA ILE A 65 1.99 -5.04 0.49
C ILE A 65 1.81 -6.53 0.76
N HIS A 66 2.85 -7.31 0.47
CA HIS A 66 2.81 -8.75 0.69
C HIS A 66 2.83 -9.08 2.18
N GLY A 67 1.90 -9.93 2.61
CA GLY A 67 1.83 -10.31 4.00
C GLY A 67 1.41 -9.15 4.89
N LEU A 68 0.16 -8.75 4.78
CA LEU A 68 -0.37 -7.65 5.59
C LEU A 68 -0.09 -7.88 7.06
N ALA A 69 -0.41 -6.88 7.88
CA ALA A 69 -0.20 -6.96 9.32
C ALA A 69 -0.93 -5.85 10.06
N MET A 70 -1.02 -5.98 11.38
CA MET A 70 -1.71 -4.98 12.19
C MET A 70 -0.93 -3.67 12.20
N ALA A 71 0.23 -3.67 12.82
CA ALA A 71 1.07 -2.48 12.89
C ALA A 71 1.18 -1.80 11.53
N ASP A 72 0.90 -2.56 10.48
CA ASP A 72 0.96 -2.03 9.12
C ASP A 72 -0.37 -1.44 8.70
N ASN A 73 -1.16 -1.01 9.68
CA ASN A 73 -2.46 -0.43 9.42
C ASN A 73 -2.53 1.02 9.90
N GLY A 74 -3.49 1.77 9.38
CA GLY A 74 -3.64 3.16 9.78
C GLY A 74 -3.70 4.10 8.59
N VAL A 75 -2.68 4.94 8.44
CA VAL A 75 -2.62 5.89 7.34
C VAL A 75 -1.23 5.92 6.70
N TYR A 76 -1.18 5.59 5.42
CA TYR A 76 0.10 5.56 4.70
C TYR A 76 0.36 6.92 4.03
N SER A 77 1.53 7.05 3.42
CA SER A 77 1.91 8.28 2.74
C SER A 77 2.73 7.98 1.49
N CYS A 78 2.71 8.92 0.54
CA CYS A 78 3.46 8.77 -0.71
C CYS A 78 4.00 10.10 -1.18
N VAL A 79 5.33 10.20 -1.24
CA VAL A 79 5.99 11.42 -1.67
C VAL A 79 6.52 11.28 -3.10
N CYS A 80 5.90 11.97 -4.04
CA CYS A 80 6.32 11.92 -5.44
C CYS A 80 7.43 12.94 -5.71
N GLY A 81 7.26 14.14 -5.17
CA GLY A 81 8.26 15.18 -5.37
C GLY A 81 7.89 16.48 -4.67
N GLN A 82 6.75 17.05 -5.06
CA GLN A 82 6.29 18.29 -4.47
C GLN A 82 5.07 18.06 -3.57
N GLU A 83 4.18 17.19 -4.02
CA GLU A 83 2.97 16.87 -3.25
C GLU A 83 3.01 15.43 -2.75
N ARG A 84 2.49 15.21 -1.55
CA ARG A 84 2.46 13.88 -0.96
C ARG A 84 1.07 13.56 -0.41
N THR A 85 0.45 12.53 -0.96
CA THR A 85 -0.88 12.12 -0.53
C THR A 85 -0.80 11.04 0.55
N SER A 86 -1.94 10.71 1.13
CA SER A 86 -2.00 9.69 2.17
C SER A 86 -3.35 8.97 2.15
N ALA A 87 -3.31 7.65 2.32
CA ALA A 87 -4.52 6.84 2.33
C ALA A 87 -4.68 6.12 3.65
N THR A 88 -5.83 5.45 3.82
CA THR A 88 -6.11 4.71 5.05
C THR A 88 -6.26 3.23 4.76
N LEU A 89 -5.41 2.42 5.38
CA LEU A 89 -5.45 0.97 5.19
C LEU A 89 -5.74 0.26 6.51
N THR A 90 -6.98 -0.19 6.68
CA THR A 90 -7.39 -0.89 7.89
C THR A 90 -7.15 -2.40 7.77
N VAL A 91 -6.43 -2.95 8.74
CA VAL A 91 -6.14 -4.39 8.73
C VAL A 91 -6.87 -5.10 9.87
N ARG A 92 -7.45 -6.25 9.57
CA ARG A 92 -8.18 -7.02 10.56
C ARG A 92 -7.53 -8.38 10.78
N ALA A 93 -7.35 -8.75 12.04
CA ALA A 93 -6.73 -10.04 12.37
C ALA A 93 -7.64 -11.20 11.99
N LEU A 94 -7.04 -12.25 11.46
CA LEU A 94 -7.79 -13.43 11.04
C LEU A 94 -8.25 -14.24 12.25
N PRO A 95 -9.39 -14.92 12.11
CA PRO A 95 -9.97 -15.75 13.17
C PRO A 95 -9.13 -17.00 13.45
N ALA A 96 -9.41 -17.65 14.57
CA ALA A 96 -8.70 -18.86 14.96
C ALA A 96 -9.39 -20.11 14.41
N ARG A 97 -8.76 -20.75 13.43
CA ARG A 97 -9.32 -21.95 12.83
C ARG A 97 -9.13 -23.16 13.75
N PHE A 98 -7.88 -23.44 14.10
CA PHE A 98 -7.57 -24.57 14.96
C PHE A 98 -8.05 -24.31 16.39
N ILE A 99 -8.95 -25.17 16.87
CA ILE A 99 -9.49 -25.04 18.21
C ILE A 99 -8.58 -25.69 19.24
N GLU A 100 -8.56 -25.13 20.44
CA GLU A 100 -7.73 -25.66 21.52
C GLU A 100 -8.57 -26.48 22.49
N ASP A 101 -8.00 -27.58 22.98
CA ASP A 101 -8.69 -28.45 23.92
C ASP A 101 -7.85 -28.67 25.18
N SER A 102 -8.30 -28.09 26.29
CA SER A 102 -7.59 -28.21 27.56
C SER A 102 -6.09 -28.04 27.36
N GLY A 103 -5.72 -27.01 26.60
CA GLY A 103 -4.31 -26.75 26.34
C GLY A 103 -3.71 -27.74 25.36
N PRO A 104 -2.38 -27.90 25.41
CA PRO A 104 -1.66 -28.82 24.52
C PRO A 104 -1.95 -30.28 24.84
N SER A 105 -2.32 -30.55 26.08
CA SER A 105 -2.63 -31.91 26.52
C SER A 105 -3.90 -32.43 25.84
N SER A 106 -3.71 -33.16 24.75
CA SER A 106 -4.84 -33.71 24.01
C SER A 106 -4.51 -35.08 23.45
N GLY A 107 -5.40 -36.04 23.66
CA GLY A 107 -5.19 -37.39 23.17
C GLY A 107 -6.16 -38.39 23.77
N GLY A 1 22.84 20.03 -15.76
CA GLY A 1 22.18 20.42 -14.53
C GLY A 1 20.90 19.65 -14.29
N SER A 2 20.06 20.16 -13.40
CA SER A 2 18.80 19.51 -13.07
C SER A 2 17.64 20.19 -13.80
N SER A 3 17.20 19.57 -14.89
CA SER A 3 16.10 20.11 -15.68
C SER A 3 14.76 19.60 -15.16
N GLY A 4 14.23 20.28 -14.14
CA GLY A 4 12.96 19.89 -13.57
C GLY A 4 12.71 20.52 -12.21
N SER A 5 12.17 21.74 -12.22
CA SER A 5 11.89 22.45 -10.97
C SER A 5 10.58 21.98 -10.36
N SER A 6 9.53 21.94 -11.18
CA SER A 6 8.22 21.52 -10.72
C SER A 6 7.85 20.15 -11.30
N GLY A 7 8.05 19.10 -10.51
CA GLY A 7 7.74 17.77 -10.96
C GLY A 7 6.27 17.59 -11.30
N ALA A 8 5.61 16.65 -10.62
CA ALA A 8 4.20 16.39 -10.85
C ALA A 8 3.37 16.67 -9.60
N ARG A 9 2.06 16.61 -9.73
CA ARG A 9 1.15 16.85 -8.62
C ARG A 9 0.07 15.77 -8.55
N PHE A 10 -0.24 15.34 -7.34
CA PHE A 10 -1.26 14.31 -7.13
C PHE A 10 -2.65 14.86 -7.42
N THR A 11 -3.21 14.47 -8.56
CA THR A 11 -4.54 14.93 -8.96
C THR A 11 -5.61 13.94 -8.51
N GLU A 12 -5.21 12.69 -8.31
CA GLU A 12 -6.14 11.65 -7.89
C GLU A 12 -6.12 11.49 -6.37
N GLY A 13 -4.92 11.45 -5.81
CA GLY A 13 -4.78 11.29 -4.37
C GLY A 13 -5.12 9.90 -3.90
N LEU A 14 -4.16 9.25 -3.24
CA LEU A 14 -4.37 7.89 -2.74
C LEU A 14 -5.80 7.72 -2.21
N ARG A 15 -6.27 6.47 -2.22
CA ARG A 15 -7.61 6.18 -1.75
C ARG A 15 -7.57 5.27 -0.53
N ASN A 16 -8.72 5.04 0.09
CA ASN A 16 -8.81 4.20 1.27
C ASN A 16 -8.97 2.73 0.88
N GLU A 17 -8.17 1.87 1.50
CA GLU A 17 -8.22 0.44 1.22
C GLU A 17 -8.58 -0.35 2.47
N GLU A 18 -8.93 -1.63 2.27
CA GLU A 18 -9.31 -2.50 3.39
C GLU A 18 -9.10 -3.96 3.03
N ALA A 19 -8.43 -4.69 3.92
CA ALA A 19 -8.16 -6.10 3.70
C ALA A 19 -8.09 -6.86 5.02
N MET A 20 -7.86 -8.17 4.94
CA MET A 20 -7.78 -9.01 6.13
C MET A 20 -6.33 -9.19 6.55
N GLU A 21 -6.12 -9.53 7.83
CA GLU A 21 -4.78 -9.72 8.36
C GLU A 21 -4.04 -10.82 7.59
N GLY A 22 -2.82 -10.51 7.16
CA GLY A 22 -2.03 -11.48 6.41
C GLY A 22 -2.26 -11.38 4.92
N ALA A 23 -3.41 -10.84 4.53
CA ALA A 23 -3.74 -10.69 3.11
C ALA A 23 -2.73 -9.80 2.40
N THR A 24 -2.95 -9.57 1.11
CA THR A 24 -2.05 -8.74 0.32
C THR A 24 -2.74 -7.44 -0.09
N ALA A 25 -2.38 -6.35 0.59
CA ALA A 25 -2.96 -5.04 0.29
C ALA A 25 -2.46 -4.51 -1.05
N THR A 26 -3.20 -3.57 -1.62
CA THR A 26 -2.83 -2.98 -2.90
C THR A 26 -3.44 -1.59 -3.07
N LEU A 27 -2.59 -0.58 -3.12
CA LEU A 27 -3.04 0.80 -3.28
C LEU A 27 -2.90 1.26 -4.73
N GLN A 28 -3.67 2.27 -5.10
CA GLN A 28 -3.63 2.82 -6.46
C GLN A 28 -3.73 4.33 -6.44
N CYS A 29 -2.92 4.99 -7.26
CA CYS A 29 -2.92 6.44 -7.34
C CYS A 29 -2.48 6.91 -8.73
N GLU A 30 -2.94 8.09 -9.12
CA GLU A 30 -2.61 8.65 -10.42
C GLU A 30 -2.01 10.06 -10.28
N LEU A 31 -1.08 10.38 -11.15
CA LEU A 31 -0.43 11.69 -11.13
C LEU A 31 -0.71 12.46 -12.41
N SER A 32 -0.61 13.79 -12.34
CA SER A 32 -0.84 14.64 -13.50
C SER A 32 -0.03 14.17 -14.70
N LYS A 33 1.09 13.51 -14.42
CA LYS A 33 1.97 13.00 -15.48
C LYS A 33 3.01 12.04 -14.90
N ALA A 34 3.40 11.05 -15.69
CA ALA A 34 4.38 10.07 -15.28
C ALA A 34 5.53 10.74 -14.53
N ALA A 35 5.71 10.37 -13.26
CA ALA A 35 6.77 10.93 -12.44
C ALA A 35 7.14 9.98 -11.30
N PRO A 36 8.43 10.01 -10.90
CA PRO A 36 8.93 9.16 -9.82
C PRO A 36 8.39 9.58 -8.45
N VAL A 37 8.06 8.59 -7.64
CA VAL A 37 7.52 8.85 -6.30
C VAL A 37 8.31 8.08 -5.24
N GLU A 38 7.86 8.19 -3.99
CA GLU A 38 8.52 7.50 -2.88
C GLU A 38 7.54 7.21 -1.75
N TRP A 39 7.20 5.94 -1.59
CA TRP A 39 6.26 5.53 -0.54
C TRP A 39 6.95 5.50 0.82
N ARG A 40 6.23 5.94 1.85
CA ARG A 40 6.77 5.97 3.20
C ARG A 40 5.68 5.65 4.22
N LYS A 41 5.97 4.70 5.11
CA LYS A 41 5.01 4.30 6.15
C LYS A 41 5.29 5.04 7.45
N GLY A 42 4.56 4.66 8.49
CA GLY A 42 4.74 5.30 9.79
C GLY A 42 6.17 5.79 10.00
N LEU A 43 6.39 7.08 9.76
CA LEU A 43 7.72 7.66 9.93
C LEU A 43 8.81 6.65 9.58
N GLU A 44 8.66 5.99 8.44
CA GLU A 44 9.63 5.01 8.00
C GLU A 44 9.74 4.99 6.47
N ALA A 45 10.93 4.66 5.98
CA ALA A 45 11.16 4.62 4.53
C ALA A 45 11.03 3.20 4.01
N LEU A 46 10.31 3.06 2.89
CA LEU A 46 10.10 1.75 2.28
C LEU A 46 10.99 1.58 1.05
N ARG A 47 11.24 0.33 0.68
CA ARG A 47 12.07 0.02 -0.48
C ARG A 47 11.44 -1.08 -1.33
N ASP A 48 11.51 -0.91 -2.64
CA ASP A 48 10.95 -1.89 -3.57
C ASP A 48 11.92 -3.04 -3.80
N GLY A 49 11.46 -4.26 -3.54
CA GLY A 49 12.31 -5.42 -3.73
C GLY A 49 11.55 -6.72 -3.50
N ASP A 50 11.58 -7.21 -2.27
CA ASP A 50 10.90 -8.46 -1.91
C ASP A 50 9.70 -8.18 -1.01
N LYS A 51 9.96 -7.56 0.14
CA LYS A 51 8.92 -7.25 1.09
C LYS A 51 7.73 -6.60 0.40
N TYR A 52 8.01 -5.61 -0.45
CA TYR A 52 6.96 -4.91 -1.18
C TYR A 52 7.10 -5.12 -2.69
N SER A 53 6.01 -4.92 -3.42
CA SER A 53 6.01 -5.09 -4.86
C SER A 53 5.36 -3.90 -5.55
N LEU A 54 6.16 -2.87 -5.84
CA LEU A 54 5.66 -1.68 -6.50
C LEU A 54 5.31 -1.97 -7.96
N ARG A 55 4.03 -2.23 -8.21
CA ARG A 55 3.57 -2.51 -9.56
C ARG A 55 3.18 -1.24 -10.29
N GLN A 56 4.11 -0.28 -10.34
CA GLN A 56 3.87 0.99 -11.01
C GLN A 56 3.81 0.82 -12.51
N ASP A 57 2.74 1.28 -13.13
CA ASP A 57 2.56 1.18 -14.57
C ASP A 57 2.49 2.55 -15.21
N GLY A 58 3.65 3.14 -15.50
CA GLY A 58 3.70 4.45 -16.11
C GLY A 58 3.33 5.55 -15.14
N ALA A 59 2.15 6.15 -15.33
CA ALA A 59 1.70 7.23 -14.45
C ALA A 59 0.95 6.67 -13.25
N VAL A 60 0.23 5.58 -13.46
CA VAL A 60 -0.53 4.95 -12.38
C VAL A 60 0.36 4.06 -11.53
N CYS A 61 0.73 4.55 -10.36
CA CYS A 61 1.58 3.81 -9.44
C CYS A 61 0.76 2.82 -8.61
N GLU A 62 1.40 1.73 -8.19
CA GLU A 62 0.73 0.71 -7.39
C GLU A 62 1.68 0.09 -6.38
N LEU A 63 1.21 -0.03 -5.14
CA LEU A 63 2.03 -0.61 -4.07
C LEU A 63 1.36 -1.85 -3.48
N GLN A 64 2.02 -2.99 -3.60
CA GLN A 64 1.49 -4.24 -3.08
C GLN A 64 2.27 -4.69 -1.85
N ILE A 65 1.57 -4.85 -0.73
CA ILE A 65 2.20 -5.27 0.51
C ILE A 65 2.01 -6.77 0.74
N HIS A 66 3.12 -7.52 0.71
CA HIS A 66 3.07 -8.95 0.91
C HIS A 66 3.00 -9.30 2.40
N GLY A 67 1.92 -9.94 2.81
CA GLY A 67 1.75 -10.31 4.20
C GLY A 67 1.33 -9.14 5.07
N LEU A 68 0.02 -8.97 5.24
CA LEU A 68 -0.51 -7.88 6.05
C LEU A 68 -0.49 -8.25 7.53
N ALA A 69 -0.85 -7.29 8.37
CA ALA A 69 -0.88 -7.50 9.82
C ALA A 69 -1.53 -6.33 10.54
N MET A 70 -1.64 -6.44 11.86
CA MET A 70 -2.25 -5.38 12.66
C MET A 70 -1.38 -4.13 12.66
N ALA A 71 -0.06 -4.32 12.72
CA ALA A 71 0.88 -3.21 12.72
C ALA A 71 0.97 -2.56 11.34
N ASP A 72 1.03 -3.40 10.31
CA ASP A 72 1.13 -2.92 8.93
C ASP A 72 0.16 -1.76 8.70
N ASN A 73 -1.09 -1.94 9.10
CA ASN A 73 -2.10 -0.90 8.92
C ASN A 73 -1.68 0.39 9.61
N GLY A 74 -2.52 1.41 9.52
CA GLY A 74 -2.21 2.69 10.13
C GLY A 74 -2.35 3.85 9.16
N VAL A 75 -1.22 4.38 8.72
CA VAL A 75 -1.23 5.50 7.78
C VAL A 75 -0.01 5.44 6.85
N TYR A 76 -0.25 5.69 5.57
CA TYR A 76 0.82 5.67 4.59
C TYR A 76 0.94 7.02 3.89
N SER A 77 2.08 7.24 3.23
CA SER A 77 2.32 8.49 2.51
C SER A 77 2.99 8.23 1.17
N CYS A 78 2.69 9.07 0.19
CA CYS A 78 3.27 8.93 -1.14
C CYS A 78 3.82 10.26 -1.64
N VAL A 79 5.13 10.45 -1.47
CA VAL A 79 5.79 11.67 -1.90
C VAL A 79 6.26 11.58 -3.35
N CYS A 80 6.06 12.66 -4.11
CA CYS A 80 6.45 12.69 -5.51
C CYS A 80 7.59 13.68 -5.73
N GLY A 81 7.32 14.95 -5.50
CA GLY A 81 8.33 15.98 -5.67
C GLY A 81 8.12 17.17 -4.74
N GLN A 82 6.95 17.77 -4.81
CA GLN A 82 6.63 18.92 -3.98
C GLN A 82 5.42 18.63 -3.10
N GLU A 83 4.48 17.85 -3.62
CA GLU A 83 3.28 17.51 -2.88
C GLU A 83 3.25 16.02 -2.54
N ARG A 84 2.33 15.63 -1.67
CA ARG A 84 2.19 14.23 -1.27
C ARG A 84 0.78 13.93 -0.81
N THR A 85 0.46 12.65 -0.68
CA THR A 85 -0.86 12.23 -0.25
C THR A 85 -0.77 11.08 0.76
N SER A 86 -1.64 11.12 1.76
CA SER A 86 -1.66 10.09 2.80
C SER A 86 -3.00 9.36 2.82
N ALA A 87 -2.96 8.04 2.98
CA ALA A 87 -4.16 7.23 3.02
C ALA A 87 -4.26 6.45 4.33
N THR A 88 -5.34 5.69 4.48
CA THR A 88 -5.55 4.90 5.68
C THR A 88 -5.90 3.45 5.34
N LEU A 89 -5.10 2.52 5.83
CA LEU A 89 -5.34 1.10 5.58
C LEU A 89 -5.95 0.43 6.80
N THR A 90 -6.98 -0.39 6.55
CA THR A 90 -7.66 -1.10 7.62
C THR A 90 -7.46 -2.61 7.50
N VAL A 91 -6.59 -3.16 8.34
CA VAL A 91 -6.31 -4.59 8.32
C VAL A 91 -7.12 -5.32 9.40
N ARG A 92 -7.99 -6.22 8.96
CA ARG A 92 -8.82 -6.99 9.89
C ARG A 92 -8.03 -8.13 10.50
N ALA A 93 -8.54 -8.68 11.60
CA ALA A 93 -7.89 -9.79 12.28
C ALA A 93 -8.66 -11.09 12.09
N LEU A 94 -8.00 -12.08 11.49
CA LEU A 94 -8.63 -13.38 11.25
C LEU A 94 -9.17 -13.97 12.54
N PRO A 95 -10.22 -14.80 12.42
CA PRO A 95 -10.86 -15.45 13.57
C PRO A 95 -9.97 -16.51 14.20
N ALA A 96 -9.49 -16.23 15.40
CA ALA A 96 -8.62 -17.17 16.11
C ALA A 96 -9.10 -18.60 15.94
N ARG A 97 -8.39 -19.35 15.10
CA ARG A 97 -8.74 -20.75 14.84
C ARG A 97 -8.13 -21.68 15.88
N PHE A 98 -8.86 -22.72 16.26
CA PHE A 98 -8.37 -23.68 17.24
C PHE A 98 -8.85 -25.09 16.91
N ILE A 99 -8.12 -26.08 17.41
CA ILE A 99 -8.46 -27.48 17.16
C ILE A 99 -9.47 -27.98 18.19
N GLU A 100 -10.41 -28.81 17.73
CA GLU A 100 -11.43 -29.36 18.60
C GLU A 100 -10.85 -30.41 19.52
N ASP A 101 -11.04 -30.24 20.83
CA ASP A 101 -10.53 -31.17 21.82
C ASP A 101 -11.46 -32.37 21.96
N SER A 102 -12.73 -32.10 22.23
CA SER A 102 -13.72 -33.16 22.39
C SER A 102 -13.56 -34.22 21.32
N GLY A 103 -13.72 -35.48 21.72
CA GLY A 103 -13.59 -36.58 20.78
C GLY A 103 -13.87 -37.93 21.41
N PRO A 104 -15.16 -38.30 21.50
CA PRO A 104 -15.58 -39.57 22.10
C PRO A 104 -15.20 -40.76 21.23
N SER A 105 -14.87 -41.87 21.89
CA SER A 105 -14.49 -43.09 21.18
C SER A 105 -15.60 -44.13 21.23
N SER A 106 -16.39 -44.20 20.16
CA SER A 106 -17.49 -45.15 20.09
C SER A 106 -18.15 -45.32 21.46
N GLY A 107 -18.40 -44.21 22.13
CA GLY A 107 -19.03 -44.26 23.44
C GLY A 107 -20.43 -43.68 23.44
N GLY A 1 22.45 27.96 -16.44
CA GLY A 1 22.29 26.53 -16.68
C GLY A 1 21.29 26.24 -17.77
N SER A 2 20.97 24.96 -17.95
CA SER A 2 20.03 24.55 -18.99
C SER A 2 18.69 24.14 -18.38
N SER A 3 17.67 24.95 -18.62
CA SER A 3 16.33 24.69 -18.09
C SER A 3 16.01 23.20 -18.16
N GLY A 4 15.40 22.68 -17.10
CA GLY A 4 15.04 21.28 -17.06
C GLY A 4 14.57 20.83 -15.68
N SER A 5 13.37 21.26 -15.31
CA SER A 5 12.81 20.90 -14.01
C SER A 5 11.69 19.88 -14.16
N SER A 6 11.88 18.72 -13.55
CA SER A 6 10.88 17.64 -13.61
C SER A 6 10.02 17.63 -12.36
N GLY A 7 8.76 18.01 -12.51
CA GLY A 7 7.85 18.02 -11.38
C GLY A 7 6.46 17.55 -11.75
N ALA A 8 5.79 16.89 -10.80
CA ALA A 8 4.45 16.37 -11.03
C ALA A 8 3.53 16.69 -9.87
N ARG A 9 2.23 16.71 -10.12
CA ARG A 9 1.24 17.00 -9.08
C ARG A 9 0.22 15.87 -8.97
N PHE A 10 0.05 15.35 -7.76
CA PHE A 10 -0.89 14.26 -7.52
C PHE A 10 -2.30 14.68 -7.90
N THR A 11 -2.80 14.11 -9.00
CA THR A 11 -4.14 14.41 -9.48
C THR A 11 -5.19 13.56 -8.77
N GLU A 12 -4.85 12.30 -8.52
CA GLU A 12 -5.77 11.39 -7.85
C GLU A 12 -5.33 11.16 -6.41
N GLY A 13 -6.21 11.51 -5.47
CA GLY A 13 -5.89 11.32 -4.06
C GLY A 13 -6.12 9.90 -3.59
N LEU A 14 -5.08 9.28 -3.06
CA LEU A 14 -5.17 7.89 -2.58
C LEU A 14 -6.46 7.69 -1.79
N ARG A 15 -7.24 6.69 -2.20
CA ARG A 15 -8.49 6.39 -1.52
C ARG A 15 -8.28 5.38 -0.39
N ASN A 16 -9.18 5.38 0.58
CA ASN A 16 -9.09 4.47 1.71
C ASN A 16 -9.04 3.01 1.24
N GLU A 17 -8.48 2.15 2.08
CA GLU A 17 -8.37 0.73 1.75
C GLU A 17 -8.64 -0.14 2.98
N GLU A 18 -9.09 -1.36 2.74
CA GLU A 18 -9.39 -2.29 3.82
C GLU A 18 -9.06 -3.72 3.41
N ALA A 19 -8.36 -4.43 4.29
CA ALA A 19 -7.98 -5.82 4.02
C ALA A 19 -7.98 -6.65 5.31
N MET A 20 -7.82 -7.96 5.16
CA MET A 20 -7.81 -8.86 6.31
C MET A 20 -6.39 -9.38 6.56
N GLU A 21 -6.02 -9.47 7.83
CA GLU A 21 -4.70 -9.96 8.20
C GLU A 21 -4.39 -11.28 7.49
N GLY A 22 -3.32 -11.28 6.71
CA GLY A 22 -2.93 -12.49 5.99
C GLY A 22 -3.31 -12.43 4.52
N ALA A 23 -3.91 -11.31 4.11
CA ALA A 23 -4.32 -11.14 2.72
C ALA A 23 -3.35 -10.24 1.97
N THR A 24 -3.64 -9.98 0.70
CA THR A 24 -2.80 -9.14 -0.13
C THR A 24 -3.54 -7.88 -0.58
N ALA A 25 -3.12 -6.73 -0.05
CA ALA A 25 -3.74 -5.47 -0.40
C ALA A 25 -2.79 -4.61 -1.25
N THR A 26 -3.36 -3.59 -1.89
CA THR A 26 -2.57 -2.70 -2.72
C THR A 26 -3.24 -1.33 -2.86
N LEU A 27 -2.42 -0.30 -3.09
CA LEU A 27 -2.94 1.06 -3.24
C LEU A 27 -2.74 1.56 -4.67
N GLN A 28 -3.79 2.16 -5.23
CA GLN A 28 -3.73 2.68 -6.59
C GLN A 28 -3.86 4.20 -6.59
N CYS A 29 -3.01 4.86 -7.38
CA CYS A 29 -3.03 6.31 -7.47
C CYS A 29 -2.74 6.77 -8.90
N GLU A 30 -2.71 8.09 -9.10
CA GLU A 30 -2.46 8.66 -10.42
C GLU A 30 -1.76 10.00 -10.29
N LEU A 31 -0.79 10.24 -11.18
CA LEU A 31 -0.03 11.49 -11.17
C LEU A 31 -0.31 12.30 -12.43
N SER A 32 -0.29 13.62 -12.30
CA SER A 32 -0.53 14.50 -13.43
C SER A 32 0.23 14.02 -14.67
N LYS A 33 1.31 13.29 -14.45
CA LYS A 33 2.13 12.78 -15.54
C LYS A 33 3.23 11.85 -15.01
N ALA A 34 3.56 10.84 -15.80
CA ALA A 34 4.60 9.89 -15.41
C ALA A 34 5.75 10.58 -14.69
N ALA A 35 6.02 10.16 -13.46
CA ALA A 35 7.09 10.75 -12.67
C ALA A 35 7.46 9.85 -11.50
N PRO A 36 8.72 9.96 -11.05
CA PRO A 36 9.23 9.15 -9.94
C PRO A 36 8.63 9.57 -8.60
N VAL A 37 8.35 8.59 -7.76
CA VAL A 37 7.76 8.86 -6.44
C VAL A 37 8.36 7.93 -5.38
N GLU A 38 8.04 8.21 -4.12
CA GLU A 38 8.54 7.41 -3.01
C GLU A 38 7.47 7.23 -1.94
N TRP A 39 7.29 5.99 -1.50
CA TRP A 39 6.30 5.68 -0.47
C TRP A 39 6.92 5.69 0.91
N ARG A 40 6.15 6.13 1.91
CA ARG A 40 6.64 6.20 3.28
C ARG A 40 5.50 5.98 4.27
N LYS A 41 5.72 5.09 5.24
CA LYS A 41 4.71 4.79 6.24
C LYS A 41 4.86 5.71 7.45
N GLY A 42 3.96 6.69 7.56
CA GLY A 42 4.02 7.62 8.68
C GLY A 42 5.34 8.35 8.76
N LEU A 43 6.32 7.74 9.44
CA LEU A 43 7.63 8.35 9.59
C LEU A 43 8.73 7.35 9.22
N GLU A 44 8.40 6.39 8.37
CA GLU A 44 9.36 5.38 7.94
C GLU A 44 9.67 5.52 6.46
N ALA A 45 10.89 5.15 6.07
CA ALA A 45 11.31 5.24 4.68
C ALA A 45 11.19 3.88 3.99
N LEU A 46 10.12 3.70 3.24
CA LEU A 46 9.88 2.44 2.53
C LEU A 46 10.71 2.39 1.25
N ARG A 47 11.02 1.17 0.81
CA ARG A 47 11.81 0.98 -0.41
C ARG A 47 11.31 -0.23 -1.19
N ASP A 48 11.78 -0.37 -2.42
CA ASP A 48 11.39 -1.48 -3.28
C ASP A 48 12.22 -2.72 -2.97
N GLY A 49 11.55 -3.82 -2.65
CA GLY A 49 12.25 -5.05 -2.34
C GLY A 49 11.35 -6.27 -2.46
N ASP A 50 11.36 -7.11 -1.43
CA ASP A 50 10.54 -8.31 -1.42
C ASP A 50 9.20 -8.06 -0.73
N LYS A 51 9.26 -7.80 0.57
CA LYS A 51 8.05 -7.55 1.36
C LYS A 51 7.09 -6.67 0.59
N TYR A 52 7.60 -5.61 -0.04
CA TYR A 52 6.78 -4.69 -0.81
C TYR A 52 7.05 -4.85 -2.30
N SER A 53 6.01 -4.63 -3.11
CA SER A 53 6.13 -4.74 -4.56
C SER A 53 5.79 -3.42 -5.24
N LEU A 54 6.82 -2.75 -5.75
CA LEU A 54 6.63 -1.46 -6.43
C LEU A 54 6.52 -1.66 -7.94
N ARG A 55 5.67 -0.86 -8.58
CA ARG A 55 5.48 -0.95 -10.02
C ARG A 55 4.77 0.29 -10.55
N GLN A 56 4.86 0.51 -11.85
CA GLN A 56 4.23 1.66 -12.48
C GLN A 56 3.69 1.30 -13.86
N ASP A 57 2.57 1.93 -14.24
CA ASP A 57 1.95 1.67 -15.54
C ASP A 57 1.63 2.98 -16.25
N GLY A 58 2.62 3.86 -16.34
CA GLY A 58 2.40 5.15 -17.00
C GLY A 58 1.49 6.06 -16.21
N ALA A 59 2.07 6.94 -15.42
CA ALA A 59 1.30 7.87 -14.60
C ALA A 59 0.40 7.13 -13.62
N VAL A 60 0.80 5.92 -13.27
CA VAL A 60 0.03 5.10 -12.34
C VAL A 60 0.94 4.23 -11.49
N CYS A 61 0.87 4.40 -10.17
CA CYS A 61 1.70 3.63 -9.25
C CYS A 61 0.83 2.69 -8.41
N GLU A 62 1.38 1.52 -8.09
CA GLU A 62 0.66 0.54 -7.29
C GLU A 62 1.58 -0.12 -6.28
N LEU A 63 1.26 0.03 -4.99
CA LEU A 63 2.05 -0.56 -3.92
C LEU A 63 1.37 -1.78 -3.33
N GLN A 64 1.92 -2.96 -3.62
CA GLN A 64 1.37 -4.21 -3.12
C GLN A 64 2.04 -4.61 -1.81
N ILE A 65 1.22 -4.80 -0.77
CA ILE A 65 1.73 -5.19 0.54
C ILE A 65 1.45 -6.66 0.82
N HIS A 66 2.39 -7.53 0.46
CA HIS A 66 2.24 -8.96 0.69
C HIS A 66 2.19 -9.28 2.18
N GLY A 67 1.39 -10.27 2.54
CA GLY A 67 1.26 -10.66 3.93
C GLY A 67 0.90 -9.48 4.83
N LEU A 68 -0.38 -9.27 5.04
CA LEU A 68 -0.85 -8.17 5.88
C LEU A 68 -0.97 -8.61 7.34
N ALA A 69 -0.97 -7.64 8.25
CA ALA A 69 -1.08 -7.92 9.67
C ALA A 69 -1.21 -6.64 10.48
N MET A 70 -1.25 -6.79 11.80
CA MET A 70 -1.37 -5.63 12.69
C MET A 70 -0.10 -4.79 12.67
N ALA A 71 0.92 -5.29 11.98
CA ALA A 71 2.20 -4.59 11.87
C ALA A 71 2.24 -3.72 10.63
N ASP A 72 1.23 -3.86 9.77
CA ASP A 72 1.16 -3.09 8.54
C ASP A 72 0.21 -1.90 8.70
N ASN A 73 -0.70 -2.01 9.65
CA ASN A 73 -1.67 -0.94 9.91
C ASN A 73 -0.96 0.39 10.15
N GLY A 74 -1.47 1.45 9.54
CA GLY A 74 -0.88 2.76 9.70
C GLY A 74 -1.27 3.72 8.59
N VAL A 75 -0.54 4.82 8.49
CA VAL A 75 -0.81 5.83 7.46
C VAL A 75 0.30 5.85 6.41
N TYR A 76 -0.09 5.70 5.15
CA TYR A 76 0.86 5.71 4.05
C TYR A 76 0.91 7.07 3.36
N SER A 77 2.00 7.34 2.65
CA SER A 77 2.17 8.61 1.95
C SER A 77 2.89 8.40 0.62
N CYS A 78 2.57 9.24 -0.36
CA CYS A 78 3.19 9.15 -1.67
C CYS A 78 3.77 10.50 -2.09
N VAL A 79 5.09 10.63 -1.96
CA VAL A 79 5.78 11.86 -2.32
C VAL A 79 6.21 11.85 -3.79
N CYS A 80 6.03 12.98 -4.46
CA CYS A 80 6.40 13.08 -5.87
C CYS A 80 7.40 14.23 -6.08
N GLY A 81 7.10 15.38 -5.50
CA GLY A 81 7.98 16.53 -5.64
C GLY A 81 7.65 17.63 -4.66
N GLN A 82 6.37 18.01 -4.62
CA GLN A 82 5.92 19.07 -3.72
C GLN A 82 4.73 18.60 -2.88
N GLU A 83 3.65 18.22 -3.55
CA GLU A 83 2.46 17.76 -2.86
C GLU A 83 2.52 16.26 -2.59
N ARG A 84 2.17 15.86 -1.38
CA ARG A 84 2.19 14.45 -1.00
C ARG A 84 0.88 14.05 -0.33
N THR A 85 0.22 13.04 -0.90
CA THR A 85 -1.04 12.56 -0.37
C THR A 85 -0.83 11.45 0.66
N SER A 86 -1.79 11.28 1.55
CA SER A 86 -1.69 10.26 2.60
C SER A 86 -3.01 9.48 2.71
N ALA A 87 -2.89 8.20 3.07
CA ALA A 87 -4.07 7.36 3.22
C ALA A 87 -3.97 6.51 4.49
N THR A 88 -5.02 5.74 4.75
CA THR A 88 -5.06 4.88 5.93
C THR A 88 -5.52 3.47 5.58
N LEU A 89 -4.81 2.47 6.11
CA LEU A 89 -5.14 1.09 5.84
C LEU A 89 -5.65 0.39 7.11
N THR A 90 -6.70 -0.41 6.96
CA THR A 90 -7.28 -1.12 8.09
C THR A 90 -7.11 -2.63 7.93
N VAL A 91 -6.58 -3.27 8.97
CA VAL A 91 -6.37 -4.72 8.95
C VAL A 91 -7.07 -5.39 10.13
N ARG A 92 -7.83 -6.43 9.83
CA ARG A 92 -8.55 -7.17 10.87
C ARG A 92 -7.99 -8.58 11.02
N ALA A 93 -7.89 -9.03 12.26
CA ALA A 93 -7.36 -10.36 12.55
C ALA A 93 -8.34 -11.44 12.09
N LEU A 94 -7.81 -12.46 11.41
CA LEU A 94 -8.63 -13.56 10.91
C LEU A 94 -9.29 -14.32 12.07
N PRO A 95 -10.49 -14.84 11.82
CA PRO A 95 -11.25 -15.61 12.82
C PRO A 95 -10.60 -16.95 13.14
N ALA A 96 -10.23 -17.14 14.40
CA ALA A 96 -9.61 -18.39 14.83
C ALA A 96 -10.20 -19.59 14.07
N ARG A 97 -9.39 -20.63 13.91
CA ARG A 97 -9.82 -21.83 13.20
C ARG A 97 -9.65 -23.07 14.09
N PHE A 98 -10.41 -24.11 13.77
CA PHE A 98 -10.35 -25.36 14.53
C PHE A 98 -9.80 -26.49 13.68
N ILE A 99 -8.98 -27.34 14.28
CA ILE A 99 -8.39 -28.48 13.58
C ILE A 99 -9.21 -29.74 13.77
N GLU A 100 -9.87 -30.19 12.71
CA GLU A 100 -10.69 -31.39 12.76
C GLU A 100 -10.50 -32.23 11.51
N ASP A 101 -10.29 -33.53 11.69
CA ASP A 101 -10.10 -34.44 10.57
C ASP A 101 -11.28 -35.41 10.45
N SER A 102 -11.38 -36.08 9.31
CA SER A 102 -12.46 -37.03 9.07
C SER A 102 -11.96 -38.24 8.28
N GLY A 103 -12.84 -39.22 8.10
CA GLY A 103 -12.47 -40.41 7.36
C GLY A 103 -12.92 -41.68 8.04
N PRO A 104 -14.14 -42.14 7.72
CA PRO A 104 -14.72 -43.35 8.30
C PRO A 104 -14.02 -44.62 7.82
N SER A 105 -13.98 -45.62 8.68
CA SER A 105 -13.33 -46.89 8.34
C SER A 105 -14.13 -47.65 7.30
N SER A 106 -13.44 -48.45 6.50
CA SER A 106 -14.09 -49.24 5.45
C SER A 106 -13.99 -50.74 5.75
N GLY A 107 -12.79 -51.17 6.12
CA GLY A 107 -12.57 -52.57 6.42
C GLY A 107 -11.34 -53.13 5.75
N GLY A 1 15.86 31.11 -16.44
CA GLY A 1 15.96 29.66 -16.59
C GLY A 1 15.91 28.95 -15.26
N SER A 2 15.69 27.64 -15.30
CA SER A 2 15.61 26.82 -14.09
C SER A 2 15.68 25.34 -14.43
N SER A 3 16.80 24.71 -14.11
CA SER A 3 17.00 23.30 -14.38
C SER A 3 16.22 22.45 -13.38
N GLY A 4 15.10 21.88 -13.83
CA GLY A 4 14.29 21.05 -12.96
C GLY A 4 13.16 20.37 -13.70
N SER A 5 12.06 20.11 -13.00
CA SER A 5 10.90 19.46 -13.59
C SER A 5 9.62 20.22 -13.28
N SER A 6 8.77 20.38 -14.29
CA SER A 6 7.51 21.09 -14.11
C SER A 6 6.84 20.71 -12.80
N GLY A 7 6.67 19.40 -12.58
CA GLY A 7 6.05 18.93 -11.37
C GLY A 7 4.73 18.23 -11.62
N ALA A 8 4.51 17.10 -10.95
CA ALA A 8 3.29 16.33 -11.12
C ALA A 8 2.43 16.39 -9.86
N ARG A 9 1.17 16.80 -10.02
CA ARG A 9 0.25 16.90 -8.90
C ARG A 9 -0.80 15.80 -8.96
N PHE A 10 -0.98 15.11 -7.85
CA PHE A 10 -1.96 14.02 -7.77
C PHE A 10 -3.30 14.45 -8.37
N THR A 11 -3.57 13.98 -9.58
CA THR A 11 -4.82 14.31 -10.27
C THR A 11 -5.93 13.35 -9.89
N GLU A 12 -5.56 12.11 -9.59
CA GLU A 12 -6.54 11.08 -9.21
C GLU A 12 -6.66 10.99 -7.70
N GLY A 13 -5.53 11.06 -7.01
CA GLY A 13 -5.53 10.97 -5.56
C GLY A 13 -5.39 9.56 -5.05
N LEU A 14 -4.72 9.40 -3.92
CA LEU A 14 -4.52 8.08 -3.33
C LEU A 14 -5.59 7.77 -2.28
N ARG A 15 -6.57 6.97 -2.66
CA ARG A 15 -7.65 6.59 -1.75
C ARG A 15 -7.17 5.58 -0.73
N ASN A 16 -7.97 5.37 0.31
CA ASN A 16 -7.64 4.42 1.37
C ASN A 16 -7.81 2.99 0.88
N GLU A 17 -7.45 2.03 1.74
CA GLU A 17 -7.56 0.62 1.39
C GLU A 17 -8.09 -0.18 2.57
N GLU A 18 -8.53 -1.41 2.30
CA GLU A 18 -9.06 -2.27 3.35
C GLU A 18 -8.80 -3.74 3.01
N ALA A 19 -8.18 -4.45 3.95
CA ALA A 19 -7.87 -5.87 3.75
C ALA A 19 -7.84 -6.61 5.08
N MET A 20 -7.77 -7.94 5.01
CA MET A 20 -7.74 -8.76 6.22
C MET A 20 -6.31 -9.07 6.63
N GLU A 21 -6.10 -9.30 7.91
CA GLU A 21 -4.76 -9.61 8.42
C GLU A 21 -4.12 -10.75 7.64
N GLY A 22 -3.03 -10.44 6.95
CA GLY A 22 -2.34 -11.43 6.16
C GLY A 22 -2.54 -11.24 4.67
N ALA A 23 -3.69 -10.70 4.30
CA ALA A 23 -4.00 -10.46 2.89
C ALA A 23 -2.93 -9.62 2.22
N THR A 24 -3.16 -9.26 0.96
CA THR A 24 -2.20 -8.45 0.21
C THR A 24 -2.71 -7.04 0.00
N ALA A 25 -2.23 -6.10 0.81
CA ALA A 25 -2.65 -4.71 0.70
C ALA A 25 -2.21 -4.10 -0.63
N THR A 26 -3.18 -3.62 -1.39
CA THR A 26 -2.90 -3.02 -2.69
C THR A 26 -3.52 -1.63 -2.80
N LEU A 27 -2.67 -0.63 -3.03
CA LEU A 27 -3.13 0.75 -3.14
C LEU A 27 -3.15 1.19 -4.61
N GLN A 28 -3.53 2.44 -4.84
CA GLN A 28 -3.60 2.98 -6.19
C GLN A 28 -3.63 4.51 -6.17
N CYS A 29 -2.93 5.13 -7.10
CA CYS A 29 -2.89 6.59 -7.18
C CYS A 29 -2.13 7.04 -8.42
N GLU A 30 -2.75 7.93 -9.20
CA GLU A 30 -2.13 8.44 -10.42
C GLU A 30 -1.63 9.86 -10.22
N LEU A 31 -0.81 10.33 -11.16
CA LEU A 31 -0.26 11.68 -11.09
C LEU A 31 -0.44 12.41 -12.42
N SER A 32 -0.47 13.74 -12.35
CA SER A 32 -0.64 14.56 -13.55
C SER A 32 0.42 14.23 -14.59
N LYS A 33 1.56 13.72 -14.12
CA LYS A 33 2.66 13.35 -15.02
C LYS A 33 3.39 12.12 -14.49
N ALA A 34 4.23 11.54 -15.33
CA ALA A 34 5.00 10.36 -14.96
C ALA A 34 6.24 10.75 -14.15
N ALA A 35 6.18 10.53 -12.84
CA ALA A 35 7.29 10.85 -11.96
C ALA A 35 7.47 9.78 -10.89
N PRO A 36 8.72 9.55 -10.49
CA PRO A 36 9.06 8.55 -9.46
C PRO A 36 8.59 8.97 -8.07
N VAL A 37 7.76 8.13 -7.46
CA VAL A 37 7.25 8.41 -6.13
C VAL A 37 7.77 7.40 -5.11
N GLU A 38 7.94 7.86 -3.87
CA GLU A 38 8.42 6.99 -2.80
C GLU A 38 7.42 6.91 -1.65
N TRP A 39 6.89 5.72 -1.42
CA TRP A 39 5.91 5.50 -0.36
C TRP A 39 6.58 5.56 1.00
N ARG A 40 5.78 5.78 2.04
CA ARG A 40 6.30 5.86 3.41
C ARG A 40 5.32 5.23 4.39
N LYS A 41 5.82 4.85 5.56
CA LYS A 41 5.00 4.24 6.60
C LYS A 41 5.64 4.38 7.96
N GLY A 42 4.93 5.04 8.88
CA GLY A 42 5.45 5.23 10.22
C GLY A 42 6.79 5.95 10.23
N LEU A 43 6.85 7.10 9.58
CA LEU A 43 8.08 7.88 9.50
C LEU A 43 9.23 7.03 8.98
N GLU A 44 9.00 6.36 7.85
CA GLU A 44 10.01 5.52 7.24
C GLU A 44 9.81 5.43 5.73
N ALA A 45 10.90 5.24 5.00
CA ALA A 45 10.85 5.14 3.55
C ALA A 45 10.57 3.71 3.11
N LEU A 46 9.61 3.55 2.20
CA LEU A 46 9.24 2.23 1.70
C LEU A 46 9.83 1.99 0.31
N ARG A 47 10.71 1.00 0.20
CA ARG A 47 11.35 0.67 -1.06
C ARG A 47 11.15 -0.81 -1.40
N ASP A 48 11.07 -1.10 -2.69
CA ASP A 48 10.89 -2.48 -3.15
C ASP A 48 11.61 -3.46 -2.22
N GLY A 49 10.92 -4.53 -1.85
CA GLY A 49 11.50 -5.53 -0.97
C GLY A 49 10.94 -6.91 -1.21
N ASP A 50 10.72 -7.65 -0.13
CA ASP A 50 10.18 -9.00 -0.23
C ASP A 50 8.67 -8.97 -0.46
N LYS A 51 8.02 -7.91 0.02
CA LYS A 51 6.59 -7.75 -0.15
C LYS A 51 6.26 -6.58 -1.08
N TYR A 52 6.83 -5.43 -0.77
CA TYR A 52 6.60 -4.24 -1.58
C TYR A 52 6.99 -4.48 -3.04
N SER A 53 5.99 -4.69 -3.88
CA SER A 53 6.23 -4.95 -5.29
C SER A 53 5.94 -3.69 -6.12
N LEU A 54 6.52 -2.57 -5.70
CA LEU A 54 6.33 -1.30 -6.41
C LEU A 54 6.19 -1.53 -7.90
N ARG A 55 4.95 -1.55 -8.39
CA ARG A 55 4.69 -1.75 -9.81
C ARG A 55 3.94 -0.56 -10.40
N GLN A 56 4.69 0.40 -10.92
CA GLN A 56 4.09 1.59 -11.52
C GLN A 56 4.43 1.68 -13.01
N ASP A 57 3.59 2.40 -13.75
CA ASP A 57 3.80 2.57 -15.19
C ASP A 57 3.73 4.04 -15.58
N GLY A 58 4.81 4.77 -15.31
CA GLY A 58 4.85 6.19 -15.63
C GLY A 58 4.24 7.05 -14.56
N ALA A 59 2.96 7.37 -14.71
CA ALA A 59 2.25 8.20 -13.74
C ALA A 59 1.49 7.34 -12.74
N VAL A 60 0.90 6.26 -13.22
CA VAL A 60 0.13 5.35 -12.37
C VAL A 60 1.06 4.57 -11.44
N CYS A 61 0.84 4.72 -10.14
CA CYS A 61 1.65 4.02 -9.15
C CYS A 61 0.81 3.02 -8.37
N GLU A 62 1.47 1.99 -7.84
CA GLU A 62 0.78 0.95 -7.07
C GLU A 62 1.74 0.28 -6.10
N LEU A 63 1.30 0.17 -4.84
CA LEU A 63 2.12 -0.45 -3.80
C LEU A 63 1.43 -1.69 -3.24
N GLN A 64 2.11 -2.83 -3.35
CA GLN A 64 1.56 -4.10 -2.85
C GLN A 64 2.47 -4.68 -1.77
N ILE A 65 1.92 -4.86 -0.58
CA ILE A 65 2.66 -5.43 0.53
C ILE A 65 2.26 -6.87 0.79
N HIS A 66 3.05 -7.81 0.25
CA HIS A 66 2.77 -9.23 0.41
C HIS A 66 2.87 -9.62 1.88
N GLY A 67 1.72 -9.88 2.50
CA GLY A 67 1.69 -10.27 3.90
C GLY A 67 1.27 -9.13 4.81
N LEU A 68 -0.02 -9.08 5.13
CA LEU A 68 -0.55 -8.03 6.00
C LEU A 68 -0.65 -8.51 7.44
N ALA A 69 -0.63 -7.57 8.38
CA ALA A 69 -0.73 -7.90 9.79
C ALA A 69 -1.20 -6.69 10.60
N MET A 70 -1.30 -6.88 11.92
CA MET A 70 -1.74 -5.81 12.80
C MET A 70 -0.79 -4.62 12.73
N ALA A 71 0.45 -4.88 12.34
CA ALA A 71 1.46 -3.82 12.23
C ALA A 71 1.17 -2.91 11.04
N ASP A 72 1.11 -3.51 9.85
CA ASP A 72 0.83 -2.75 8.63
C ASP A 72 -0.13 -1.61 8.90
N ASN A 73 -1.12 -1.87 9.76
CA ASN A 73 -2.12 -0.87 10.11
C ASN A 73 -1.45 0.46 10.47
N GLY A 74 -1.86 1.53 9.81
CA GLY A 74 -1.30 2.84 10.08
C GLY A 74 -1.69 3.87 9.04
N VAL A 75 -0.72 4.64 8.57
CA VAL A 75 -0.97 5.67 7.57
C VAL A 75 0.20 5.79 6.60
N TYR A 76 -0.05 5.43 5.34
CA TYR A 76 0.99 5.49 4.31
C TYR A 76 0.96 6.84 3.60
N SER A 77 2.08 7.20 2.98
CA SER A 77 2.19 8.46 2.27
C SER A 77 2.98 8.29 0.98
N CYS A 78 2.45 8.82 -0.12
CA CYS A 78 3.11 8.73 -1.41
C CYS A 78 3.77 10.06 -1.79
N VAL A 79 5.06 10.18 -1.49
CA VAL A 79 5.80 11.39 -1.79
C VAL A 79 6.32 11.37 -3.22
N CYS A 80 5.95 12.39 -4.00
CA CYS A 80 6.39 12.49 -5.38
C CYS A 80 7.49 13.52 -5.54
N GLY A 81 7.24 14.73 -5.05
CA GLY A 81 8.23 15.79 -5.14
C GLY A 81 7.68 17.14 -4.72
N GLN A 82 6.55 17.51 -5.30
CA GLN A 82 5.92 18.79 -4.98
C GLN A 82 4.86 18.62 -3.90
N GLU A 83 4.06 17.57 -4.02
CA GLU A 83 3.00 17.29 -3.05
C GLU A 83 3.11 15.87 -2.52
N ARG A 84 2.40 15.60 -1.42
CA ARG A 84 2.42 14.27 -0.82
C ARG A 84 1.09 13.98 -0.11
N THR A 85 0.43 12.90 -0.52
CA THR A 85 -0.84 12.52 0.08
C THR A 85 -0.70 11.26 0.92
N SER A 86 -1.53 11.15 1.96
CA SER A 86 -1.49 9.99 2.84
C SER A 86 -2.84 9.28 2.86
N ALA A 87 -2.79 7.96 3.07
CA ALA A 87 -4.01 7.16 3.11
C ALA A 87 -4.05 6.28 4.36
N THR A 88 -5.20 5.65 4.60
CA THR A 88 -5.36 4.78 5.76
C THR A 88 -5.53 3.34 5.33
N LEU A 89 -4.83 2.44 6.03
CA LEU A 89 -4.90 1.01 5.73
C LEU A 89 -5.54 0.24 6.88
N THR A 90 -6.77 -0.22 6.68
CA THR A 90 -7.49 -0.97 7.70
C THR A 90 -7.21 -2.46 7.59
N VAL A 91 -6.80 -3.07 8.68
CA VAL A 91 -6.49 -4.50 8.71
C VAL A 91 -7.18 -5.18 9.88
N ARG A 92 -8.13 -6.07 9.57
CA ARG A 92 -8.86 -6.80 10.60
C ARG A 92 -8.17 -8.12 10.92
N ALA A 93 -8.47 -8.67 12.10
CA ALA A 93 -7.89 -9.94 12.52
C ALA A 93 -8.77 -11.11 12.11
N LEU A 94 -8.26 -11.93 11.20
CA LEU A 94 -9.01 -13.09 10.72
C LEU A 94 -8.59 -14.35 11.48
N PRO A 95 -9.56 -15.26 11.71
CA PRO A 95 -9.32 -16.51 12.42
C PRO A 95 -8.46 -17.48 11.61
N ALA A 96 -7.27 -17.78 12.11
CA ALA A 96 -6.37 -18.70 11.44
C ALA A 96 -7.05 -20.03 11.15
N ARG A 97 -7.05 -20.44 9.88
CA ARG A 97 -7.67 -21.69 9.48
C ARG A 97 -6.64 -22.83 9.47
N PHE A 98 -7.14 -24.06 9.48
CA PHE A 98 -6.28 -25.24 9.49
C PHE A 98 -7.06 -26.49 9.11
N ILE A 99 -6.33 -27.56 8.80
CA ILE A 99 -6.95 -28.82 8.42
C ILE A 99 -6.32 -29.99 9.15
N GLU A 100 -7.08 -31.07 9.33
CA GLU A 100 -6.59 -32.26 10.01
C GLU A 100 -7.06 -33.52 9.30
N ASP A 101 -6.60 -34.67 9.79
CA ASP A 101 -6.98 -35.95 9.21
C ASP A 101 -8.45 -36.25 9.45
N SER A 102 -9.28 -35.92 8.47
CA SER A 102 -10.72 -36.15 8.58
C SER A 102 -11.19 -37.13 7.51
N GLY A 103 -11.92 -38.16 7.94
CA GLY A 103 -12.43 -39.14 7.00
C GLY A 103 -13.95 -39.23 7.01
N PRO A 104 -14.54 -39.52 5.85
CA PRO A 104 -15.98 -39.63 5.71
C PRO A 104 -16.55 -40.87 6.40
N SER A 105 -16.93 -40.71 7.66
CA SER A 105 -17.48 -41.82 8.43
C SER A 105 -18.96 -42.03 8.14
N SER A 106 -19.35 -43.27 7.90
CA SER A 106 -20.73 -43.59 7.60
C SER A 106 -21.11 -44.97 8.14
N GLY A 107 -22.36 -45.13 8.54
CA GLY A 107 -22.82 -46.40 9.07
C GLY A 107 -24.32 -46.44 9.27
N GLY A 1 21.95 5.78 -14.18
CA GLY A 1 21.03 6.87 -14.41
C GLY A 1 20.42 7.39 -13.13
N SER A 2 19.38 6.72 -12.65
CA SER A 2 18.70 7.12 -11.43
C SER A 2 18.23 8.56 -11.52
N SER A 3 17.65 8.92 -12.66
CA SER A 3 17.17 10.29 -12.87
C SER A 3 15.65 10.34 -12.72
N GLY A 4 15.19 10.71 -11.53
CA GLY A 4 13.77 10.80 -11.27
C GLY A 4 13.22 12.19 -11.52
N SER A 5 12.61 12.39 -12.68
CA SER A 5 12.04 13.69 -13.04
C SER A 5 10.94 14.09 -12.06
N SER A 6 11.30 14.91 -11.08
CA SER A 6 10.35 15.36 -10.08
C SER A 6 9.63 16.63 -10.55
N GLY A 7 8.32 16.68 -10.31
CA GLY A 7 7.54 17.84 -10.71
C GLY A 7 6.14 17.46 -11.15
N ALA A 8 5.44 16.70 -10.32
CA ALA A 8 4.08 16.27 -10.62
C ALA A 8 3.13 16.58 -9.47
N ARG A 9 1.84 16.66 -9.77
CA ARG A 9 0.83 16.95 -8.76
C ARG A 9 -0.23 15.85 -8.73
N PHE A 10 -0.53 15.37 -7.53
CA PHE A 10 -1.52 14.32 -7.35
C PHE A 10 -2.93 14.84 -7.64
N THR A 11 -3.47 14.46 -8.79
CA THR A 11 -4.80 14.89 -9.20
C THR A 11 -5.87 13.91 -8.71
N GLU A 12 -5.45 12.67 -8.46
CA GLU A 12 -6.37 11.64 -7.99
C GLU A 12 -6.21 11.40 -6.49
N GLY A 13 -4.96 11.41 -6.03
CA GLY A 13 -4.68 11.21 -4.62
C GLY A 13 -5.00 9.79 -4.18
N LEU A 14 -4.38 9.35 -3.10
CA LEU A 14 -4.61 8.01 -2.57
C LEU A 14 -6.00 7.89 -1.95
N ARG A 15 -6.58 6.70 -2.05
CA ARG A 15 -7.91 6.46 -1.51
C ARG A 15 -7.85 5.46 -0.36
N ASN A 16 -8.98 5.29 0.34
CA ASN A 16 -9.05 4.37 1.47
C ASN A 16 -9.16 2.93 0.98
N GLU A 17 -8.46 2.02 1.66
CA GLU A 17 -8.48 0.61 1.30
C GLU A 17 -8.77 -0.26 2.52
N GLU A 18 -9.13 -1.52 2.26
CA GLU A 18 -9.43 -2.44 3.34
C GLU A 18 -9.08 -3.88 2.93
N ALA A 19 -8.36 -4.57 3.81
CA ALA A 19 -7.97 -5.95 3.55
C ALA A 19 -7.84 -6.74 4.85
N MET A 20 -7.83 -8.07 4.73
CA MET A 20 -7.70 -8.94 5.89
C MET A 20 -6.27 -8.97 6.40
N GLU A 21 -6.03 -9.69 7.49
CA GLU A 21 -4.71 -9.80 8.07
C GLU A 21 -3.82 -10.73 7.23
N GLY A 22 -2.55 -10.36 7.11
CA GLY A 22 -1.61 -11.17 6.34
C GLY A 22 -1.85 -11.06 4.85
N ALA A 23 -2.90 -10.35 4.47
CA ALA A 23 -3.24 -10.16 3.07
C ALA A 23 -2.23 -9.26 2.37
N THR A 24 -2.36 -9.13 1.05
CA THR A 24 -1.46 -8.29 0.27
C THR A 24 -2.14 -6.99 -0.14
N ALA A 25 -1.89 -5.93 0.64
CA ALA A 25 -2.48 -4.62 0.35
C ALA A 25 -2.18 -4.19 -1.08
N THR A 26 -2.99 -3.26 -1.59
CA THR A 26 -2.83 -2.77 -2.94
C THR A 26 -3.42 -1.37 -3.09
N LEU A 27 -2.56 -0.37 -3.18
CA LEU A 27 -3.00 1.01 -3.33
C LEU A 27 -2.81 1.50 -4.77
N GLN A 28 -3.61 2.48 -5.17
CA GLN A 28 -3.52 3.03 -6.51
C GLN A 28 -3.62 4.55 -6.48
N CYS A 29 -2.78 5.21 -7.27
CA CYS A 29 -2.76 6.66 -7.34
C CYS A 29 -2.38 7.14 -8.73
N GLU A 30 -3.00 8.25 -9.16
CA GLU A 30 -2.73 8.80 -10.48
C GLU A 30 -2.05 10.16 -10.37
N LEU A 31 -1.11 10.42 -11.27
CA LEU A 31 -0.38 11.69 -11.27
C LEU A 31 -0.53 12.39 -12.62
N SER A 32 -0.55 13.73 -12.58
CA SER A 32 -0.69 14.52 -13.79
C SER A 32 0.22 13.99 -14.90
N LYS A 33 1.26 13.27 -14.51
CA LYS A 33 2.21 12.70 -15.46
C LYS A 33 3.05 11.61 -14.81
N ALA A 34 3.70 10.80 -15.63
CA ALA A 34 4.55 9.72 -15.13
C ALA A 34 5.74 10.27 -14.36
N ALA A 35 5.84 9.90 -13.09
CA ALA A 35 6.93 10.35 -12.24
C ALA A 35 7.17 9.38 -11.08
N PRO A 36 8.44 9.25 -10.68
CA PRO A 36 8.83 8.35 -9.58
C PRO A 36 8.35 8.85 -8.22
N VAL A 37 7.49 8.06 -7.58
CA VAL A 37 6.96 8.42 -6.28
C VAL A 37 7.67 7.67 -5.16
N GLU A 38 7.53 8.16 -3.93
CA GLU A 38 8.17 7.53 -2.78
C GLU A 38 7.14 7.16 -1.72
N TRP A 39 7.22 5.94 -1.22
CA TRP A 39 6.29 5.47 -0.19
C TRP A 39 6.97 5.39 1.16
N ARG A 40 6.37 6.04 2.16
CA ARG A 40 6.92 6.04 3.50
C ARG A 40 5.93 5.45 4.50
N LYS A 41 6.42 4.63 5.42
CA LYS A 41 5.58 4.00 6.42
C LYS A 41 6.14 4.23 7.83
N GLY A 42 5.26 4.52 8.77
CA GLY A 42 5.67 4.76 10.14
C GLY A 42 6.94 5.59 10.22
N LEU A 43 6.96 6.70 9.49
CA LEU A 43 8.13 7.58 9.48
C LEU A 43 9.37 6.84 9.01
N GLU A 44 9.23 6.08 7.93
CA GLU A 44 10.35 5.32 7.38
C GLU A 44 10.23 5.18 5.87
N ALA A 45 11.37 5.14 5.19
CA ALA A 45 11.39 5.02 3.74
C ALA A 45 11.26 3.55 3.31
N LEU A 46 10.21 3.26 2.56
CA LEU A 46 9.96 1.90 2.09
C LEU A 46 10.84 1.58 0.88
N ARG A 47 11.17 0.30 0.72
CA ARG A 47 11.99 -0.14 -0.40
C ARG A 47 11.28 -1.22 -1.21
N ASP A 48 11.74 -1.42 -2.44
CA ASP A 48 11.15 -2.42 -3.33
C ASP A 48 11.85 -3.76 -3.17
N GLY A 49 11.18 -4.83 -3.59
CA GLY A 49 11.75 -6.15 -3.50
C GLY A 49 10.70 -7.23 -3.30
N ASP A 50 10.94 -8.13 -2.35
CA ASP A 50 10.00 -9.21 -2.07
C ASP A 50 8.88 -8.74 -1.15
N LYS A 51 9.26 -8.16 -0.03
CA LYS A 51 8.29 -7.66 0.94
C LYS A 51 7.29 -6.71 0.28
N TYR A 52 7.81 -5.73 -0.44
CA TYR A 52 6.96 -4.76 -1.14
C TYR A 52 7.14 -4.86 -2.64
N SER A 53 6.04 -4.70 -3.37
CA SER A 53 6.07 -4.78 -4.83
C SER A 53 5.60 -3.46 -5.45
N LEU A 54 6.55 -2.71 -6.02
CA LEU A 54 6.22 -1.43 -6.65
C LEU A 54 6.02 -1.60 -8.15
N ARG A 55 4.78 -1.45 -8.59
CA ARG A 55 4.44 -1.58 -10.01
C ARG A 55 3.92 -0.25 -10.57
N GLN A 56 4.84 0.54 -11.13
CA GLN A 56 4.46 1.83 -11.70
C GLN A 56 3.95 1.67 -13.12
N ASP A 57 3.15 2.62 -13.57
CA ASP A 57 2.60 2.59 -14.92
C ASP A 57 2.42 4.00 -15.48
N GLY A 58 1.85 4.10 -16.68
CA GLY A 58 1.62 5.38 -17.30
C GLY A 58 0.83 6.33 -16.41
N ALA A 59 1.53 7.08 -15.57
CA ALA A 59 0.88 8.03 -14.67
C ALA A 59 -0.02 7.30 -13.67
N VAL A 60 0.34 6.06 -13.36
CA VAL A 60 -0.42 5.26 -12.42
C VAL A 60 0.48 4.34 -11.61
N CYS A 61 0.69 4.68 -10.34
CA CYS A 61 1.54 3.89 -9.47
C CYS A 61 0.69 2.96 -8.58
N GLU A 62 1.29 1.84 -8.18
CA GLU A 62 0.59 0.87 -7.34
C GLU A 62 1.57 0.18 -6.39
N LEU A 63 1.33 0.34 -5.10
CA LEU A 63 2.18 -0.27 -4.08
C LEU A 63 1.52 -1.50 -3.48
N GLN A 64 2.26 -2.60 -3.45
CA GLN A 64 1.76 -3.85 -2.91
C GLN A 64 2.52 -4.26 -1.65
N ILE A 65 1.80 -4.51 -0.57
CA ILE A 65 2.42 -4.91 0.69
C ILE A 65 2.12 -6.37 1.02
N HIS A 66 3.10 -7.24 0.77
CA HIS A 66 2.94 -8.66 1.03
C HIS A 66 3.16 -8.96 2.51
N GLY A 67 2.17 -9.62 3.12
CA GLY A 67 2.26 -9.95 4.53
C GLY A 67 1.78 -8.83 5.42
N LEU A 68 0.46 -8.74 5.60
CA LEU A 68 -0.12 -7.71 6.44
C LEU A 68 -0.25 -8.18 7.89
N ALA A 69 -0.69 -7.29 8.77
CA ALA A 69 -0.86 -7.61 10.18
C ALA A 69 -1.48 -6.45 10.94
N MET A 70 -1.64 -6.62 12.25
CA MET A 70 -2.23 -5.59 13.09
C MET A 70 -1.26 -4.43 13.26
N ALA A 71 -0.11 -4.51 12.62
CA ALA A 71 0.90 -3.46 12.71
C ALA A 71 1.03 -2.71 11.38
N ASP A 72 0.84 -3.43 10.28
CA ASP A 72 0.93 -2.84 8.95
C ASP A 72 -0.08 -1.70 8.80
N ASN A 73 -1.27 -1.91 9.32
CA ASN A 73 -2.34 -0.90 9.24
C ASN A 73 -1.85 0.43 9.80
N GLY A 74 -2.40 1.52 9.27
CA GLY A 74 -2.03 2.84 9.73
C GLY A 74 -2.29 3.92 8.71
N VAL A 75 -1.26 4.70 8.39
CA VAL A 75 -1.40 5.77 7.41
C VAL A 75 -0.17 5.85 6.51
N TYR A 76 -0.34 5.49 5.25
CA TYR A 76 0.76 5.52 4.28
C TYR A 76 0.80 6.85 3.55
N SER A 77 2.01 7.27 3.18
CA SER A 77 2.20 8.53 2.48
C SER A 77 2.97 8.33 1.19
N CYS A 78 2.46 8.90 0.10
CA CYS A 78 3.10 8.78 -1.21
C CYS A 78 3.56 10.14 -1.71
N VAL A 79 4.85 10.42 -1.56
CA VAL A 79 5.42 11.68 -2.00
C VAL A 79 6.29 11.49 -3.25
N CYS A 80 5.99 12.24 -4.30
CA CYS A 80 6.74 12.15 -5.55
C CYS A 80 7.49 13.46 -5.82
N GLY A 81 6.74 14.50 -6.17
CA GLY A 81 7.35 15.78 -6.45
C GLY A 81 6.65 16.93 -5.74
N GLN A 82 7.33 17.50 -4.75
CA GLN A 82 6.77 18.62 -4.00
C GLN A 82 5.29 18.38 -3.69
N GLU A 83 4.95 17.12 -3.40
CA GLU A 83 3.57 16.75 -3.09
C GLU A 83 3.51 15.38 -2.44
N ARG A 84 2.66 15.25 -1.42
CA ARG A 84 2.50 13.99 -0.71
C ARG A 84 1.05 13.75 -0.33
N THR A 85 0.60 12.51 -0.44
CA THR A 85 -0.78 12.15 -0.10
C THR A 85 -0.82 11.04 0.93
N SER A 86 -1.66 11.20 1.95
CA SER A 86 -1.80 10.21 3.00
C SER A 86 -3.11 9.45 2.87
N ALA A 87 -3.12 8.20 3.33
CA ALA A 87 -4.32 7.37 3.27
C ALA A 87 -4.50 6.57 4.55
N THR A 88 -5.62 5.86 4.64
CA THR A 88 -5.90 5.05 5.82
C THR A 88 -6.18 3.60 5.43
N LEU A 89 -5.39 2.69 5.99
CA LEU A 89 -5.55 1.26 5.71
C LEU A 89 -6.13 0.53 6.92
N THR A 90 -7.14 -0.29 6.67
CA THR A 90 -7.77 -1.06 7.73
C THR A 90 -7.51 -2.55 7.57
N VAL A 91 -6.87 -3.14 8.57
CA VAL A 91 -6.55 -4.57 8.55
C VAL A 91 -7.49 -5.35 9.46
N ARG A 92 -8.14 -6.37 8.90
CA ARG A 92 -9.06 -7.20 9.67
C ARG A 92 -8.36 -8.48 10.15
N ALA A 93 -8.54 -8.78 11.44
CA ALA A 93 -7.93 -9.98 12.01
C ALA A 93 -8.61 -11.24 11.52
N LEU A 94 -7.85 -12.31 11.39
CA LEU A 94 -8.39 -13.59 10.92
C LEU A 94 -8.85 -14.46 12.09
N PRO A 95 -9.86 -15.30 11.83
CA PRO A 95 -10.41 -16.19 12.85
C PRO A 95 -9.45 -17.31 13.23
N ALA A 96 -9.75 -18.00 14.33
CA ALA A 96 -8.91 -19.08 14.81
C ALA A 96 -9.30 -20.40 14.15
N ARG A 97 -8.31 -21.10 13.59
CA ARG A 97 -8.55 -22.37 12.93
C ARG A 97 -7.81 -23.51 13.64
N PHE A 98 -8.06 -24.73 13.20
CA PHE A 98 -7.41 -25.91 13.80
C PHE A 98 -6.82 -26.80 12.73
N ILE A 99 -5.50 -26.95 12.75
CA ILE A 99 -4.80 -27.79 11.78
C ILE A 99 -3.42 -28.19 12.29
N GLU A 100 -3.19 -29.50 12.37
CA GLU A 100 -1.91 -30.02 12.84
C GLU A 100 -1.09 -30.58 11.68
N ASP A 101 -0.04 -29.86 11.30
CA ASP A 101 0.82 -30.28 10.22
C ASP A 101 2.20 -30.69 10.73
N SER A 102 2.34 -31.96 11.09
CA SER A 102 3.60 -32.47 11.61
C SER A 102 4.75 -32.18 10.64
N GLY A 103 4.52 -32.46 9.36
CA GLY A 103 5.54 -32.22 8.36
C GLY A 103 6.41 -33.44 8.10
N PRO A 104 7.09 -33.46 6.95
CA PRO A 104 7.96 -34.57 6.57
C PRO A 104 9.22 -34.63 7.42
N SER A 105 9.64 -35.84 7.77
CA SER A 105 10.84 -36.03 8.59
C SER A 105 12.02 -36.47 7.72
N SER A 106 12.93 -35.54 7.46
CA SER A 106 14.11 -35.83 6.65
C SER A 106 15.19 -36.49 7.48
N GLY A 107 15.86 -37.49 6.90
CA GLY A 107 16.92 -38.18 7.60
C GLY A 107 16.38 -39.15 8.64
N GLY A 1 18.32 14.69 -18.11
CA GLY A 1 17.81 15.24 -16.87
C GLY A 1 16.88 16.41 -17.10
N SER A 2 16.16 16.79 -16.05
CA SER A 2 15.21 17.90 -16.14
C SER A 2 15.67 19.07 -15.27
N SER A 3 16.13 20.14 -15.91
CA SER A 3 16.59 21.32 -15.19
C SER A 3 15.80 22.55 -15.61
N GLY A 4 14.50 22.39 -15.75
CA GLY A 4 13.65 23.51 -16.14
C GLY A 4 12.23 23.36 -15.63
N SER A 5 11.29 23.12 -16.54
CA SER A 5 9.89 22.97 -16.17
C SER A 5 9.55 21.51 -15.87
N SER A 6 9.22 21.22 -14.63
CA SER A 6 8.88 19.87 -14.22
C SER A 6 8.12 19.87 -12.90
N GLY A 7 7.05 19.07 -12.83
CA GLY A 7 6.26 19.00 -11.62
C GLY A 7 4.92 18.33 -11.85
N ALA A 8 4.69 17.21 -11.18
CA ALA A 8 3.44 16.47 -11.31
C ALA A 8 2.66 16.48 -10.00
N ARG A 9 1.33 16.56 -10.11
CA ARG A 9 0.47 16.58 -8.94
C ARG A 9 -0.35 15.29 -8.85
N PHE A 10 -1.19 15.20 -7.82
CA PHE A 10 -2.02 14.02 -7.62
C PHE A 10 -3.43 14.26 -8.15
N THR A 11 -3.72 13.67 -9.30
CA THR A 11 -5.04 13.82 -9.92
C THR A 11 -6.12 13.19 -9.06
N GLU A 12 -5.79 12.09 -8.40
CA GLU A 12 -6.73 11.39 -7.54
C GLU A 12 -6.14 11.15 -6.15
N GLY A 13 -4.85 10.84 -6.12
CA GLY A 13 -4.18 10.59 -4.86
C GLY A 13 -4.38 9.18 -4.36
N LEU A 14 -4.46 9.01 -3.05
CA LEU A 14 -4.64 7.69 -2.44
C LEU A 14 -5.95 7.63 -1.66
N ARG A 15 -6.85 6.75 -2.08
CA ARG A 15 -8.14 6.59 -1.41
C ARG A 15 -8.05 5.54 -0.30
N ASN A 16 -8.96 5.63 0.66
CA ASN A 16 -8.99 4.70 1.78
C ASN A 16 -8.98 3.25 1.28
N GLU A 17 -8.15 2.42 1.89
CA GLU A 17 -8.05 1.02 1.51
C GLU A 17 -8.38 0.11 2.69
N GLU A 18 -8.91 -1.07 2.39
CA GLU A 18 -9.28 -2.03 3.43
C GLU A 18 -9.01 -3.46 2.96
N ALA A 19 -8.31 -4.22 3.78
CA ALA A 19 -7.99 -5.61 3.45
C ALA A 19 -7.92 -6.47 4.71
N MET A 20 -8.27 -7.74 4.58
CA MET A 20 -8.24 -8.67 5.70
C MET A 20 -6.82 -8.87 6.20
N GLU A 21 -6.68 -9.52 7.35
CA GLU A 21 -5.37 -9.79 7.93
C GLU A 21 -4.67 -10.93 7.20
N GLY A 22 -3.40 -10.71 6.85
CA GLY A 22 -2.64 -11.73 6.15
C GLY A 22 -2.74 -11.58 4.64
N ALA A 23 -3.75 -10.88 4.18
CA ALA A 23 -3.95 -10.66 2.75
C ALA A 23 -2.92 -9.70 2.19
N THR A 24 -3.02 -9.41 0.89
CA THR A 24 -2.08 -8.51 0.23
C THR A 24 -2.78 -7.23 -0.22
N ALA A 25 -2.56 -6.15 0.52
CA ALA A 25 -3.16 -4.86 0.20
C ALA A 25 -2.58 -4.29 -1.09
N THR A 26 -3.40 -3.54 -1.82
CA THR A 26 -2.97 -2.93 -3.07
C THR A 26 -3.56 -1.55 -3.25
N LEU A 27 -2.72 -0.52 -3.10
CA LEU A 27 -3.17 0.86 -3.23
C LEU A 27 -3.08 1.32 -4.69
N GLN A 28 -3.44 2.56 -4.94
CA GLN A 28 -3.40 3.12 -6.28
C GLN A 28 -3.52 4.64 -6.25
N CYS A 29 -2.89 5.30 -7.21
CA CYS A 29 -2.91 6.76 -7.29
C CYS A 29 -2.40 7.24 -8.64
N GLU A 30 -3.12 8.19 -9.24
CA GLU A 30 -2.73 8.74 -10.54
C GLU A 30 -2.04 10.08 -10.37
N LEU A 31 -1.11 10.38 -11.29
CA LEU A 31 -0.38 11.64 -11.25
C LEU A 31 -0.57 12.42 -12.54
N SER A 32 -0.21 13.70 -12.52
CA SER A 32 -0.34 14.55 -13.69
C SER A 32 0.37 13.94 -14.89
N LYS A 33 1.45 13.22 -14.63
CA LYS A 33 2.21 12.57 -15.70
C LYS A 33 3.26 11.63 -15.11
N ALA A 34 3.52 10.54 -15.82
CA ALA A 34 4.51 9.56 -15.38
C ALA A 34 5.70 10.24 -14.71
N ALA A 35 5.73 10.19 -13.38
CA ALA A 35 6.82 10.81 -12.62
C ALA A 35 7.26 9.92 -11.48
N PRO A 36 8.55 9.99 -11.13
CA PRO A 36 9.13 9.19 -10.03
C PRO A 36 8.64 9.65 -8.67
N VAL A 37 8.33 8.68 -7.80
CA VAL A 37 7.84 8.98 -6.46
C VAL A 37 8.52 8.10 -5.42
N GLU A 38 8.20 8.33 -4.15
CA GLU A 38 8.78 7.55 -3.07
C GLU A 38 7.75 7.32 -1.95
N TRP A 39 7.53 6.06 -1.61
CA TRP A 39 6.57 5.71 -0.57
C TRP A 39 7.23 5.74 0.80
N ARG A 40 6.43 5.98 1.84
CA ARG A 40 6.94 6.05 3.20
C ARG A 40 5.96 5.38 4.17
N LYS A 41 6.50 4.75 5.20
CA LYS A 41 5.70 4.07 6.20
C LYS A 41 6.24 4.31 7.61
N GLY A 42 5.47 5.02 8.42
CA GLY A 42 5.89 5.31 9.78
C GLY A 42 7.22 6.04 9.83
N LEU A 43 7.27 7.21 9.19
CA LEU A 43 8.49 8.01 9.16
C LEU A 43 9.68 7.18 8.67
N GLU A 44 9.40 6.18 7.84
CA GLU A 44 10.44 5.32 7.30
C GLU A 44 10.53 5.46 5.79
N ALA A 45 11.71 5.20 5.24
CA ALA A 45 11.93 5.30 3.80
C ALA A 45 11.85 3.92 3.14
N LEU A 46 10.69 3.62 2.57
CA LEU A 46 10.49 2.34 1.90
C LEU A 46 11.34 2.23 0.64
N ARG A 47 11.74 1.01 0.30
CA ARG A 47 12.57 0.78 -0.87
C ARG A 47 12.10 -0.46 -1.63
N ASP A 48 11.90 -0.32 -2.93
CA ASP A 48 11.45 -1.44 -3.76
C ASP A 48 12.34 -2.65 -3.57
N GLY A 49 11.73 -3.80 -3.33
CA GLY A 49 12.49 -5.02 -3.13
C GLY A 49 11.61 -6.26 -3.11
N ASP A 50 11.69 -7.01 -2.01
CA ASP A 50 10.88 -8.23 -1.87
C ASP A 50 9.69 -7.98 -0.94
N LYS A 51 9.97 -7.42 0.23
CA LYS A 51 8.93 -7.13 1.21
C LYS A 51 7.83 -6.28 0.60
N TYR A 52 8.22 -5.21 -0.08
CA TYR A 52 7.27 -4.30 -0.71
C TYR A 52 7.45 -4.29 -2.23
N SER A 53 6.35 -4.37 -2.96
CA SER A 53 6.39 -4.38 -4.42
C SER A 53 5.94 -3.02 -4.98
N LEU A 54 6.90 -2.22 -5.40
CA LEU A 54 6.60 -0.90 -5.96
C LEU A 54 6.70 -0.91 -7.48
N ARG A 55 5.69 -0.37 -8.13
CA ARG A 55 5.66 -0.32 -9.59
C ARG A 55 4.69 0.76 -10.07
N GLN A 56 5.12 1.55 -11.05
CA GLN A 56 4.29 2.61 -11.61
C GLN A 56 4.45 2.69 -13.12
N ASP A 57 3.49 3.35 -13.78
CA ASP A 57 3.52 3.49 -15.22
C ASP A 57 2.41 4.41 -15.70
N GLY A 58 2.71 5.23 -16.71
CA GLY A 58 1.72 6.16 -17.24
C GLY A 58 1.10 7.01 -16.16
N ALA A 59 1.90 7.41 -15.17
CA ALA A 59 1.43 8.24 -14.08
C ALA A 59 0.48 7.46 -13.17
N VAL A 60 0.66 6.15 -13.13
CA VAL A 60 -0.17 5.28 -12.30
C VAL A 60 0.68 4.44 -11.36
N CYS A 61 0.66 4.77 -10.08
CA CYS A 61 1.43 4.05 -9.08
C CYS A 61 0.55 3.04 -8.34
N GLU A 62 1.14 1.90 -7.99
CA GLU A 62 0.41 0.85 -7.28
C GLU A 62 1.32 0.13 -6.29
N LEU A 63 1.05 0.33 -5.00
CA LEU A 63 1.83 -0.29 -3.95
C LEU A 63 1.20 -1.61 -3.50
N GLN A 64 2.03 -2.62 -3.29
CA GLN A 64 1.55 -3.93 -2.86
C GLN A 64 2.31 -4.40 -1.62
N ILE A 65 1.57 -4.90 -0.63
CA ILE A 65 2.17 -5.39 0.60
C ILE A 65 1.91 -6.87 0.79
N HIS A 66 2.98 -7.67 0.75
CA HIS A 66 2.86 -9.12 0.90
C HIS A 66 2.87 -9.50 2.38
N GLY A 67 1.74 -10.00 2.87
CA GLY A 67 1.65 -10.39 4.27
C GLY A 67 1.11 -9.29 5.15
N LEU A 68 -0.21 -9.30 5.36
CA LEU A 68 -0.85 -8.28 6.19
C LEU A 68 -0.99 -8.77 7.64
N ALA A 69 -0.91 -7.84 8.58
CA ALA A 69 -1.03 -8.17 9.99
C ALA A 69 -1.54 -6.97 10.79
N MET A 70 -1.63 -7.14 12.11
CA MET A 70 -2.10 -6.08 12.99
C MET A 70 -1.09 -4.93 13.03
N ALA A 71 0.19 -5.25 12.81
CA ALA A 71 1.25 -4.25 12.81
C ALA A 71 1.19 -3.38 11.57
N ASP A 72 0.84 -4.00 10.44
CA ASP A 72 0.74 -3.28 9.17
C ASP A 72 -0.14 -2.04 9.32
N ASN A 73 -1.28 -2.21 9.98
CA ASN A 73 -2.21 -1.10 10.18
C ASN A 73 -1.47 0.19 10.49
N GLY A 74 -1.86 1.27 9.82
CA GLY A 74 -1.22 2.55 10.04
C GLY A 74 -1.63 3.59 9.01
N VAL A 75 -0.70 4.47 8.66
CA VAL A 75 -0.96 5.52 7.69
C VAL A 75 0.15 5.60 6.65
N TYR A 76 -0.09 5.01 5.49
CA TYR A 76 0.90 5.01 4.41
C TYR A 76 0.94 6.37 3.72
N SER A 77 2.14 6.78 3.29
CA SER A 77 2.32 8.06 2.62
C SER A 77 3.10 7.88 1.33
N CYS A 78 2.81 8.73 0.34
CA CYS A 78 3.49 8.67 -0.95
C CYS A 78 3.94 10.07 -1.39
N VAL A 79 5.24 10.33 -1.27
CA VAL A 79 5.79 11.62 -1.66
C VAL A 79 6.21 11.63 -3.13
N CYS A 80 5.90 12.71 -3.82
CA CYS A 80 6.24 12.84 -5.23
C CYS A 80 7.09 14.08 -5.47
N GLY A 81 8.04 14.32 -4.58
CA GLY A 81 8.91 15.48 -4.71
C GLY A 81 8.48 16.63 -3.82
N GLN A 82 7.39 17.28 -4.21
CA GLN A 82 6.88 18.42 -3.44
C GLN A 82 5.60 18.04 -2.70
N GLU A 83 4.62 17.53 -3.44
CA GLU A 83 3.35 17.13 -2.85
C GLU A 83 3.39 15.68 -2.39
N ARG A 84 2.30 15.22 -1.78
CA ARG A 84 2.22 13.86 -1.28
C ARG A 84 0.81 13.54 -0.80
N THR A 85 0.46 12.25 -0.77
CA THR A 85 -0.85 11.82 -0.33
C THR A 85 -0.75 10.64 0.62
N SER A 86 -1.50 10.70 1.71
CA SER A 86 -1.48 9.63 2.70
C SER A 86 -2.84 8.93 2.77
N ALA A 87 -2.85 7.70 3.25
CA ALA A 87 -4.08 6.92 3.38
C ALA A 87 -4.01 5.98 4.57
N THR A 88 -5.18 5.46 4.97
CA THR A 88 -5.25 4.54 6.09
C THR A 88 -5.60 3.13 5.63
N LEU A 89 -4.86 2.15 6.14
CA LEU A 89 -5.09 0.75 5.79
C LEU A 89 -5.75 -0.01 6.93
N THR A 90 -6.99 -0.43 6.72
CA THR A 90 -7.73 -1.18 7.73
C THR A 90 -7.48 -2.68 7.61
N VAL A 91 -6.82 -3.24 8.61
CA VAL A 91 -6.53 -4.67 8.62
C VAL A 91 -7.38 -5.40 9.64
N ARG A 92 -8.36 -6.16 9.16
CA ARG A 92 -9.25 -6.92 10.03
C ARG A 92 -8.62 -8.24 10.43
N ALA A 93 -8.81 -8.63 11.69
CA ALA A 93 -8.27 -9.88 12.20
C ALA A 93 -9.19 -11.05 11.90
N LEU A 94 -8.63 -12.15 11.43
CA LEU A 94 -9.41 -13.34 11.12
C LEU A 94 -9.85 -14.06 12.38
N PRO A 95 -11.05 -14.68 12.32
CA PRO A 95 -11.61 -15.41 13.46
C PRO A 95 -10.85 -16.69 13.76
N ALA A 96 -11.14 -17.30 14.91
CA ALA A 96 -10.48 -18.54 15.31
C ALA A 96 -11.37 -19.74 15.02
N ARG A 97 -10.75 -20.92 14.90
CA ARG A 97 -11.48 -22.14 14.63
C ARG A 97 -10.97 -23.29 15.50
N PHE A 98 -11.90 -24.11 15.97
CA PHE A 98 -11.54 -25.25 16.82
C PHE A 98 -12.48 -26.43 16.58
N ILE A 99 -11.91 -27.57 16.21
CA ILE A 99 -12.69 -28.77 15.95
C ILE A 99 -13.75 -28.98 17.02
N GLU A 100 -15.02 -28.84 16.63
CA GLU A 100 -16.12 -29.03 17.56
C GLU A 100 -16.42 -30.49 17.79
N ASP A 101 -16.99 -30.82 18.94
CA ASP A 101 -17.33 -32.19 19.28
C ASP A 101 -18.82 -32.45 19.11
N SER A 102 -19.39 -31.91 18.04
CA SER A 102 -20.82 -32.07 17.76
C SER A 102 -21.05 -32.48 16.31
N GLY A 103 -22.29 -32.82 15.98
CA GLY A 103 -22.62 -33.23 14.63
C GLY A 103 -24.11 -33.34 14.40
N PRO A 104 -24.75 -32.20 14.11
CA PRO A 104 -26.20 -32.15 13.88
C PRO A 104 -26.59 -32.83 12.56
N SER A 105 -25.59 -33.23 11.78
CA SER A 105 -25.83 -33.89 10.51
C SER A 105 -26.29 -35.33 10.71
N SER A 106 -27.60 -35.54 10.74
CA SER A 106 -28.16 -36.86 10.92
C SER A 106 -29.64 -36.89 10.52
N GLY A 107 -29.95 -37.73 9.53
CA GLY A 107 -31.32 -37.84 9.06
C GLY A 107 -31.54 -39.06 8.19
#